data_2I9W
# 
_entry.id   2I9W 
# 
_audit_conform.dict_name       mmcif_pdbx.dic 
_audit_conform.dict_version    5.398 
_audit_conform.dict_location   http://mmcif.pdb.org/dictionaries/ascii/mmcif_pdbx.dic 
# 
loop_
_database_2.database_id 
_database_2.database_code 
_database_2.pdbx_database_accession 
_database_2.pdbx_DOI 
PDB   2I9W         pdb_00002i9w 10.2210/pdb2i9w/pdb 
RCSB  RCSB039320   ?            ?                   
WWPDB D_1000039320 ?            ?                   
# 
loop_
_pdbx_audit_revision_history.ordinal 
_pdbx_audit_revision_history.data_content_type 
_pdbx_audit_revision_history.major_revision 
_pdbx_audit_revision_history.minor_revision 
_pdbx_audit_revision_history.revision_date 
1 'Structure model' 1 0 2006-09-19 
2 'Structure model' 1 1 2008-05-01 
3 'Structure model' 1 2 2011-07-13 
4 'Structure model' 1 3 2017-10-18 
5 'Structure model' 1 4 2017-10-25 
6 'Structure model' 1 5 2023-01-25 
7 'Structure model' 1 6 2024-10-30 
# 
_pdbx_audit_revision_details.ordinal             1 
_pdbx_audit_revision_details.revision_ordinal    1 
_pdbx_audit_revision_details.data_content_type   'Structure model' 
_pdbx_audit_revision_details.provider            repository 
_pdbx_audit_revision_details.type                'Initial release' 
_pdbx_audit_revision_details.description         ? 
_pdbx_audit_revision_details.details             ? 
# 
loop_
_pdbx_audit_revision_group.ordinal 
_pdbx_audit_revision_group.revision_ordinal 
_pdbx_audit_revision_group.data_content_type 
_pdbx_audit_revision_group.group 
1 2 'Structure model' 'Version format compliance'  
2 3 'Structure model' Advisory                     
3 3 'Structure model' 'Version format compliance'  
4 4 'Structure model' 'Refinement description'     
5 5 'Structure model' 'Author supporting evidence' 
6 6 'Structure model' 'Database references'        
7 6 'Structure model' 'Derived calculations'       
8 7 'Structure model' 'Data collection'            
9 7 'Structure model' 'Structure summary'          
# 
loop_
_pdbx_audit_revision_category.ordinal 
_pdbx_audit_revision_category.revision_ordinal 
_pdbx_audit_revision_category.data_content_type 
_pdbx_audit_revision_category.category 
1  4 'Structure model' software                           
2  5 'Structure model' pdbx_struct_assembly_auth_evidence 
3  6 'Structure model' database_2                         
4  6 'Structure model' pdbx_struct_conn_angle             
5  6 'Structure model' struct_conn                        
6  6 'Structure model' struct_ref_seq_dif                 
7  6 'Structure model' struct_site                        
8  7 'Structure model' chem_comp_atom                     
9  7 'Structure model' chem_comp_bond                     
10 7 'Structure model' pdbx_entry_details                 
11 7 'Structure model' pdbx_modification_feature          
# 
loop_
_pdbx_audit_revision_item.ordinal 
_pdbx_audit_revision_item.revision_ordinal 
_pdbx_audit_revision_item.data_content_type 
_pdbx_audit_revision_item.item 
1  4 'Structure model' '_software.classification'                   
2  4 'Structure model' '_software.name'                             
3  6 'Structure model' '_database_2.pdbx_DOI'                       
4  6 'Structure model' '_database_2.pdbx_database_accession'        
5  6 'Structure model' '_pdbx_struct_conn_angle.ptnr1_auth_seq_id'  
6  6 'Structure model' '_pdbx_struct_conn_angle.ptnr1_label_seq_id' 
7  6 'Structure model' '_pdbx_struct_conn_angle.ptnr3_auth_seq_id'  
8  6 'Structure model' '_pdbx_struct_conn_angle.ptnr3_label_seq_id' 
9  6 'Structure model' '_pdbx_struct_conn_angle.value'              
10 6 'Structure model' '_struct_conn.pdbx_dist_value'               
11 6 'Structure model' '_struct_conn.pdbx_leaving_atom_flag'        
12 6 'Structure model' '_struct_conn.ptnr1_auth_comp_id'            
13 6 'Structure model' '_struct_conn.ptnr1_auth_seq_id'             
14 6 'Structure model' '_struct_conn.ptnr1_label_asym_id'           
15 6 'Structure model' '_struct_conn.ptnr1_label_atom_id'           
16 6 'Structure model' '_struct_conn.ptnr1_label_comp_id'           
17 6 'Structure model' '_struct_conn.ptnr1_label_seq_id'            
18 6 'Structure model' '_struct_conn.ptnr2_auth_comp_id'            
19 6 'Structure model' '_struct_conn.ptnr2_auth_seq_id'             
20 6 'Structure model' '_struct_conn.ptnr2_label_asym_id'           
21 6 'Structure model' '_struct_conn.ptnr2_label_atom_id'           
22 6 'Structure model' '_struct_conn.ptnr2_label_comp_id'           
23 6 'Structure model' '_struct_conn.ptnr2_label_seq_id'            
24 6 'Structure model' '_struct_ref_seq_dif.details'                
25 6 'Structure model' '_struct_site.pdbx_auth_asym_id'             
26 6 'Structure model' '_struct_site.pdbx_auth_comp_id'             
27 6 'Structure model' '_struct_site.pdbx_auth_seq_id'              
# 
_pdbx_database_status.SG_entry                        Y 
_pdbx_database_status.entry_id                        2I9W 
_pdbx_database_status.deposit_site                    RCSB 
_pdbx_database_status.process_site                    RCSB 
_pdbx_database_status.recvd_initial_deposition_date   2006-09-06 
_pdbx_database_status.status_code                     REL 
_pdbx_database_status.status_code_sf                  REL 
_pdbx_database_status.status_code_mr                  ? 
_pdbx_database_status.status_code_cs                  ? 
_pdbx_database_status.pdb_format_compatible           Y 
_pdbx_database_status.methods_development_category    ? 
_pdbx_database_status.status_code_nmr_data            ? 
# 
_pdbx_database_related.db_name        TargetDB 
_pdbx_database_related.db_id          368209 
_pdbx_database_related.details        . 
_pdbx_database_related.content_type   unspecified 
# 
_audit_author.name           'Joint Center for Structural Genomics (JCSG)' 
_audit_author.pdbx_ordinal   1 
# 
_citation.id                        primary 
_citation.title                     
'Crystal structure of hypothetical protein (YP_265345.1) from Psychrobacter Arcticum 273-4 at 1.75 A resolution' 
_citation.journal_abbrev            'To be published' 
_citation.journal_volume            ? 
_citation.page_first                ? 
_citation.page_last                 ? 
_citation.year                      ? 
_citation.journal_id_ASTM           ? 
_citation.country                   ? 
_citation.journal_id_ISSN           ? 
_citation.journal_id_CSD            0353 
_citation.book_publisher            ? 
_citation.pdbx_database_id_PubMed   ? 
_citation.pdbx_database_id_DOI      ? 
# 
_citation_author.citation_id        primary 
_citation_author.name               'Joint Center for Structural Genomics (JCSG)' 
_citation_author.ordinal            1 
_citation_author.identifier_ORCID   ? 
# 
loop_
_entity.id 
_entity.type 
_entity.src_method 
_entity.pdbx_description 
_entity.formula_weight 
_entity.pdbx_number_of_molecules 
_entity.pdbx_ec 
_entity.pdbx_mutation 
_entity.pdbx_fragment 
_entity.details 
1 polymer     man 'Hypothetical protein' 21009.363 1   ? ? ? ? 
2 non-polymer syn 'ZINC ION'             65.409    2   ? ? ? ? 
3 non-polymer syn 'CHLORIDE ION'         35.453    1   ? ? ? ? 
4 water       nat water                  18.015    127 ? ? ? ? 
# 
_entity_poly.entity_id                      1 
_entity_poly.type                           'polypeptide(L)' 
_entity_poly.nstd_linkage                   no 
_entity_poly.nstd_monomer                   yes 
_entity_poly.pdbx_seq_one_letter_code       
;G(MSE)LFSIQTCPCQINPALNAVSTPLLYQDCCQPYHDGLYNQEVEDSDAIRADTAEHL(MSE)RTRYSAFVLVKPEYI
VKTTLPAQQDLLDIKAIENWAKETDWAGLEVVAHTPKLSKRHAQVEFKAYFKTPDGLQAHHELSTFVKIKNKANSDASWY
FLDPTVS(MSE)SVTQKQPCICGSGEKFKRCCG(MSE)YI
;
_entity_poly.pdbx_seq_one_letter_code_can   
;GMLFSIQTCPCQINPALNAVSTPLLYQDCCQPYHDGLYNQEVEDSDAIRADTAEHLMRTRYSAFVLVKPEYIVKTTLPAQ
QDLLDIKAIENWAKETDWAGLEVVAHTPKLSKRHAQVEFKAYFKTPDGLQAHHELSTFVKIKNKANSDASWYFLDPTVSM
SVTQKQPCICGSGEKFKRCCGMYI
;
_entity_poly.pdbx_strand_id                 A 
_entity_poly.pdbx_target_identifier         368209 
# 
loop_
_pdbx_entity_nonpoly.entity_id 
_pdbx_entity_nonpoly.name 
_pdbx_entity_nonpoly.comp_id 
2 'ZINC ION'     ZN  
3 'CHLORIDE ION' CL  
4 water          HOH 
# 
loop_
_entity_poly_seq.entity_id 
_entity_poly_seq.num 
_entity_poly_seq.mon_id 
_entity_poly_seq.hetero 
1 1   GLY n 
1 2   MSE n 
1 3   LEU n 
1 4   PHE n 
1 5   SER n 
1 6   ILE n 
1 7   GLN n 
1 8   THR n 
1 9   CYS n 
1 10  PRO n 
1 11  CYS n 
1 12  GLN n 
1 13  ILE n 
1 14  ASN n 
1 15  PRO n 
1 16  ALA n 
1 17  LEU n 
1 18  ASN n 
1 19  ALA n 
1 20  VAL n 
1 21  SER n 
1 22  THR n 
1 23  PRO n 
1 24  LEU n 
1 25  LEU n 
1 26  TYR n 
1 27  GLN n 
1 28  ASP n 
1 29  CYS n 
1 30  CYS n 
1 31  GLN n 
1 32  PRO n 
1 33  TYR n 
1 34  HIS n 
1 35  ASP n 
1 36  GLY n 
1 37  LEU n 
1 38  TYR n 
1 39  ASN n 
1 40  GLN n 
1 41  GLU n 
1 42  VAL n 
1 43  GLU n 
1 44  ASP n 
1 45  SER n 
1 46  ASP n 
1 47  ALA n 
1 48  ILE n 
1 49  ARG n 
1 50  ALA n 
1 51  ASP n 
1 52  THR n 
1 53  ALA n 
1 54  GLU n 
1 55  HIS n 
1 56  LEU n 
1 57  MSE n 
1 58  ARG n 
1 59  THR n 
1 60  ARG n 
1 61  TYR n 
1 62  SER n 
1 63  ALA n 
1 64  PHE n 
1 65  VAL n 
1 66  LEU n 
1 67  VAL n 
1 68  LYS n 
1 69  PRO n 
1 70  GLU n 
1 71  TYR n 
1 72  ILE n 
1 73  VAL n 
1 74  LYS n 
1 75  THR n 
1 76  THR n 
1 77  LEU n 
1 78  PRO n 
1 79  ALA n 
1 80  GLN n 
1 81  GLN n 
1 82  ASP n 
1 83  LEU n 
1 84  LEU n 
1 85  ASP n 
1 86  ILE n 
1 87  LYS n 
1 88  ALA n 
1 89  ILE n 
1 90  GLU n 
1 91  ASN n 
1 92  TRP n 
1 93  ALA n 
1 94  LYS n 
1 95  GLU n 
1 96  THR n 
1 97  ASP n 
1 98  TRP n 
1 99  ALA n 
1 100 GLY n 
1 101 LEU n 
1 102 GLU n 
1 103 VAL n 
1 104 VAL n 
1 105 ALA n 
1 106 HIS n 
1 107 THR n 
1 108 PRO n 
1 109 LYS n 
1 110 LEU n 
1 111 SER n 
1 112 LYS n 
1 113 ARG n 
1 114 HIS n 
1 115 ALA n 
1 116 GLN n 
1 117 VAL n 
1 118 GLU n 
1 119 PHE n 
1 120 LYS n 
1 121 ALA n 
1 122 TYR n 
1 123 PHE n 
1 124 LYS n 
1 125 THR n 
1 126 PRO n 
1 127 ASP n 
1 128 GLY n 
1 129 LEU n 
1 130 GLN n 
1 131 ALA n 
1 132 HIS n 
1 133 HIS n 
1 134 GLU n 
1 135 LEU n 
1 136 SER n 
1 137 THR n 
1 138 PHE n 
1 139 VAL n 
1 140 LYS n 
1 141 ILE n 
1 142 LYS n 
1 143 ASN n 
1 144 LYS n 
1 145 ALA n 
1 146 ASN n 
1 147 SER n 
1 148 ASP n 
1 149 ALA n 
1 150 SER n 
1 151 TRP n 
1 152 TYR n 
1 153 PHE n 
1 154 LEU n 
1 155 ASP n 
1 156 PRO n 
1 157 THR n 
1 158 VAL n 
1 159 SER n 
1 160 MSE n 
1 161 SER n 
1 162 VAL n 
1 163 THR n 
1 164 GLN n 
1 165 LYS n 
1 166 GLN n 
1 167 PRO n 
1 168 CYS n 
1 169 ILE n 
1 170 CYS n 
1 171 GLY n 
1 172 SER n 
1 173 GLY n 
1 174 GLU n 
1 175 LYS n 
1 176 PHE n 
1 177 LYS n 
1 178 ARG n 
1 179 CYS n 
1 180 CYS n 
1 181 GLY n 
1 182 MSE n 
1 183 TYR n 
1 184 ILE n 
# 
_entity_src_gen.entity_id                          1 
_entity_src_gen.pdbx_src_id                        1 
_entity_src_gen.pdbx_alt_source_flag               sample 
_entity_src_gen.pdbx_seq_type                      ? 
_entity_src_gen.pdbx_beg_seq_num                   ? 
_entity_src_gen.pdbx_end_seq_num                   ? 
_entity_src_gen.gene_src_common_name               ? 
_entity_src_gen.gene_src_genus                     Psychrobacter 
_entity_src_gen.pdbx_gene_src_gene                 YP_265345.1 
_entity_src_gen.gene_src_species                   ? 
_entity_src_gen.gene_src_strain                    ? 
_entity_src_gen.gene_src_tissue                    ? 
_entity_src_gen.gene_src_tissue_fraction           ? 
_entity_src_gen.gene_src_details                   ? 
_entity_src_gen.pdbx_gene_src_fragment             ? 
_entity_src_gen.pdbx_gene_src_scientific_name      'Psychrobacter arcticus' 
_entity_src_gen.pdbx_gene_src_ncbi_taxonomy_id     334543 
_entity_src_gen.pdbx_gene_src_variant              ? 
_entity_src_gen.pdbx_gene_src_cell_line            ? 
_entity_src_gen.pdbx_gene_src_atcc                 ? 
_entity_src_gen.pdbx_gene_src_organ                ? 
_entity_src_gen.pdbx_gene_src_organelle            ? 
_entity_src_gen.pdbx_gene_src_cell                 ? 
_entity_src_gen.pdbx_gene_src_cellular_location    ? 
_entity_src_gen.host_org_common_name               ? 
_entity_src_gen.pdbx_host_org_scientific_name      'Escherichia coli' 
_entity_src_gen.pdbx_host_org_ncbi_taxonomy_id     562 
_entity_src_gen.host_org_genus                     Escherichia 
_entity_src_gen.pdbx_host_org_gene                 ? 
_entity_src_gen.pdbx_host_org_organ                ? 
_entity_src_gen.host_org_species                   ? 
_entity_src_gen.pdbx_host_org_tissue               ? 
_entity_src_gen.pdbx_host_org_tissue_fraction      ? 
_entity_src_gen.pdbx_host_org_strain               ? 
_entity_src_gen.pdbx_host_org_variant              ? 
_entity_src_gen.pdbx_host_org_cell_line            ? 
_entity_src_gen.pdbx_host_org_atcc                 ? 
_entity_src_gen.pdbx_host_org_culture_collection   ? 
_entity_src_gen.pdbx_host_org_cell                 ? 
_entity_src_gen.pdbx_host_org_organelle            ? 
_entity_src_gen.pdbx_host_org_cellular_location    ? 
_entity_src_gen.pdbx_host_org_vector_type          Plasmid 
_entity_src_gen.pdbx_host_org_vector               ? 
_entity_src_gen.host_org_details                   ? 
_entity_src_gen.expression_system_id               ? 
_entity_src_gen.plasmid_name                       ? 
_entity_src_gen.plasmid_details                    ? 
_entity_src_gen.pdbx_description                   ? 
# 
loop_
_chem_comp.id 
_chem_comp.type 
_chem_comp.mon_nstd_flag 
_chem_comp.name 
_chem_comp.pdbx_synonyms 
_chem_comp.formula 
_chem_comp.formula_weight 
ALA 'L-peptide linking' y ALANINE          ? 'C3 H7 N O2'     89.093  
ARG 'L-peptide linking' y ARGININE         ? 'C6 H15 N4 O2 1' 175.209 
ASN 'L-peptide linking' y ASPARAGINE       ? 'C4 H8 N2 O3'    132.118 
ASP 'L-peptide linking' y 'ASPARTIC ACID'  ? 'C4 H7 N O4'     133.103 
CL  non-polymer         . 'CHLORIDE ION'   ? 'Cl -1'          35.453  
CYS 'L-peptide linking' y CYSTEINE         ? 'C3 H7 N O2 S'   121.158 
GLN 'L-peptide linking' y GLUTAMINE        ? 'C5 H10 N2 O3'   146.144 
GLU 'L-peptide linking' y 'GLUTAMIC ACID'  ? 'C5 H9 N O4'     147.129 
GLY 'peptide linking'   y GLYCINE          ? 'C2 H5 N O2'     75.067  
HIS 'L-peptide linking' y HISTIDINE        ? 'C6 H10 N3 O2 1' 156.162 
HOH non-polymer         . WATER            ? 'H2 O'           18.015  
ILE 'L-peptide linking' y ISOLEUCINE       ? 'C6 H13 N O2'    131.173 
LEU 'L-peptide linking' y LEUCINE          ? 'C6 H13 N O2'    131.173 
LYS 'L-peptide linking' y LYSINE           ? 'C6 H15 N2 O2 1' 147.195 
MET 'L-peptide linking' y METHIONINE       ? 'C5 H11 N O2 S'  149.211 
MSE 'L-peptide linking' n SELENOMETHIONINE ? 'C5 H11 N O2 Se' 196.106 
PHE 'L-peptide linking' y PHENYLALANINE    ? 'C9 H11 N O2'    165.189 
PRO 'L-peptide linking' y PROLINE          ? 'C5 H9 N O2'     115.130 
SER 'L-peptide linking' y SERINE           ? 'C3 H7 N O3'     105.093 
THR 'L-peptide linking' y THREONINE        ? 'C4 H9 N O3'     119.119 
TRP 'L-peptide linking' y TRYPTOPHAN       ? 'C11 H12 N2 O2'  204.225 
TYR 'L-peptide linking' y TYROSINE         ? 'C9 H11 N O3'    181.189 
VAL 'L-peptide linking' y VALINE           ? 'C5 H11 N O2'    117.146 
ZN  non-polymer         . 'ZINC ION'       ? 'Zn 2'           65.409  
# 
loop_
_pdbx_poly_seq_scheme.asym_id 
_pdbx_poly_seq_scheme.entity_id 
_pdbx_poly_seq_scheme.seq_id 
_pdbx_poly_seq_scheme.mon_id 
_pdbx_poly_seq_scheme.ndb_seq_num 
_pdbx_poly_seq_scheme.pdb_seq_num 
_pdbx_poly_seq_scheme.auth_seq_num 
_pdbx_poly_seq_scheme.pdb_mon_id 
_pdbx_poly_seq_scheme.auth_mon_id 
_pdbx_poly_seq_scheme.pdb_strand_id 
_pdbx_poly_seq_scheme.pdb_ins_code 
_pdbx_poly_seq_scheme.hetero 
A 1 1   GLY 1   0   ?   ?   ?   A . n 
A 1 2   MSE 2   1   1   MSE MSE A . n 
A 1 3   LEU 3   2   2   LEU LEU A . n 
A 1 4   PHE 4   3   3   PHE PHE A . n 
A 1 5   SER 5   4   4   SER SER A . n 
A 1 6   ILE 6   5   5   ILE ILE A . n 
A 1 7   GLN 7   6   6   GLN GLN A . n 
A 1 8   THR 8   7   7   THR THR A . n 
A 1 9   CYS 9   8   8   CYS CYS A . n 
A 1 10  PRO 10  9   9   PRO PRO A . n 
A 1 11  CYS 11  10  10  CYS CYS A . n 
A 1 12  GLN 12  11  11  GLN GLN A . n 
A 1 13  ILE 13  12  12  ILE ILE A . n 
A 1 14  ASN 14  13  13  ASN ASN A . n 
A 1 15  PRO 15  14  14  PRO PRO A . n 
A 1 16  ALA 16  15  15  ALA ALA A . n 
A 1 17  LEU 17  16  16  LEU LEU A . n 
A 1 18  ASN 18  17  17  ASN ASN A . n 
A 1 19  ALA 19  18  18  ALA ALA A . n 
A 1 20  VAL 20  19  19  VAL VAL A . n 
A 1 21  SER 21  20  20  SER SER A . n 
A 1 22  THR 22  21  21  THR THR A . n 
A 1 23  PRO 23  22  22  PRO PRO A . n 
A 1 24  LEU 24  23  23  LEU LEU A . n 
A 1 25  LEU 25  24  24  LEU LEU A . n 
A 1 26  TYR 26  25  25  TYR TYR A . n 
A 1 27  GLN 27  26  26  GLN GLN A . n 
A 1 28  ASP 28  27  27  ASP ASP A . n 
A 1 29  CYS 29  28  28  CYS CYS A . n 
A 1 30  CYS 30  29  29  CYS CYS A . n 
A 1 31  GLN 31  30  30  GLN GLN A . n 
A 1 32  PRO 32  31  31  PRO PRO A . n 
A 1 33  TYR 33  32  32  TYR TYR A . n 
A 1 34  HIS 34  33  33  HIS HIS A . n 
A 1 35  ASP 35  34  34  ASP ASP A . n 
A 1 36  GLY 36  35  35  GLY GLY A . n 
A 1 37  LEU 37  36  36  LEU LEU A . n 
A 1 38  TYR 38  37  37  TYR TYR A . n 
A 1 39  ASN 39  38  38  ASN ASN A . n 
A 1 40  GLN 40  39  39  GLN GLN A . n 
A 1 41  GLU 41  40  ?   ?   ?   A . n 
A 1 42  VAL 42  41  ?   ?   ?   A . n 
A 1 43  GLU 43  42  ?   ?   ?   A . n 
A 1 44  ASP 44  43  ?   ?   ?   A . n 
A 1 45  SER 45  44  ?   ?   ?   A . n 
A 1 46  ASP 46  45  ?   ?   ?   A . n 
A 1 47  ALA 47  46  46  ALA ALA A . n 
A 1 48  ILE 48  47  47  ILE ILE A . n 
A 1 49  ARG 49  48  48  ARG ARG A . n 
A 1 50  ALA 50  49  49  ALA ALA A . n 
A 1 51  ASP 51  50  50  ASP ASP A . n 
A 1 52  THR 52  51  51  THR THR A . n 
A 1 53  ALA 53  52  52  ALA ALA A . n 
A 1 54  GLU 54  53  53  GLU GLU A . n 
A 1 55  HIS 55  54  54  HIS HIS A . n 
A 1 56  LEU 56  55  55  LEU LEU A . n 
A 1 57  MSE 57  56  56  MSE MSE A . n 
A 1 58  ARG 58  57  57  ARG ARG A . n 
A 1 59  THR 59  58  58  THR THR A . n 
A 1 60  ARG 60  59  59  ARG ARG A . n 
A 1 61  TYR 61  60  60  TYR TYR A . n 
A 1 62  SER 62  61  61  SER SER A . n 
A 1 63  ALA 63  62  62  ALA ALA A . n 
A 1 64  PHE 64  63  63  PHE PHE A . n 
A 1 65  VAL 65  64  64  VAL VAL A . n 
A 1 66  LEU 66  65  65  LEU LEU A . n 
A 1 67  VAL 67  66  66  VAL VAL A . n 
A 1 68  LYS 68  67  67  LYS LYS A . n 
A 1 69  PRO 69  68  68  PRO PRO A . n 
A 1 70  GLU 70  69  69  GLU GLU A . n 
A 1 71  TYR 71  70  70  TYR TYR A . n 
A 1 72  ILE 72  71  71  ILE ILE A . n 
A 1 73  VAL 73  72  72  VAL VAL A . n 
A 1 74  LYS 74  73  73  LYS LYS A . n 
A 1 75  THR 75  74  74  THR THR A . n 
A 1 76  THR 76  75  75  THR THR A . n 
A 1 77  LEU 77  76  76  LEU LEU A . n 
A 1 78  PRO 78  77  77  PRO PRO A . n 
A 1 79  ALA 79  78  78  ALA ALA A . n 
A 1 80  GLN 80  79  79  GLN GLN A . n 
A 1 81  GLN 81  80  80  GLN GLN A . n 
A 1 82  ASP 82  81  81  ASP ASP A . n 
A 1 83  LEU 83  82  82  LEU LEU A . n 
A 1 84  LEU 84  83  83  LEU LEU A . n 
A 1 85  ASP 85  84  84  ASP ASP A . n 
A 1 86  ILE 86  85  85  ILE ILE A . n 
A 1 87  LYS 87  86  86  LYS LYS A . n 
A 1 88  ALA 88  87  87  ALA ALA A . n 
A 1 89  ILE 89  88  88  ILE ILE A . n 
A 1 90  GLU 90  89  89  GLU GLU A . n 
A 1 91  ASN 91  90  90  ASN ASN A . n 
A 1 92  TRP 92  91  91  TRP TRP A . n 
A 1 93  ALA 93  92  92  ALA ALA A . n 
A 1 94  LYS 94  93  93  LYS LYS A . n 
A 1 95  GLU 95  94  94  GLU GLU A . n 
A 1 96  THR 96  95  95  THR THR A . n 
A 1 97  ASP 97  96  96  ASP ASP A . n 
A 1 98  TRP 98  97  97  TRP TRP A . n 
A 1 99  ALA 99  98  98  ALA ALA A . n 
A 1 100 GLY 100 99  99  GLY GLY A . n 
A 1 101 LEU 101 100 100 LEU LEU A . n 
A 1 102 GLU 102 101 101 GLU GLU A . n 
A 1 103 VAL 103 102 102 VAL VAL A . n 
A 1 104 VAL 104 103 103 VAL VAL A . n 
A 1 105 ALA 105 104 104 ALA ALA A . n 
A 1 106 HIS 106 105 105 HIS HIS A . n 
A 1 107 THR 107 106 106 THR THR A . n 
A 1 108 PRO 108 107 107 PRO PRO A . n 
A 1 109 LYS 109 108 108 LYS LYS A . n 
A 1 110 LEU 110 109 109 LEU LEU A . n 
A 1 111 SER 111 110 110 SER SER A . n 
A 1 112 LYS 112 111 111 LYS LYS A . n 
A 1 113 ARG 113 112 112 ARG ARG A . n 
A 1 114 HIS 114 113 113 HIS HIS A . n 
A 1 115 ALA 115 114 114 ALA ALA A . n 
A 1 116 GLN 116 115 115 GLN GLN A . n 
A 1 117 VAL 117 116 116 VAL VAL A . n 
A 1 118 GLU 118 117 117 GLU GLU A . n 
A 1 119 PHE 119 118 118 PHE PHE A . n 
A 1 120 LYS 120 119 119 LYS LYS A . n 
A 1 121 ALA 121 120 120 ALA ALA A . n 
A 1 122 TYR 122 121 121 TYR TYR A . n 
A 1 123 PHE 123 122 122 PHE PHE A . n 
A 1 124 LYS 124 123 123 LYS LYS A . n 
A 1 125 THR 125 124 124 THR THR A . n 
A 1 126 PRO 126 125 125 PRO PRO A . n 
A 1 127 ASP 127 126 126 ASP ASP A . n 
A 1 128 GLY 128 127 127 GLY GLY A . n 
A 1 129 LEU 129 128 128 LEU LEU A . n 
A 1 130 GLN 130 129 129 GLN GLN A . n 
A 1 131 ALA 131 130 130 ALA ALA A . n 
A 1 132 HIS 132 131 131 HIS HIS A . n 
A 1 133 HIS 133 132 132 HIS HIS A . n 
A 1 134 GLU 134 133 133 GLU GLU A . n 
A 1 135 LEU 135 134 134 LEU LEU A . n 
A 1 136 SER 136 135 135 SER SER A . n 
A 1 137 THR 137 136 136 THR THR A . n 
A 1 138 PHE 138 137 137 PHE PHE A . n 
A 1 139 VAL 139 138 138 VAL VAL A . n 
A 1 140 LYS 140 139 139 LYS LYS A . n 
A 1 141 ILE 141 140 140 ILE ILE A . n 
A 1 142 LYS 142 141 141 LYS LYS A . n 
A 1 143 ASN 143 142 142 ASN ASN A . n 
A 1 144 LYS 144 143 143 LYS LYS A . n 
A 1 145 ALA 145 144 144 ALA ALA A . n 
A 1 146 ASN 146 145 145 ASN ASN A . n 
A 1 147 SER 147 146 146 SER SER A . n 
A 1 148 ASP 148 147 147 ASP ASP A . n 
A 1 149 ALA 149 148 148 ALA ALA A . n 
A 1 150 SER 150 149 149 SER SER A . n 
A 1 151 TRP 151 150 150 TRP TRP A . n 
A 1 152 TYR 152 151 151 TYR TYR A . n 
A 1 153 PHE 153 152 152 PHE PHE A . n 
A 1 154 LEU 154 153 153 LEU LEU A . n 
A 1 155 ASP 155 154 154 ASP ASP A . n 
A 1 156 PRO 156 155 155 PRO PRO A . n 
A 1 157 THR 157 156 156 THR THR A . n 
A 1 158 VAL 158 157 157 VAL VAL A . n 
A 1 159 SER 159 158 158 SER SER A . n 
A 1 160 MSE 160 159 159 MSE MSE A . n 
A 1 161 SER 161 160 160 SER SER A . n 
A 1 162 VAL 162 161 161 VAL VAL A . n 
A 1 163 THR 163 162 162 THR THR A . n 
A 1 164 GLN 164 163 163 GLN GLN A . n 
A 1 165 LYS 165 164 164 LYS LYS A . n 
A 1 166 GLN 166 165 165 GLN GLN A . n 
A 1 167 PRO 167 166 166 PRO PRO A . n 
A 1 168 CYS 168 167 167 CYS CYS A . n 
A 1 169 ILE 169 168 168 ILE ILE A . n 
A 1 170 CYS 170 169 169 CYS CYS A . n 
A 1 171 GLY 171 170 170 GLY GLY A . n 
A 1 172 SER 172 171 171 SER SER A . n 
A 1 173 GLY 173 172 172 GLY GLY A . n 
A 1 174 GLU 174 173 173 GLU GLU A . n 
A 1 175 LYS 175 174 174 LYS LYS A . n 
A 1 176 PHE 176 175 175 PHE PHE A . n 
A 1 177 LYS 177 176 176 LYS LYS A . n 
A 1 178 ARG 178 177 177 ARG ARG A . n 
A 1 179 CYS 179 178 178 CYS CYS A . n 
A 1 180 CYS 180 179 179 CYS CYS A . n 
A 1 181 GLY 181 180 180 GLY GLY A . n 
A 1 182 MSE 182 181 181 MSE MSE A . n 
A 1 183 TYR 183 182 182 TYR TYR A . n 
A 1 184 ILE 184 183 183 ILE ILE A . n 
# 
loop_
_pdbx_nonpoly_scheme.asym_id 
_pdbx_nonpoly_scheme.entity_id 
_pdbx_nonpoly_scheme.mon_id 
_pdbx_nonpoly_scheme.ndb_seq_num 
_pdbx_nonpoly_scheme.pdb_seq_num 
_pdbx_nonpoly_scheme.auth_seq_num 
_pdbx_nonpoly_scheme.pdb_mon_id 
_pdbx_nonpoly_scheme.auth_mon_id 
_pdbx_nonpoly_scheme.pdb_strand_id 
_pdbx_nonpoly_scheme.pdb_ins_code 
B 2 ZN  1   200 200 ZN  ZN  A . 
C 2 ZN  1   201 201 ZN  ZN  A . 
D 3 CL  1   202 1   CL  CL  A . 
E 4 HOH 1   203 2   HOH HOH A . 
E 4 HOH 2   204 3   HOH HOH A . 
E 4 HOH 3   205 4   HOH HOH A . 
E 4 HOH 4   206 5   HOH HOH A . 
E 4 HOH 5   207 6   HOH HOH A . 
E 4 HOH 6   208 7   HOH HOH A . 
E 4 HOH 7   209 8   HOH HOH A . 
E 4 HOH 8   210 9   HOH HOH A . 
E 4 HOH 9   211 10  HOH HOH A . 
E 4 HOH 10  212 11  HOH HOH A . 
E 4 HOH 11  213 12  HOH HOH A . 
E 4 HOH 12  214 13  HOH HOH A . 
E 4 HOH 13  215 14  HOH HOH A . 
E 4 HOH 14  216 15  HOH HOH A . 
E 4 HOH 15  217 16  HOH HOH A . 
E 4 HOH 16  218 17  HOH HOH A . 
E 4 HOH 17  219 18  HOH HOH A . 
E 4 HOH 18  220 19  HOH HOH A . 
E 4 HOH 19  221 20  HOH HOH A . 
E 4 HOH 20  222 21  HOH HOH A . 
E 4 HOH 21  223 22  HOH HOH A . 
E 4 HOH 22  224 23  HOH HOH A . 
E 4 HOH 23  225 24  HOH HOH A . 
E 4 HOH 24  226 25  HOH HOH A . 
E 4 HOH 25  227 26  HOH HOH A . 
E 4 HOH 26  228 27  HOH HOH A . 
E 4 HOH 27  229 28  HOH HOH A . 
E 4 HOH 28  230 29  HOH HOH A . 
E 4 HOH 29  231 30  HOH HOH A . 
E 4 HOH 30  232 31  HOH HOH A . 
E 4 HOH 31  233 32  HOH HOH A . 
E 4 HOH 32  234 33  HOH HOH A . 
E 4 HOH 33  235 34  HOH HOH A . 
E 4 HOH 34  236 35  HOH HOH A . 
E 4 HOH 35  237 36  HOH HOH A . 
E 4 HOH 36  238 37  HOH HOH A . 
E 4 HOH 37  239 38  HOH HOH A . 
E 4 HOH 38  240 39  HOH HOH A . 
E 4 HOH 39  241 40  HOH HOH A . 
E 4 HOH 40  242 41  HOH HOH A . 
E 4 HOH 41  243 42  HOH HOH A . 
E 4 HOH 42  244 43  HOH HOH A . 
E 4 HOH 43  245 44  HOH HOH A . 
E 4 HOH 44  246 45  HOH HOH A . 
E 4 HOH 45  247 46  HOH HOH A . 
E 4 HOH 46  248 47  HOH HOH A . 
E 4 HOH 47  249 48  HOH HOH A . 
E 4 HOH 48  250 49  HOH HOH A . 
E 4 HOH 49  251 50  HOH HOH A . 
E 4 HOH 50  252 51  HOH HOH A . 
E 4 HOH 51  253 52  HOH HOH A . 
E 4 HOH 52  254 53  HOH HOH A . 
E 4 HOH 53  255 54  HOH HOH A . 
E 4 HOH 54  256 55  HOH HOH A . 
E 4 HOH 55  257 56  HOH HOH A . 
E 4 HOH 56  258 57  HOH HOH A . 
E 4 HOH 57  259 58  HOH HOH A . 
E 4 HOH 58  260 59  HOH HOH A . 
E 4 HOH 59  261 60  HOH HOH A . 
E 4 HOH 60  262 61  HOH HOH A . 
E 4 HOH 61  263 62  HOH HOH A . 
E 4 HOH 62  264 63  HOH HOH A . 
E 4 HOH 63  265 64  HOH HOH A . 
E 4 HOH 64  266 65  HOH HOH A . 
E 4 HOH 65  267 66  HOH HOH A . 
E 4 HOH 66  268 67  HOH HOH A . 
E 4 HOH 67  269 68  HOH HOH A . 
E 4 HOH 68  270 69  HOH HOH A . 
E 4 HOH 69  271 70  HOH HOH A . 
E 4 HOH 70  272 71  HOH HOH A . 
E 4 HOH 71  273 72  HOH HOH A . 
E 4 HOH 72  274 73  HOH HOH A . 
E 4 HOH 73  275 74  HOH HOH A . 
E 4 HOH 74  276 75  HOH HOH A . 
E 4 HOH 75  277 76  HOH HOH A . 
E 4 HOH 76  278 77  HOH HOH A . 
E 4 HOH 77  279 78  HOH HOH A . 
E 4 HOH 78  280 79  HOH HOH A . 
E 4 HOH 79  281 80  HOH HOH A . 
E 4 HOH 80  282 81  HOH HOH A . 
E 4 HOH 81  283 82  HOH HOH A . 
E 4 HOH 82  284 83  HOH HOH A . 
E 4 HOH 83  285 84  HOH HOH A . 
E 4 HOH 84  286 85  HOH HOH A . 
E 4 HOH 85  287 86  HOH HOH A . 
E 4 HOH 86  288 87  HOH HOH A . 
E 4 HOH 87  289 88  HOH HOH A . 
E 4 HOH 88  290 89  HOH HOH A . 
E 4 HOH 89  291 90  HOH HOH A . 
E 4 HOH 90  292 91  HOH HOH A . 
E 4 HOH 91  293 92  HOH HOH A . 
E 4 HOH 92  294 93  HOH HOH A . 
E 4 HOH 93  295 94  HOH HOH A . 
E 4 HOH 94  296 95  HOH HOH A . 
E 4 HOH 95  297 96  HOH HOH A . 
E 4 HOH 96  298 97  HOH HOH A . 
E 4 HOH 97  299 98  HOH HOH A . 
E 4 HOH 98  300 99  HOH HOH A . 
E 4 HOH 99  301 100 HOH HOH A . 
E 4 HOH 100 302 101 HOH HOH A . 
E 4 HOH 101 303 102 HOH HOH A . 
E 4 HOH 102 304 103 HOH HOH A . 
E 4 HOH 103 305 104 HOH HOH A . 
E 4 HOH 104 306 105 HOH HOH A . 
E 4 HOH 105 307 106 HOH HOH A . 
E 4 HOH 106 308 107 HOH HOH A . 
E 4 HOH 107 309 108 HOH HOH A . 
E 4 HOH 108 310 109 HOH HOH A . 
E 4 HOH 109 311 110 HOH HOH A . 
E 4 HOH 110 312 111 HOH HOH A . 
E 4 HOH 111 313 112 HOH HOH A . 
E 4 HOH 112 314 113 HOH HOH A . 
E 4 HOH 113 315 114 HOH HOH A . 
E 4 HOH 114 316 115 HOH HOH A . 
E 4 HOH 115 317 116 HOH HOH A . 
E 4 HOH 116 318 117 HOH HOH A . 
E 4 HOH 117 319 118 HOH HOH A . 
E 4 HOH 118 320 119 HOH HOH A . 
E 4 HOH 119 321 120 HOH HOH A . 
E 4 HOH 120 322 121 HOH HOH A . 
E 4 HOH 121 323 122 HOH HOH A . 
E 4 HOH 122 324 123 HOH HOH A . 
E 4 HOH 123 325 124 HOH HOH A . 
E 4 HOH 124 326 125 HOH HOH A . 
E 4 HOH 125 327 126 HOH HOH A . 
E 4 HOH 126 328 127 HOH HOH A . 
E 4 HOH 127 329 128 HOH HOH A . 
# 
loop_
_pdbx_unobs_or_zero_occ_atoms.id 
_pdbx_unobs_or_zero_occ_atoms.PDB_model_num 
_pdbx_unobs_or_zero_occ_atoms.polymer_flag 
_pdbx_unobs_or_zero_occ_atoms.occupancy_flag 
_pdbx_unobs_or_zero_occ_atoms.auth_asym_id 
_pdbx_unobs_or_zero_occ_atoms.auth_comp_id 
_pdbx_unobs_or_zero_occ_atoms.auth_seq_id 
_pdbx_unobs_or_zero_occ_atoms.PDB_ins_code 
_pdbx_unobs_or_zero_occ_atoms.auth_atom_id 
_pdbx_unobs_or_zero_occ_atoms.label_alt_id 
_pdbx_unobs_or_zero_occ_atoms.label_asym_id 
_pdbx_unobs_or_zero_occ_atoms.label_comp_id 
_pdbx_unobs_or_zero_occ_atoms.label_seq_id 
_pdbx_unobs_or_zero_occ_atoms.label_atom_id 
1  1 Y 1 A GLN 39  ? CD  ? A GLN 40  CD  
2  1 Y 1 A GLN 39  ? OE1 ? A GLN 40  OE1 
3  1 Y 1 A GLN 39  ? NE2 ? A GLN 40  NE2 
4  1 Y 1 A ARG 48  ? NE  ? A ARG 49  NE  
5  1 Y 1 A ARG 48  ? CZ  ? A ARG 49  CZ  
6  1 Y 1 A ARG 48  ? NH1 ? A ARG 49  NH1 
7  1 Y 1 A ARG 48  ? NH2 ? A ARG 49  NH2 
8  1 Y 1 A ASP 50  ? OD1 ? A ASP 51  OD1 
9  1 Y 1 A ASP 50  ? OD2 ? A ASP 51  OD2 
10 1 Y 1 A LYS 73  ? CE  ? A LYS 74  CE  
11 1 Y 1 A LYS 73  ? NZ  ? A LYS 74  NZ  
12 1 Y 1 A LYS 86  ? NZ  ? A LYS 87  NZ  
13 1 Y 1 A LYS 93  ? CE  ? A LYS 94  CE  
14 1 Y 1 A LYS 93  ? NZ  ? A LYS 94  NZ  
15 1 Y 1 A LYS 108 ? CE  ? A LYS 109 CE  
16 1 Y 1 A LYS 108 ? NZ  ? A LYS 109 NZ  
17 1 Y 1 A LYS 111 ? CD  ? A LYS 112 CD  
18 1 Y 1 A LYS 111 ? CE  ? A LYS 112 CE  
19 1 Y 1 A LYS 111 ? NZ  ? A LYS 112 NZ  
20 1 Y 1 A LYS 123 ? CD  ? A LYS 124 CD  
21 1 Y 1 A LYS 123 ? CE  ? A LYS 124 CE  
22 1 Y 1 A LYS 123 ? NZ  ? A LYS 124 NZ  
23 1 Y 1 A LYS 139 ? NZ  ? A LYS 140 NZ  
24 1 Y 1 A LYS 141 ? CD  ? A LYS 142 CD  
25 1 Y 1 A LYS 141 ? CE  ? A LYS 142 CE  
26 1 Y 1 A LYS 141 ? NZ  ? A LYS 142 NZ  
27 1 Y 1 A ASN 142 ? CG  ? A ASN 143 CG  
28 1 Y 1 A ASN 142 ? OD1 ? A ASN 143 OD1 
29 1 Y 1 A ASN 142 ? ND2 ? A ASN 143 ND2 
30 1 Y 1 A LYS 143 ? CG  ? A LYS 144 CG  
31 1 Y 1 A LYS 143 ? CD  ? A LYS 144 CD  
32 1 Y 1 A LYS 143 ? CE  ? A LYS 144 CE  
33 1 Y 1 A LYS 143 ? NZ  ? A LYS 144 NZ  
34 1 Y 1 A ASN 145 ? CG  ? A ASN 146 CG  
35 1 Y 1 A ASN 145 ? OD1 ? A ASN 146 OD1 
36 1 Y 1 A ASN 145 ? ND2 ? A ASN 146 ND2 
37 1 Y 1 A ASP 147 ? OD1 ? A ASP 148 OD1 
38 1 Y 1 A ASP 147 ? OD2 ? A ASP 148 OD2 
# 
loop_
_software.name 
_software.version 
_software.date 
_software.type 
_software.contact_author 
_software.contact_author_email 
_software.classification 
_software.location 
_software.language 
_software.citation_id 
_software.pdbx_ordinal 
MolProbity  3beta29  ?                package 'D.C. & J.S. Richardson lab' molprobity@kinemage.biochem.duke.edu 'model building'  
http://kinemage.biochem.duke.edu/molprobity/                       ?          ? 1 
SHELX       .        ?                package 'George Sheldrick'           gsheldr@shelx.uni-ac.gwdg.de         phasing           
http://shelx.uni-ac.gwdg.de/SHELX/                                 Fortran_77 ? 2 
REFMAC      5.2.0019 ?                program 'Murshudov, G.N.'            ccp4@dl.ac.uk                        refinement        
http://www.ccp4.ac.uk/main.html                                    Fortran_77 ? 3 
XSCALE      .        ?                package 'Wolfgang Kabsch'            ?                                    'data scaling'    
http://www.mpimf-heidelberg.mpg.de/~kabsch/xds/xscale_program.html ?          ? 4 
PDB_EXTRACT 2.000    'April. 3, 2006' package PDB                          sw-help@rcsb.rutgers.edu             'data extraction' 
http://pdb.rutgers.edu/software/                                   C++        ? 5 
XDS         .        ?                ?       ?                            ?                                    'data reduction'  
?                                                                  ?          ? 6 
SHELXD      .        ?                ?       ?                            ?                                    phasing           
?                                                                  ?          ? 7 
SHARP       .        ?                ?       ?                            ?                                    phasing           
?                                                                  ?          ? 8 
# 
_cell.entry_id           2I9W 
_cell.length_a           41.490 
_cell.length_b           54.690 
_cell.length_c           83.880 
_cell.angle_alpha        90.000 
_cell.angle_beta         90.000 
_cell.angle_gamma        90.000 
_cell.pdbx_unique_axis   ? 
_cell.Z_PDB              4 
_cell.length_a_esd       ? 
_cell.length_b_esd       ? 
_cell.length_c_esd       ? 
_cell.angle_alpha_esd    ? 
_cell.angle_beta_esd     ? 
_cell.angle_gamma_esd    ? 
# 
_symmetry.entry_id                         2I9W 
_symmetry.Int_Tables_number                19 
_symmetry.space_group_name_H-M             'P 21 21 21' 
_symmetry.pdbx_full_space_group_name_H-M   ? 
_symmetry.cell_setting                     ? 
_symmetry.space_group_name_Hall            ? 
# 
_exptl.crystals_number   1 
_exptl.method            'X-RAY DIFFRACTION' 
_exptl.entry_id          2I9W 
# 
_exptl_crystal.id                    1 
_exptl_crystal.density_percent_sol   44.52 
_exptl_crystal.density_Matthews      2.23 
_exptl_crystal.description           ? 
_exptl_crystal.density_meas          ? 
_exptl_crystal.F_000                 ? 
_exptl_crystal.preparation           ? 
# 
_exptl_crystal_grow.crystal_id      1 
_exptl_crystal_grow.method          'VAPOR DIFFUSION, SITTING DROP, NANODROP' 
_exptl_crystal_grow.pH              8.5 
_exptl_crystal_grow.temp            277 
_exptl_crystal_grow.pdbx_details    
'0.2M MgCl2, 20.0% PEG-8000, 0.1M TRIS, pH 8.5, VAPOR DIFFUSION, SITTING DROP, NANODROP, temperature 277K' 
_exptl_crystal_grow.temp_details    ? 
_exptl_crystal_grow.pdbx_pH_range   . 
# 
_diffrn.id                     1 
_diffrn.ambient_temp           100 
_diffrn.ambient_temp_details   ? 
_diffrn.crystal_id             1 
# 
_diffrn_detector.diffrn_id              1 
_diffrn_detector.detector               CCD 
_diffrn_detector.type                   'MARMOSAIC 300 mm CCD' 
_diffrn_detector.details                'Adjustable focusing mirrors in K-B geometry' 
_diffrn_detector.pdbx_collection_date   2006-08-11 
# 
_diffrn_radiation.diffrn_id                        1 
_diffrn_radiation.pdbx_monochromatic_or_laue_m_l   M 
_diffrn_radiation.monochromator                    'Si(111) Double Crystal Monochrometer' 
_diffrn_radiation.pdbx_diffrn_protocol             MAD 
_diffrn_radiation.wavelength_id                    1 
_diffrn_radiation.pdbx_scattering_type             x-ray 
# 
loop_
_diffrn_radiation_wavelength.id 
_diffrn_radiation_wavelength.wavelength 
_diffrn_radiation_wavelength.wt 
1 0.94926 1.0 
2 0.97939 1.0 
3 0.97925 1.0 
# 
_diffrn_source.diffrn_id                   1 
_diffrn_source.source                      SYNCHROTRON 
_diffrn_source.pdbx_synchrotron_beamline   23-ID-D 
_diffrn_source.type                        'APS BEAMLINE 23-ID-D' 
_diffrn_source.pdbx_wavelength_list        0.94926,0.97939,0.97925 
_diffrn_source.pdbx_wavelength             ? 
_diffrn_source.pdbx_synchrotron_site       APS 
# 
_reflns.entry_id                     2I9W 
_reflns.d_resolution_high            1.750 
_reflns.d_resolution_low             29.501 
_reflns.number_obs                   19754 
_reflns.pdbx_Rmerge_I_obs            0.056 
_reflns.pdbx_netI_over_sigmaI        9.190 
_reflns.percent_possible_obs         93.900 
_reflns.B_iso_Wilson_estimate        27.791 
_reflns.observed_criterion_sigma_F   ? 
_reflns.observed_criterion_sigma_I   ? 
_reflns.number_all                   ? 
_reflns.pdbx_Rsym_value              ? 
_reflns.pdbx_redundancy              ? 
_reflns.R_free_details               ? 
_reflns.limit_h_max                  ? 
_reflns.limit_h_min                  ? 
_reflns.limit_k_max                  ? 
_reflns.limit_k_min                  ? 
_reflns.limit_l_max                  ? 
_reflns.limit_l_min                  ? 
_reflns.observed_criterion_F_max     ? 
_reflns.observed_criterion_F_min     ? 
_reflns.pdbx_chi_squared             ? 
_reflns.pdbx_scaling_rejects         ? 
_reflns.pdbx_ordinal                 1 
_reflns.pdbx_diffrn_id               1 
# 
loop_
_reflns_shell.d_res_high 
_reflns_shell.d_res_low 
_reflns_shell.number_measured_obs 
_reflns_shell.number_measured_all 
_reflns_shell.number_unique_obs 
_reflns_shell.Rmerge_I_obs 
_reflns_shell.meanI_over_sigI_obs 
_reflns_shell.pdbx_Rsym_value 
_reflns_shell.pdbx_chi_squared 
_reflns_shell.pdbx_redundancy 
_reflns_shell.percent_possible_obs 
_reflns_shell.number_unique_all 
_reflns_shell.percent_possible_all 
_reflns_shell.pdbx_ordinal 
_reflns_shell.pdbx_diffrn_id 
1.75 1.81 5713 ? ? 0.361 2.2  ? ? ? ? 3015 83.80 1 1 
1.81 1.89 6838 ? ? 0.303 2.7  ? ? ? ? 3605 88.00 2 1 
1.89 1.97 5933 ? ? 0.229 3.5  ? ? ? ? 3130 90.20 3 1 
1.97 2.07 6339 ? ? 0.172 4.4  ? ? ? ? 3340 93.60 4 1 
2.07 2.20 6776 ? ? 0.121 6.2  ? ? ? ? 3590 95.50 5 1 
2.20 2.37 6831 ? ? 0.097 7.6  ? ? ? ? 3618 96.80 6 1 
2.37 2.61 6949 ? ? 0.07  9.8  ? ? ? ? 3664 97.10 7 1 
2.61 2.99 6896 ? ? 0.059 13.1 ? ? ? ? 3662 97.60 8 1 
2.99 ?    6813 ? ? 0.043 17.6 ? ? ? ? 3650 98.30 9 1 
# 
_refine.entry_id                                 2I9W 
_refine.ls_d_res_high                            1.750 
_refine.ls_d_res_low                             29.501 
_refine.pdbx_ls_sigma_F                          0.00 
_refine.ls_percent_reflns_obs                    99.230 
_refine.ls_number_reflns_obs                     19707 
_refine.pdbx_ls_cross_valid_method               THROUGHOUT 
_refine.pdbx_R_Free_selection_details            RANDOM 
_refine.details                                  
;(1) HYDROGENS HAVE BEEN ADDED IN THE RIDING POSITIONS.
 (2) ZN200 IS COORDINATED TO THE SIDE CHAINS OF
 CYS 8, 10, 28 AND 29. ZN201 IS COORDINATED TO THE
 SIDE CHAINS OF CYS 167, 169, 178 AND 179. ZN IS
 MODELED BASED ON ELECTRON DENSITY AND GEOMETRY,
 AND IS SUPPORTED BY X-RAY FLOURESCENCE EXPERIMENTS.
 (3) A MET-INHIBITION PROTOCOL WAS USED FOR SELENOMETHIONINE
 INCORPORATION DURING PROTEIN EXPRESSION. THE OCCUPANCY
 OF THE SE ATOMS IN THE MSE RESIDUES WAS REDUCED TO 0.75
 TO ACCOUNT FOR THE REDUCED SCATTERING POWER DUE TO PARTIAL
 S-MET INCORPORATION.
 (4) ATOM RECORD CONTAINS RESIDUAL B FACTORS ONLY.
 (5) THE RESIDUES IN THE DISORDERED REGIONS OF A40-45
 WERE NOT MODELLED.
 (6) THERE ARE UNMODELED DENSITIES NEAR A132 AND A56.
;
_refine.ls_R_factor_all                          ? 
_refine.ls_R_factor_R_work                       0.192 
_refine.ls_R_factor_R_free                       0.238 
_refine.ls_percent_reflns_R_free                 5.100 
_refine.ls_number_reflns_R_free                  1007 
_refine.B_iso_mean                               20.135 
_refine.aniso_B[1][1]                            1.600 
_refine.aniso_B[2][2]                            -0.260 
_refine.aniso_B[3][3]                            -1.340 
_refine.aniso_B[1][2]                            0.000 
_refine.aniso_B[1][3]                            0.000 
_refine.aniso_B[2][3]                            0.000 
_refine.correlation_coeff_Fo_to_Fc               0.952 
_refine.correlation_coeff_Fo_to_Fc_free          0.931 
_refine.pdbx_overall_ESU_R                       0.119 
_refine.pdbx_overall_ESU_R_Free                  0.121 
_refine.overall_SU_ML                            0.083 
_refine.overall_SU_B                             4.648 
_refine.solvent_model_details                    MASK 
_refine.pdbx_solvent_vdw_probe_radii             1.200 
_refine.pdbx_solvent_ion_probe_radii             0.800 
_refine.pdbx_solvent_shrinkage_radii             0.800 
_refine.pdbx_method_to_determine_struct          MAD 
_refine.pdbx_stereochemistry_target_values       'MAXIMUM LIKELIHOOD WITH PHASES' 
_refine.pdbx_ls_sigma_I                          ? 
_refine.ls_number_reflns_all                     ? 
_refine.ls_R_factor_obs                          0.19392 
_refine.ls_redundancy_reflns_obs                 ? 
_refine.pdbx_data_cutoff_high_absF               ? 
_refine.pdbx_data_cutoff_low_absF                ? 
_refine.ls_number_parameters                     ? 
_refine.ls_number_restraints                     ? 
_refine.ls_R_factor_R_free_error                 ? 
_refine.ls_R_factor_R_free_error_details         ? 
_refine.pdbx_starting_model                      ? 
_refine.pdbx_stereochem_target_val_spec_case     ? 
_refine.solvent_model_param_bsol                 ? 
_refine.solvent_model_param_ksol                 ? 
_refine.occupancy_max                            ? 
_refine.occupancy_min                            ? 
_refine.pdbx_isotropic_thermal_model             ? 
_refine.B_iso_min                                ? 
_refine.B_iso_max                                ? 
_refine.overall_SU_R_Cruickshank_DPI             ? 
_refine.overall_SU_R_free                        ? 
_refine.pdbx_data_cutoff_high_rms_absF           ? 
_refine.ls_wR_factor_R_free                      ? 
_refine.ls_wR_factor_R_work                      0.194 
_refine.overall_FOM_free_R_set                   ? 
_refine.overall_FOM_work_R_set                   ? 
_refine.pdbx_refine_id                           'X-RAY DIFFRACTION' 
_refine.pdbx_TLS_residual_ADP_flag               'LIKELY RESIDUAL' 
_refine.pdbx_diffrn_id                           1 
_refine.pdbx_overall_phase_error                 ? 
_refine.pdbx_overall_SU_R_free_Cruickshank_DPI   ? 
_refine.pdbx_overall_SU_R_Blow_DPI               ? 
_refine.pdbx_overall_SU_R_free_Blow_DPI          ? 
# 
_refine_hist.pdbx_refine_id                   'X-RAY DIFFRACTION' 
_refine_hist.cycle_id                         LAST 
_refine_hist.pdbx_number_atoms_protein        1370 
_refine_hist.pdbx_number_atoms_nucleic_acid   0 
_refine_hist.pdbx_number_atoms_ligand         3 
_refine_hist.number_atoms_solvent             127 
_refine_hist.number_atoms_total               1500 
_refine_hist.d_res_high                       1.750 
_refine_hist.d_res_low                        29.501 
# 
loop_
_refine_ls_restr.type 
_refine_ls_restr.number 
_refine_ls_restr.dev_ideal 
_refine_ls_restr.dev_ideal_target 
_refine_ls_restr.weight 
_refine_ls_restr.pdbx_refine_id 
_refine_ls_restr.pdbx_restraint_function 
r_bond_refined_d         1429 0.015  0.022  ? 'X-RAY DIFFRACTION' ? 
r_bond_other_d           940  0.001  0.020  ? 'X-RAY DIFFRACTION' ? 
r_angle_refined_deg      1950 1.522  1.943  ? 'X-RAY DIFFRACTION' ? 
r_angle_other_deg        2307 0.903  3.000  ? 'X-RAY DIFFRACTION' ? 
r_dihedral_angle_1_deg   180  5.811  5.000  ? 'X-RAY DIFFRACTION' ? 
r_dihedral_angle_2_deg   59   37.610 24.068 ? 'X-RAY DIFFRACTION' ? 
r_dihedral_angle_3_deg   230  13.377 15.000 ? 'X-RAY DIFFRACTION' ? 
r_dihedral_angle_4_deg   5    7.590  15.000 ? 'X-RAY DIFFRACTION' ? 
r_chiral_restr           220  0.087  0.200  ? 'X-RAY DIFFRACTION' ? 
r_gen_planes_refined     1586 0.006  0.020  ? 'X-RAY DIFFRACTION' ? 
r_gen_planes_other       284  0.001  0.020  ? 'X-RAY DIFFRACTION' ? 
r_nbd_refined            249  0.235  0.200  ? 'X-RAY DIFFRACTION' ? 
r_nbd_other              905  0.189  0.200  ? 'X-RAY DIFFRACTION' ? 
r_nbtor_refined          680  0.181  0.200  ? 'X-RAY DIFFRACTION' ? 
r_nbtor_other            699  0.087  0.200  ? 'X-RAY DIFFRACTION' ? 
r_xyhbond_nbd_refined    79   0.131  0.200  ? 'X-RAY DIFFRACTION' ? 
r_symmetry_vdw_refined   18   0.289  0.200  ? 'X-RAY DIFFRACTION' ? 
r_symmetry_vdw_other     34   0.269  0.200  ? 'X-RAY DIFFRACTION' ? 
r_symmetry_hbond_refined 7    0.125  0.200  ? 'X-RAY DIFFRACTION' ? 
r_mcbond_it              967  2.096  3.000  ? 'X-RAY DIFFRACTION' ? 
r_mcbond_other           352  0.505  3.000  ? 'X-RAY DIFFRACTION' ? 
r_mcangle_it             1454 2.978  5.000  ? 'X-RAY DIFFRACTION' ? 
r_scbond_it              593  4.796  8.000  ? 'X-RAY DIFFRACTION' ? 
r_scangle_it             493  6.423  11.000 ? 'X-RAY DIFFRACTION' ? 
# 
_refine_ls_shell.d_res_high                       1.751 
_refine_ls_shell.d_res_low                        1.797 
_refine_ls_shell.pdbx_total_number_of_bins_used   20 
_refine_ls_shell.percent_reflns_obs               98.880 
_refine_ls_shell.number_reflns_R_work             1350 
_refine_ls_shell.R_factor_all                     ? 
_refine_ls_shell.R_factor_R_work                  0.236 
_refine_ls_shell.R_factor_R_free                  0.287 
_refine_ls_shell.percent_reflns_R_free            ? 
_refine_ls_shell.number_reflns_R_free             68 
_refine_ls_shell.R_factor_R_free_error            ? 
_refine_ls_shell.number_reflns_all                ? 
_refine_ls_shell.number_reflns_obs                1418 
_refine_ls_shell.redundancy_reflns_obs            ? 
_refine_ls_shell.pdbx_refine_id                   'X-RAY DIFFRACTION' 
# 
_struct.entry_id                  2I9W 
_struct.title                     
'Crystal structure of a sec-c motif containing protein (psyc_2064) from psychrobacter arcticus at 1.75 A resolution' 
_struct.pdbx_model_details        ? 
_struct.pdbx_CASP_flag            ? 
_struct.pdbx_model_type_details   ? 
# 
_struct_keywords.text            
;Cystatin-like fold, sec-c motif fold, structural genomics, Joint Center for Structural Genomics, JCSG, Protein Structure Initiative, PSI-2, metal binding protein
;
_struct_keywords.pdbx_keywords   'METAL BINDING PROTEIN' 
_struct_keywords.entry_id        2I9W 
# 
loop_
_struct_asym.id 
_struct_asym.pdbx_blank_PDB_chainid_flag 
_struct_asym.pdbx_modified 
_struct_asym.entity_id 
_struct_asym.details 
A N N 1 ? 
B N N 2 ? 
C N N 2 ? 
D N N 3 ? 
E N N 4 ? 
# 
_struct_ref.id                         1 
_struct_ref.db_name                    UNP 
_struct_ref.db_code                    Q4FPZ7_PSYAR 
_struct_ref.pdbx_db_accession          Q4FPZ7 
_struct_ref.entity_id                  1 
_struct_ref.pdbx_align_begin           1 
_struct_ref.pdbx_db_isoform            ? 
_struct_ref.pdbx_seq_one_letter_code   ? 
# 
_struct_ref_seq.align_id                      1 
_struct_ref_seq.ref_id                        1 
_struct_ref_seq.pdbx_PDB_id_code              2I9W 
_struct_ref_seq.pdbx_strand_id                A 
_struct_ref_seq.seq_align_beg                 2 
_struct_ref_seq.pdbx_seq_align_beg_ins_code   ? 
_struct_ref_seq.seq_align_end                 184 
_struct_ref_seq.pdbx_seq_align_end_ins_code   ? 
_struct_ref_seq.pdbx_db_accession             Q4FPZ7 
_struct_ref_seq.db_align_beg                  1 
_struct_ref_seq.pdbx_db_align_beg_ins_code    ? 
_struct_ref_seq.db_align_end                  183 
_struct_ref_seq.pdbx_db_align_end_ins_code    ? 
_struct_ref_seq.pdbx_auth_seq_align_beg       1 
_struct_ref_seq.pdbx_auth_seq_align_end       183 
# 
loop_
_struct_ref_seq_dif.align_id 
_struct_ref_seq_dif.pdbx_pdb_id_code 
_struct_ref_seq_dif.mon_id 
_struct_ref_seq_dif.pdbx_pdb_strand_id 
_struct_ref_seq_dif.seq_num 
_struct_ref_seq_dif.pdbx_pdb_ins_code 
_struct_ref_seq_dif.pdbx_seq_db_name 
_struct_ref_seq_dif.pdbx_seq_db_accession_code 
_struct_ref_seq_dif.db_mon_id 
_struct_ref_seq_dif.pdbx_seq_db_seq_num 
_struct_ref_seq_dif.details 
_struct_ref_seq_dif.pdbx_auth_seq_num 
_struct_ref_seq_dif.pdbx_ordinal 
1 2I9W GLY A 1   ? UNP Q4FPZ7 ?   ?   'expression tag'   0   1 
1 2I9W MSE A 2   ? UNP Q4FPZ7 MET 1   'modified residue' 1   2 
1 2I9W MSE A 57  ? UNP Q4FPZ7 MET 56  'modified residue' 56  3 
1 2I9W MSE A 160 ? UNP Q4FPZ7 MET 159 'modified residue' 159 4 
1 2I9W MSE A 182 ? UNP Q4FPZ7 MET 181 'modified residue' 181 5 
# 
_pdbx_struct_assembly.id                   1 
_pdbx_struct_assembly.details              author_defined_assembly 
_pdbx_struct_assembly.method_details       ? 
_pdbx_struct_assembly.oligomeric_details   monomeric 
_pdbx_struct_assembly.oligomeric_count     1 
# 
_pdbx_struct_assembly_gen.assembly_id       1 
_pdbx_struct_assembly_gen.oper_expression   1 
_pdbx_struct_assembly_gen.asym_id_list      A,B,C,D,E 
# 
_pdbx_struct_assembly_auth_evidence.id                     1 
_pdbx_struct_assembly_auth_evidence.assembly_id            1 
_pdbx_struct_assembly_auth_evidence.experimental_support   'gel filtration' 
_pdbx_struct_assembly_auth_evidence.details                ? 
# 
_pdbx_struct_oper_list.id                   1 
_pdbx_struct_oper_list.type                 'identity operation' 
_pdbx_struct_oper_list.name                 1_555 
_pdbx_struct_oper_list.symmetry_operation   x,y,z 
_pdbx_struct_oper_list.matrix[1][1]         1.0000000000 
_pdbx_struct_oper_list.matrix[1][2]         0.0000000000 
_pdbx_struct_oper_list.matrix[1][3]         0.0000000000 
_pdbx_struct_oper_list.vector[1]            0.0000000000 
_pdbx_struct_oper_list.matrix[2][1]         0.0000000000 
_pdbx_struct_oper_list.matrix[2][2]         1.0000000000 
_pdbx_struct_oper_list.matrix[2][3]         0.0000000000 
_pdbx_struct_oper_list.vector[2]            0.0000000000 
_pdbx_struct_oper_list.matrix[3][1]         0.0000000000 
_pdbx_struct_oper_list.matrix[3][2]         0.0000000000 
_pdbx_struct_oper_list.matrix[3][3]         1.0000000000 
_pdbx_struct_oper_list.vector[3]            0.0000000000 
# 
_struct_biol.id                    1 
_struct_biol.details               
;SIZE EXCLUSION CHROMATOGRAPHY SUPPORTS THE ASSIGNMENT 
OF A MONOMER AS A BIOLOGICALLY SIGNIFICANT 
OLIGOMERIZATION STATE.
;
_struct_biol.pdbx_parent_biol_id   ? 
# 
loop_
_struct_conf.conf_type_id 
_struct_conf.id 
_struct_conf.pdbx_PDB_helix_id 
_struct_conf.beg_label_comp_id 
_struct_conf.beg_label_asym_id 
_struct_conf.beg_label_seq_id 
_struct_conf.pdbx_beg_PDB_ins_code 
_struct_conf.end_label_comp_id 
_struct_conf.end_label_asym_id 
_struct_conf.end_label_seq_id 
_struct_conf.pdbx_end_PDB_ins_code 
_struct_conf.beg_auth_comp_id 
_struct_conf.beg_auth_asym_id 
_struct_conf.beg_auth_seq_id 
_struct_conf.end_auth_comp_id 
_struct_conf.end_auth_asym_id 
_struct_conf.end_auth_seq_id 
_struct_conf.pdbx_PDB_helix_class 
_struct_conf.details 
_struct_conf.pdbx_PDB_helix_length 
HELX_P HELX_P1 1 MSE A 2   ? GLN A 7   ? MSE A 1   GLN A 6   5 ? 6  
HELX_P HELX_P2 2 CYS A 9   ? ILE A 13  ? CYS A 8   ILE A 12  5 ? 5  
HELX_P HELX_P3 3 LEU A 25  ? CYS A 29  ? LEU A 24  CYS A 28  5 ? 5  
HELX_P HELX_P4 4 CYS A 30  ? GLN A 40  ? CYS A 29  GLN A 39  1 ? 11 
HELX_P HELX_P5 5 THR A 52  ? VAL A 67  ? THR A 51  VAL A 66  1 ? 16 
HELX_P HELX_P6 6 LYS A 68  ? THR A 75  ? LYS A 67  THR A 74  1 ? 8  
HELX_P HELX_P7 7 LEU A 77  ? LEU A 84  ? LEU A 76  LEU A 83  5 ? 8  
HELX_P HELX_P8 8 ASP A 85  ? THR A 96  ? ASP A 84  THR A 95  1 ? 12 
HELX_P HELX_P9 9 LYS A 175 ? TYR A 183 ? LYS A 174 TYR A 182 5 ? 9  
# 
_struct_conf_type.id          HELX_P 
_struct_conf_type.criteria    ? 
_struct_conf_type.reference   ? 
# 
loop_
_struct_conn.id 
_struct_conn.conn_type_id 
_struct_conn.pdbx_leaving_atom_flag 
_struct_conn.pdbx_PDB_id 
_struct_conn.ptnr1_label_asym_id 
_struct_conn.ptnr1_label_comp_id 
_struct_conn.ptnr1_label_seq_id 
_struct_conn.ptnr1_label_atom_id 
_struct_conn.pdbx_ptnr1_label_alt_id 
_struct_conn.pdbx_ptnr1_PDB_ins_code 
_struct_conn.pdbx_ptnr1_standard_comp_id 
_struct_conn.ptnr1_symmetry 
_struct_conn.ptnr2_label_asym_id 
_struct_conn.ptnr2_label_comp_id 
_struct_conn.ptnr2_label_seq_id 
_struct_conn.ptnr2_label_atom_id 
_struct_conn.pdbx_ptnr2_label_alt_id 
_struct_conn.pdbx_ptnr2_PDB_ins_code 
_struct_conn.ptnr1_auth_asym_id 
_struct_conn.ptnr1_auth_comp_id 
_struct_conn.ptnr1_auth_seq_id 
_struct_conn.ptnr2_auth_asym_id 
_struct_conn.ptnr2_auth_comp_id 
_struct_conn.ptnr2_auth_seq_id 
_struct_conn.ptnr2_symmetry 
_struct_conn.pdbx_ptnr3_label_atom_id 
_struct_conn.pdbx_ptnr3_label_seq_id 
_struct_conn.pdbx_ptnr3_label_comp_id 
_struct_conn.pdbx_ptnr3_label_asym_id 
_struct_conn.pdbx_ptnr3_label_alt_id 
_struct_conn.pdbx_ptnr3_PDB_ins_code 
_struct_conn.details 
_struct_conn.pdbx_dist_value 
_struct_conn.pdbx_value_order 
_struct_conn.pdbx_role 
covale1 covale both ? A MSE 2   C  ? ? ? 1_555 A LEU 3   N  ? ? A MSE 1   A LEU 2   1_555 ? ? ? ? ? ? ? 1.335 ? ? 
covale2 covale both ? A LEU 56  C  ? ? ? 1_555 A MSE 57  N  ? ? A LEU 55  A MSE 56  1_555 ? ? ? ? ? ? ? 1.330 ? ? 
covale3 covale both ? A MSE 57  C  ? ? ? 1_555 A ARG 58  N  ? ? A MSE 56  A ARG 57  1_555 ? ? ? ? ? ? ? 1.343 ? ? 
covale4 covale both ? A SER 159 C  ? ? ? 1_555 A MSE 160 N  ? ? A SER 158 A MSE 159 1_555 ? ? ? ? ? ? ? 1.325 ? ? 
covale5 covale both ? A MSE 160 C  ? ? ? 1_555 A SER 161 N  ? ? A MSE 159 A SER 160 1_555 ? ? ? ? ? ? ? 1.318 ? ? 
covale6 covale both ? A GLY 181 C  ? ? ? 1_555 A MSE 182 N  ? ? A GLY 180 A MSE 181 1_555 ? ? ? ? ? ? ? 1.341 ? ? 
covale7 covale both ? A MSE 182 C  ? ? ? 1_555 A TYR 183 N  ? ? A MSE 181 A TYR 182 1_555 ? ? ? ? ? ? ? 1.327 ? ? 
metalc1 metalc ?    ? A CYS 9   SG ? ? ? 1_555 B ZN  .   ZN ? ? A CYS 8   A ZN  200 1_555 ? ? ? ? ? ? ? 2.326 ? ? 
metalc2 metalc ?    ? A CYS 11  SG ? ? ? 1_555 B ZN  .   ZN ? ? A CYS 10  A ZN  200 1_555 ? ? ? ? ? ? ? 2.379 ? ? 
metalc3 metalc ?    ? A CYS 29  SG ? ? ? 1_555 B ZN  .   ZN ? ? A CYS 28  A ZN  200 1_555 ? ? ? ? ? ? ? 2.329 ? ? 
metalc4 metalc ?    ? A CYS 30  SG ? ? ? 1_555 B ZN  .   ZN ? ? A CYS 29  A ZN  200 1_555 ? ? ? ? ? ? ? 2.359 ? ? 
metalc5 metalc ?    ? A CYS 168 SG ? ? ? 1_555 C ZN  .   ZN ? ? A CYS 167 A ZN  201 1_555 ? ? ? ? ? ? ? 2.323 ? ? 
metalc6 metalc ?    ? A CYS 170 SG ? ? ? 1_555 C ZN  .   ZN ? ? A CYS 169 A ZN  201 1_555 ? ? ? ? ? ? ? 2.368 ? ? 
metalc7 metalc ?    ? A CYS 179 SG ? ? ? 1_555 C ZN  .   ZN ? ? A CYS 178 A ZN  201 1_555 ? ? ? ? ? ? ? 2.427 ? ? 
metalc8 metalc ?    ? A CYS 180 SG ? ? ? 1_555 C ZN  .   ZN ? ? A CYS 179 A ZN  201 1_555 ? ? ? ? ? ? ? 2.373 ? ? 
# 
loop_
_struct_conn_type.id 
_struct_conn_type.criteria 
_struct_conn_type.reference 
covale ? ? 
metalc ? ? 
# 
loop_
_pdbx_struct_conn_angle.id 
_pdbx_struct_conn_angle.ptnr1_label_atom_id 
_pdbx_struct_conn_angle.ptnr1_label_alt_id 
_pdbx_struct_conn_angle.ptnr1_label_asym_id 
_pdbx_struct_conn_angle.ptnr1_label_comp_id 
_pdbx_struct_conn_angle.ptnr1_label_seq_id 
_pdbx_struct_conn_angle.ptnr1_auth_atom_id 
_pdbx_struct_conn_angle.ptnr1_auth_asym_id 
_pdbx_struct_conn_angle.ptnr1_auth_comp_id 
_pdbx_struct_conn_angle.ptnr1_auth_seq_id 
_pdbx_struct_conn_angle.ptnr1_PDB_ins_code 
_pdbx_struct_conn_angle.ptnr1_symmetry 
_pdbx_struct_conn_angle.ptnr2_label_atom_id 
_pdbx_struct_conn_angle.ptnr2_label_alt_id 
_pdbx_struct_conn_angle.ptnr2_label_asym_id 
_pdbx_struct_conn_angle.ptnr2_label_comp_id 
_pdbx_struct_conn_angle.ptnr2_label_seq_id 
_pdbx_struct_conn_angle.ptnr2_auth_atom_id 
_pdbx_struct_conn_angle.ptnr2_auth_asym_id 
_pdbx_struct_conn_angle.ptnr2_auth_comp_id 
_pdbx_struct_conn_angle.ptnr2_auth_seq_id 
_pdbx_struct_conn_angle.ptnr2_PDB_ins_code 
_pdbx_struct_conn_angle.ptnr2_symmetry 
_pdbx_struct_conn_angle.ptnr3_label_atom_id 
_pdbx_struct_conn_angle.ptnr3_label_alt_id 
_pdbx_struct_conn_angle.ptnr3_label_asym_id 
_pdbx_struct_conn_angle.ptnr3_label_comp_id 
_pdbx_struct_conn_angle.ptnr3_label_seq_id 
_pdbx_struct_conn_angle.ptnr3_auth_atom_id 
_pdbx_struct_conn_angle.ptnr3_auth_asym_id 
_pdbx_struct_conn_angle.ptnr3_auth_comp_id 
_pdbx_struct_conn_angle.ptnr3_auth_seq_id 
_pdbx_struct_conn_angle.ptnr3_PDB_ins_code 
_pdbx_struct_conn_angle.ptnr3_symmetry 
_pdbx_struct_conn_angle.value 
_pdbx_struct_conn_angle.value_esd 
1  SG ? A CYS 9   ? A CYS 8   ? 1_555 ZN ? B ZN . ? A ZN 200 ? 1_555 SG ? A CYS 11  ? A CYS 10  ? 1_555 122.1 ? 
2  SG ? A CYS 9   ? A CYS 8   ? 1_555 ZN ? B ZN . ? A ZN 200 ? 1_555 SG ? A CYS 29  ? A CYS 28  ? 1_555 110.6 ? 
3  SG ? A CYS 11  ? A CYS 10  ? 1_555 ZN ? B ZN . ? A ZN 200 ? 1_555 SG ? A CYS 29  ? A CYS 28  ? 1_555 98.1  ? 
4  SG ? A CYS 9   ? A CYS 8   ? 1_555 ZN ? B ZN . ? A ZN 200 ? 1_555 SG ? A CYS 30  ? A CYS 29  ? 1_555 99.6  ? 
5  SG ? A CYS 11  ? A CYS 10  ? 1_555 ZN ? B ZN . ? A ZN 200 ? 1_555 SG ? A CYS 30  ? A CYS 29  ? 1_555 107.3 ? 
6  SG ? A CYS 29  ? A CYS 28  ? 1_555 ZN ? B ZN . ? A ZN 200 ? 1_555 SG ? A CYS 30  ? A CYS 29  ? 1_555 120.7 ? 
7  SG ? A CYS 168 ? A CYS 167 ? 1_555 ZN ? C ZN . ? A ZN 201 ? 1_555 SG ? A CYS 170 ? A CYS 169 ? 1_555 111.8 ? 
8  SG ? A CYS 168 ? A CYS 167 ? 1_555 ZN ? C ZN . ? A ZN 201 ? 1_555 SG ? A CYS 179 ? A CYS 178 ? 1_555 105.6 ? 
9  SG ? A CYS 170 ? A CYS 169 ? 1_555 ZN ? C ZN . ? A ZN 201 ? 1_555 SG ? A CYS 179 ? A CYS 178 ? 1_555 104.6 ? 
10 SG ? A CYS 168 ? A CYS 167 ? 1_555 ZN ? C ZN . ? A ZN 201 ? 1_555 SG ? A CYS 180 ? A CYS 179 ? 1_555 104.0 ? 
11 SG ? A CYS 170 ? A CYS 169 ? 1_555 ZN ? C ZN . ? A ZN 201 ? 1_555 SG ? A CYS 180 ? A CYS 179 ? 1_555 109.8 ? 
12 SG ? A CYS 179 ? A CYS 178 ? 1_555 ZN ? C ZN . ? A ZN 201 ? 1_555 SG ? A CYS 180 ? A CYS 179 ? 1_555 121.1 ? 
# 
loop_
_pdbx_modification_feature.ordinal 
_pdbx_modification_feature.label_comp_id 
_pdbx_modification_feature.label_asym_id 
_pdbx_modification_feature.label_seq_id 
_pdbx_modification_feature.label_alt_id 
_pdbx_modification_feature.modified_residue_label_comp_id 
_pdbx_modification_feature.modified_residue_label_asym_id 
_pdbx_modification_feature.modified_residue_label_seq_id 
_pdbx_modification_feature.modified_residue_label_alt_id 
_pdbx_modification_feature.auth_comp_id 
_pdbx_modification_feature.auth_asym_id 
_pdbx_modification_feature.auth_seq_id 
_pdbx_modification_feature.PDB_ins_code 
_pdbx_modification_feature.symmetry 
_pdbx_modification_feature.modified_residue_auth_comp_id 
_pdbx_modification_feature.modified_residue_auth_asym_id 
_pdbx_modification_feature.modified_residue_auth_seq_id 
_pdbx_modification_feature.modified_residue_PDB_ins_code 
_pdbx_modification_feature.modified_residue_symmetry 
_pdbx_modification_feature.comp_id_linking_atom 
_pdbx_modification_feature.modified_residue_id_linking_atom 
_pdbx_modification_feature.modified_residue_id 
_pdbx_modification_feature.ref_pcm_id 
_pdbx_modification_feature.ref_comp_id 
_pdbx_modification_feature.type 
_pdbx_modification_feature.category 
1 MSE A 2   ? . . . . MSE A 1   ? 1_555 . . . . . . . MET 1 MSE Selenomethionine 'Named protein modification' 
2 MSE A 57  ? . . . . MSE A 56  ? 1_555 . . . . . . . MET 1 MSE Selenomethionine 'Named protein modification' 
3 MSE A 160 ? . . . . MSE A 159 ? 1_555 . . . . . . . MET 1 MSE Selenomethionine 'Named protein modification' 
4 MSE A 182 ? . . . . MSE A 181 ? 1_555 . . . . . . . MET 1 MSE Selenomethionine 'Named protein modification' 
# 
_struct_sheet.id               A 
_struct_sheet.type             ? 
_struct_sheet.number_strands   4 
_struct_sheet.details          ? 
# 
loop_
_struct_sheet_order.sheet_id 
_struct_sheet_order.range_id_1 
_struct_sheet_order.range_id_2 
_struct_sheet_order.offset 
_struct_sheet_order.sense 
A 1 2 ? anti-parallel 
A 2 3 ? anti-parallel 
A 3 4 ? anti-parallel 
# 
loop_
_struct_sheet_range.sheet_id 
_struct_sheet_range.id 
_struct_sheet_range.beg_label_comp_id 
_struct_sheet_range.beg_label_asym_id 
_struct_sheet_range.beg_label_seq_id 
_struct_sheet_range.pdbx_beg_PDB_ins_code 
_struct_sheet_range.end_label_comp_id 
_struct_sheet_range.end_label_asym_id 
_struct_sheet_range.end_label_seq_id 
_struct_sheet_range.pdbx_end_PDB_ins_code 
_struct_sheet_range.beg_auth_comp_id 
_struct_sheet_range.beg_auth_asym_id 
_struct_sheet_range.beg_auth_seq_id 
_struct_sheet_range.end_auth_comp_id 
_struct_sheet_range.end_auth_asym_id 
_struct_sheet_range.end_auth_seq_id 
A 1 ASP A 97  ? THR A 107 ? ASP A 96  THR A 106 
A 2 HIS A 114 ? THR A 125 ? HIS A 113 THR A 124 
A 3 GLY A 128 ? LYS A 142 ? GLY A 127 LYS A 141 
A 4 ALA A 149 ? PHE A 153 ? ALA A 148 PHE A 152 
# 
loop_
_pdbx_struct_sheet_hbond.sheet_id 
_pdbx_struct_sheet_hbond.range_id_1 
_pdbx_struct_sheet_hbond.range_id_2 
_pdbx_struct_sheet_hbond.range_1_label_atom_id 
_pdbx_struct_sheet_hbond.range_1_label_comp_id 
_pdbx_struct_sheet_hbond.range_1_label_asym_id 
_pdbx_struct_sheet_hbond.range_1_label_seq_id 
_pdbx_struct_sheet_hbond.range_1_PDB_ins_code 
_pdbx_struct_sheet_hbond.range_1_auth_atom_id 
_pdbx_struct_sheet_hbond.range_1_auth_comp_id 
_pdbx_struct_sheet_hbond.range_1_auth_asym_id 
_pdbx_struct_sheet_hbond.range_1_auth_seq_id 
_pdbx_struct_sheet_hbond.range_2_label_atom_id 
_pdbx_struct_sheet_hbond.range_2_label_comp_id 
_pdbx_struct_sheet_hbond.range_2_label_asym_id 
_pdbx_struct_sheet_hbond.range_2_label_seq_id 
_pdbx_struct_sheet_hbond.range_2_PDB_ins_code 
_pdbx_struct_sheet_hbond.range_2_auth_atom_id 
_pdbx_struct_sheet_hbond.range_2_auth_comp_id 
_pdbx_struct_sheet_hbond.range_2_auth_asym_id 
_pdbx_struct_sheet_hbond.range_2_auth_seq_id 
A 1 2 N THR A 107 ? N THR A 106 O GLN A 116 ? O GLN A 115 
A 2 3 N PHE A 123 ? N PHE A 122 O GLN A 130 ? O GLN A 129 
A 3 4 N VAL A 139 ? N VAL A 138 O TYR A 152 ? O TYR A 151 
# 
loop_
_struct_site.id 
_struct_site.pdbx_evidence_code 
_struct_site.pdbx_auth_asym_id 
_struct_site.pdbx_auth_comp_id 
_struct_site.pdbx_auth_seq_id 
_struct_site.pdbx_auth_ins_code 
_struct_site.pdbx_num_residues 
_struct_site.details 
AC1 Software A ZN 200 ? 4 'BINDING SITE FOR RESIDUE ZN A 200' 
AC2 Software A ZN 201 ? 4 'BINDING SITE FOR RESIDUE ZN A 201' 
AC3 Software A CL 202 ? 2 'BINDING SITE FOR RESIDUE CL A 202' 
# 
loop_
_struct_site_gen.id 
_struct_site_gen.site_id 
_struct_site_gen.pdbx_num_res 
_struct_site_gen.label_comp_id 
_struct_site_gen.label_asym_id 
_struct_site_gen.label_seq_id 
_struct_site_gen.pdbx_auth_ins_code 
_struct_site_gen.auth_comp_id 
_struct_site_gen.auth_asym_id 
_struct_site_gen.auth_seq_id 
_struct_site_gen.label_atom_id 
_struct_site_gen.label_alt_id 
_struct_site_gen.symmetry 
_struct_site_gen.details 
1  AC1 4 CYS A 9   ? CYS A 8   . ? 1_555 ? 
2  AC1 4 CYS A 11  ? CYS A 10  . ? 1_555 ? 
3  AC1 4 CYS A 29  ? CYS A 28  . ? 1_555 ? 
4  AC1 4 CYS A 30  ? CYS A 29  . ? 1_555 ? 
5  AC2 4 CYS A 168 ? CYS A 167 . ? 1_555 ? 
6  AC2 4 CYS A 170 ? CYS A 169 . ? 1_555 ? 
7  AC2 4 CYS A 179 ? CYS A 178 . ? 1_555 ? 
8  AC2 4 CYS A 180 ? CYS A 179 . ? 1_555 ? 
9  AC3 2 SER A 161 ? SER A 160 . ? 1_555 ? 
10 AC3 2 LYS A 175 ? LYS A 174 . ? 4_565 ? 
# 
_pdbx_entry_details.entry_id                   2I9W 
_pdbx_entry_details.compound_details           ? 
_pdbx_entry_details.source_details             ? 
_pdbx_entry_details.nonpolymer_details         ? 
_pdbx_entry_details.sequence_details           ? 
_pdbx_entry_details.has_ligand_of_interest     ? 
_pdbx_entry_details.has_protein_modification   Y 
# 
_pdbx_validate_rmsd_angle.id                         1 
_pdbx_validate_rmsd_angle.PDB_model_num              1 
_pdbx_validate_rmsd_angle.auth_atom_id_1             NE 
_pdbx_validate_rmsd_angle.auth_asym_id_1             A 
_pdbx_validate_rmsd_angle.auth_comp_id_1             ARG 
_pdbx_validate_rmsd_angle.auth_seq_id_1              112 
_pdbx_validate_rmsd_angle.PDB_ins_code_1             ? 
_pdbx_validate_rmsd_angle.label_alt_id_1             ? 
_pdbx_validate_rmsd_angle.auth_atom_id_2             CZ 
_pdbx_validate_rmsd_angle.auth_asym_id_2             A 
_pdbx_validate_rmsd_angle.auth_comp_id_2             ARG 
_pdbx_validate_rmsd_angle.auth_seq_id_2              112 
_pdbx_validate_rmsd_angle.PDB_ins_code_2             ? 
_pdbx_validate_rmsd_angle.label_alt_id_2             ? 
_pdbx_validate_rmsd_angle.auth_atom_id_3             NH1 
_pdbx_validate_rmsd_angle.auth_asym_id_3             A 
_pdbx_validate_rmsd_angle.auth_comp_id_3             ARG 
_pdbx_validate_rmsd_angle.auth_seq_id_3              112 
_pdbx_validate_rmsd_angle.PDB_ins_code_3             ? 
_pdbx_validate_rmsd_angle.label_alt_id_3             ? 
_pdbx_validate_rmsd_angle.angle_value                124.08 
_pdbx_validate_rmsd_angle.angle_target_value         120.30 
_pdbx_validate_rmsd_angle.angle_deviation            3.78 
_pdbx_validate_rmsd_angle.angle_standard_deviation   0.50 
_pdbx_validate_rmsd_angle.linker_flag                N 
# 
loop_
_pdbx_validate_torsion.id 
_pdbx_validate_torsion.PDB_model_num 
_pdbx_validate_torsion.auth_comp_id 
_pdbx_validate_torsion.auth_asym_id 
_pdbx_validate_torsion.auth_seq_id 
_pdbx_validate_torsion.PDB_ins_code 
_pdbx_validate_torsion.label_alt_id 
_pdbx_validate_torsion.phi 
_pdbx_validate_torsion.psi 
1 1 CYS A 28  ? ? -130.85 -94.35  
2 1 VAL A 66  ? ? 64.83   63.65   
3 1 LYS A 67  ? ? -119.75 71.83   
4 1 LEU A 76  ? ? -36.72  122.93  
5 1 LYS A 143 ? ? -97.55  44.90   
6 1 ALA A 144 ? ? -148.57 -31.22  
7 1 CYS A 178 ? ? -141.43 -116.63 
# 
_pdbx_SG_project.project_name          'PSI, Protein Structure Initiative' 
_pdbx_SG_project.full_name_of_center   'Joint Center for Structural Genomics' 
_pdbx_SG_project.id                    1 
_pdbx_SG_project.initial_of_center     JCSG 
# 
loop_
_pdbx_struct_mod_residue.id 
_pdbx_struct_mod_residue.label_asym_id 
_pdbx_struct_mod_residue.label_comp_id 
_pdbx_struct_mod_residue.label_seq_id 
_pdbx_struct_mod_residue.auth_asym_id 
_pdbx_struct_mod_residue.auth_comp_id 
_pdbx_struct_mod_residue.auth_seq_id 
_pdbx_struct_mod_residue.PDB_ins_code 
_pdbx_struct_mod_residue.parent_comp_id 
_pdbx_struct_mod_residue.details 
1 A MSE 2   A MSE 1   ? MET SELENOMETHIONINE 
2 A MSE 57  A MSE 56  ? MET SELENOMETHIONINE 
3 A MSE 160 A MSE 159 ? MET SELENOMETHIONINE 
4 A MSE 182 A MSE 181 ? MET SELENOMETHIONINE 
# 
loop_
_pdbx_refine_tls.id 
_pdbx_refine_tls.details 
_pdbx_refine_tls.method 
_pdbx_refine_tls.origin_x 
_pdbx_refine_tls.origin_y 
_pdbx_refine_tls.origin_z 
_pdbx_refine_tls.T[1][1] 
_pdbx_refine_tls.T[2][2] 
_pdbx_refine_tls.T[3][3] 
_pdbx_refine_tls.T[1][2] 
_pdbx_refine_tls.T[1][3] 
_pdbx_refine_tls.T[2][3] 
_pdbx_refine_tls.L[1][1] 
_pdbx_refine_tls.L[2][2] 
_pdbx_refine_tls.L[3][3] 
_pdbx_refine_tls.L[1][2] 
_pdbx_refine_tls.L[1][3] 
_pdbx_refine_tls.L[2][3] 
_pdbx_refine_tls.S[1][1] 
_pdbx_refine_tls.S[2][2] 
_pdbx_refine_tls.S[3][3] 
_pdbx_refine_tls.S[1][2] 
_pdbx_refine_tls.S[1][3] 
_pdbx_refine_tls.S[2][3] 
_pdbx_refine_tls.S[2][1] 
_pdbx_refine_tls.S[3][1] 
_pdbx_refine_tls.S[3][2] 
_pdbx_refine_tls.pdbx_refine_id 
1 ? refined 12.0581  0.4371  8.1054   -0.0131 -0.0706 -0.0120 0.0450  -0.0467 -0.0049 3.3204 0.9082 2.8385 -0.0896 -0.3895 0.6038 -0.1121 0.1610  -0.0488 -0.0212 0.2128  -0.2095 0.0992  0.1824  0.1438  'X-RAY DIFFRACTION' 
2 ? refined 0.1551   2.1557  0.6123   -0.0648 -0.1109 -0.0380 -0.0073 -0.0219 0.0248  2.2445 1.6545 2.5661 0.2632  0.3330  1.0722 -0.0937 0.0500  0.0437  0.1049  0.1959  -0.0198 -0.0254 -0.0818 -0.1014 'X-RAY DIFFRACTION' 
3 ? refined -5.0255  0.0233  2.2076   -0.0452 -0.1335 -0.0726 -0.0309 -0.0015 0.0365  3.0853 6.6788 9.5627 -0.8535 0.5604  6.9886 -0.0032 -0.0479 0.0512  0.0069  0.1097  -0.0381 -0.2591 -0.2674 -0.3107 'X-RAY DIFFRACTION' 
4 ? refined -11.1904 -4.9547 -10.8389 -0.0826 0.0560  -0.0621 -0.0047 -0.0147 -0.0498 1.5658 1.7148 4.7113 0.8578  1.3039  0.9659 -0.0256 -0.2179 0.2435  0.0965  -0.0337 0.1406  -0.0873 -0.0568 -0.5497 'X-RAY DIFFRACTION' 
# 
loop_
_pdbx_refine_tls_group.id 
_pdbx_refine_tls_group.refine_tls_id 
_pdbx_refine_tls_group.beg_label_asym_id 
_pdbx_refine_tls_group.beg_label_seq_id 
_pdbx_refine_tls_group.end_label_asym_id 
_pdbx_refine_tls_group.end_label_seq_id 
_pdbx_refine_tls_group.selection 
_pdbx_refine_tls_group.beg_auth_asym_id 
_pdbx_refine_tls_group.beg_auth_seq_id 
_pdbx_refine_tls_group.end_auth_asym_id 
_pdbx_refine_tls_group.end_auth_seq_id 
_pdbx_refine_tls_group.pdbx_refine_id 
_pdbx_refine_tls_group.selection_details 
1 1 A 2   A 40  ALL A 1   A 39  'X-RAY DIFFRACTION' ? 
2 2 A 47  A 124 ALL A 46  A 123 'X-RAY DIFFRACTION' ? 
3 3 A 128 A 144 ALL A 127 A 143 'X-RAY DIFFRACTION' ? 
4 4 A 146 A 184 ALL A 145 A 183 'X-RAY DIFFRACTION' ? 
# 
_phasing.method   MAD 
# 
_pdbx_database_remark.id     300 
_pdbx_database_remark.text   
;
BIOMOLECULE: 1
THIS ENTRY CONTAINS THE CRYSTALLOGRAPHIC ASYMMETRIC UNIT
WHICH CONSISTS OF 1 CHAIN(S). SEE REMARK 350 FOR
INFORMATION ON GENERATING THE BIOLOGICAL MOLECULE(S).
SIZE EXCLUSION CHROMATOGRAPHY SUPPORTS THE ASSIGNMENT
OF A MONOMER AS A BIOLOGICALLY SIGNIFICANT
OLIGOMERIZATION STATE.
;
# 
loop_
_pdbx_unobs_or_zero_occ_residues.id 
_pdbx_unobs_or_zero_occ_residues.PDB_model_num 
_pdbx_unobs_or_zero_occ_residues.polymer_flag 
_pdbx_unobs_or_zero_occ_residues.occupancy_flag 
_pdbx_unobs_or_zero_occ_residues.auth_asym_id 
_pdbx_unobs_or_zero_occ_residues.auth_comp_id 
_pdbx_unobs_or_zero_occ_residues.auth_seq_id 
_pdbx_unobs_or_zero_occ_residues.PDB_ins_code 
_pdbx_unobs_or_zero_occ_residues.label_asym_id 
_pdbx_unobs_or_zero_occ_residues.label_comp_id 
_pdbx_unobs_or_zero_occ_residues.label_seq_id 
1 1 Y 1 A GLY 0  ? A GLY 1  
2 1 Y 1 A GLU 40 ? A GLU 41 
3 1 Y 1 A VAL 41 ? A VAL 42 
4 1 Y 1 A GLU 42 ? A GLU 43 
5 1 Y 1 A ASP 43 ? A ASP 44 
6 1 Y 1 A SER 44 ? A SER 45 
7 1 Y 1 A ASP 45 ? A ASP 46 
# 
loop_
_chem_comp_atom.comp_id 
_chem_comp_atom.atom_id 
_chem_comp_atom.type_symbol 
_chem_comp_atom.pdbx_aromatic_flag 
_chem_comp_atom.pdbx_stereo_config 
_chem_comp_atom.pdbx_ordinal 
ALA N    N  N N 1   
ALA CA   C  N S 2   
ALA C    C  N N 3   
ALA O    O  N N 4   
ALA CB   C  N N 5   
ALA OXT  O  N N 6   
ALA H    H  N N 7   
ALA H2   H  N N 8   
ALA HA   H  N N 9   
ALA HB1  H  N N 10  
ALA HB2  H  N N 11  
ALA HB3  H  N N 12  
ALA HXT  H  N N 13  
ARG N    N  N N 14  
ARG CA   C  N S 15  
ARG C    C  N N 16  
ARG O    O  N N 17  
ARG CB   C  N N 18  
ARG CG   C  N N 19  
ARG CD   C  N N 20  
ARG NE   N  N N 21  
ARG CZ   C  N N 22  
ARG NH1  N  N N 23  
ARG NH2  N  N N 24  
ARG OXT  O  N N 25  
ARG H    H  N N 26  
ARG H2   H  N N 27  
ARG HA   H  N N 28  
ARG HB2  H  N N 29  
ARG HB3  H  N N 30  
ARG HG2  H  N N 31  
ARG HG3  H  N N 32  
ARG HD2  H  N N 33  
ARG HD3  H  N N 34  
ARG HE   H  N N 35  
ARG HH11 H  N N 36  
ARG HH12 H  N N 37  
ARG HH21 H  N N 38  
ARG HH22 H  N N 39  
ARG HXT  H  N N 40  
ASN N    N  N N 41  
ASN CA   C  N S 42  
ASN C    C  N N 43  
ASN O    O  N N 44  
ASN CB   C  N N 45  
ASN CG   C  N N 46  
ASN OD1  O  N N 47  
ASN ND2  N  N N 48  
ASN OXT  O  N N 49  
ASN H    H  N N 50  
ASN H2   H  N N 51  
ASN HA   H  N N 52  
ASN HB2  H  N N 53  
ASN HB3  H  N N 54  
ASN HD21 H  N N 55  
ASN HD22 H  N N 56  
ASN HXT  H  N N 57  
ASP N    N  N N 58  
ASP CA   C  N S 59  
ASP C    C  N N 60  
ASP O    O  N N 61  
ASP CB   C  N N 62  
ASP CG   C  N N 63  
ASP OD1  O  N N 64  
ASP OD2  O  N N 65  
ASP OXT  O  N N 66  
ASP H    H  N N 67  
ASP H2   H  N N 68  
ASP HA   H  N N 69  
ASP HB2  H  N N 70  
ASP HB3  H  N N 71  
ASP HD2  H  N N 72  
ASP HXT  H  N N 73  
CL  CL   CL N N 74  
CYS N    N  N N 75  
CYS CA   C  N R 76  
CYS C    C  N N 77  
CYS O    O  N N 78  
CYS CB   C  N N 79  
CYS SG   S  N N 80  
CYS OXT  O  N N 81  
CYS H    H  N N 82  
CYS H2   H  N N 83  
CYS HA   H  N N 84  
CYS HB2  H  N N 85  
CYS HB3  H  N N 86  
CYS HG   H  N N 87  
CYS HXT  H  N N 88  
GLN N    N  N N 89  
GLN CA   C  N S 90  
GLN C    C  N N 91  
GLN O    O  N N 92  
GLN CB   C  N N 93  
GLN CG   C  N N 94  
GLN CD   C  N N 95  
GLN OE1  O  N N 96  
GLN NE2  N  N N 97  
GLN OXT  O  N N 98  
GLN H    H  N N 99  
GLN H2   H  N N 100 
GLN HA   H  N N 101 
GLN HB2  H  N N 102 
GLN HB3  H  N N 103 
GLN HG2  H  N N 104 
GLN HG3  H  N N 105 
GLN HE21 H  N N 106 
GLN HE22 H  N N 107 
GLN HXT  H  N N 108 
GLU N    N  N N 109 
GLU CA   C  N S 110 
GLU C    C  N N 111 
GLU O    O  N N 112 
GLU CB   C  N N 113 
GLU CG   C  N N 114 
GLU CD   C  N N 115 
GLU OE1  O  N N 116 
GLU OE2  O  N N 117 
GLU OXT  O  N N 118 
GLU H    H  N N 119 
GLU H2   H  N N 120 
GLU HA   H  N N 121 
GLU HB2  H  N N 122 
GLU HB3  H  N N 123 
GLU HG2  H  N N 124 
GLU HG3  H  N N 125 
GLU HE2  H  N N 126 
GLU HXT  H  N N 127 
GLY N    N  N N 128 
GLY CA   C  N N 129 
GLY C    C  N N 130 
GLY O    O  N N 131 
GLY OXT  O  N N 132 
GLY H    H  N N 133 
GLY H2   H  N N 134 
GLY HA2  H  N N 135 
GLY HA3  H  N N 136 
GLY HXT  H  N N 137 
HIS N    N  N N 138 
HIS CA   C  N S 139 
HIS C    C  N N 140 
HIS O    O  N N 141 
HIS CB   C  N N 142 
HIS CG   C  Y N 143 
HIS ND1  N  Y N 144 
HIS CD2  C  Y N 145 
HIS CE1  C  Y N 146 
HIS NE2  N  Y N 147 
HIS OXT  O  N N 148 
HIS H    H  N N 149 
HIS H2   H  N N 150 
HIS HA   H  N N 151 
HIS HB2  H  N N 152 
HIS HB3  H  N N 153 
HIS HD1  H  N N 154 
HIS HD2  H  N N 155 
HIS HE1  H  N N 156 
HIS HE2  H  N N 157 
HIS HXT  H  N N 158 
HOH O    O  N N 159 
HOH H1   H  N N 160 
HOH H2   H  N N 161 
ILE N    N  N N 162 
ILE CA   C  N S 163 
ILE C    C  N N 164 
ILE O    O  N N 165 
ILE CB   C  N S 166 
ILE CG1  C  N N 167 
ILE CG2  C  N N 168 
ILE CD1  C  N N 169 
ILE OXT  O  N N 170 
ILE H    H  N N 171 
ILE H2   H  N N 172 
ILE HA   H  N N 173 
ILE HB   H  N N 174 
ILE HG12 H  N N 175 
ILE HG13 H  N N 176 
ILE HG21 H  N N 177 
ILE HG22 H  N N 178 
ILE HG23 H  N N 179 
ILE HD11 H  N N 180 
ILE HD12 H  N N 181 
ILE HD13 H  N N 182 
ILE HXT  H  N N 183 
LEU N    N  N N 184 
LEU CA   C  N S 185 
LEU C    C  N N 186 
LEU O    O  N N 187 
LEU CB   C  N N 188 
LEU CG   C  N N 189 
LEU CD1  C  N N 190 
LEU CD2  C  N N 191 
LEU OXT  O  N N 192 
LEU H    H  N N 193 
LEU H2   H  N N 194 
LEU HA   H  N N 195 
LEU HB2  H  N N 196 
LEU HB3  H  N N 197 
LEU HG   H  N N 198 
LEU HD11 H  N N 199 
LEU HD12 H  N N 200 
LEU HD13 H  N N 201 
LEU HD21 H  N N 202 
LEU HD22 H  N N 203 
LEU HD23 H  N N 204 
LEU HXT  H  N N 205 
LYS N    N  N N 206 
LYS CA   C  N S 207 
LYS C    C  N N 208 
LYS O    O  N N 209 
LYS CB   C  N N 210 
LYS CG   C  N N 211 
LYS CD   C  N N 212 
LYS CE   C  N N 213 
LYS NZ   N  N N 214 
LYS OXT  O  N N 215 
LYS H    H  N N 216 
LYS H2   H  N N 217 
LYS HA   H  N N 218 
LYS HB2  H  N N 219 
LYS HB3  H  N N 220 
LYS HG2  H  N N 221 
LYS HG3  H  N N 222 
LYS HD2  H  N N 223 
LYS HD3  H  N N 224 
LYS HE2  H  N N 225 
LYS HE3  H  N N 226 
LYS HZ1  H  N N 227 
LYS HZ2  H  N N 228 
LYS HZ3  H  N N 229 
LYS HXT  H  N N 230 
MET N    N  N N 231 
MET CA   C  N S 232 
MET C    C  N N 233 
MET O    O  N N 234 
MET CB   C  N N 235 
MET CG   C  N N 236 
MET SD   S  N N 237 
MET CE   C  N N 238 
MET OXT  O  N N 239 
MET H    H  N N 240 
MET H2   H  N N 241 
MET HA   H  N N 242 
MET HB2  H  N N 243 
MET HB3  H  N N 244 
MET HG2  H  N N 245 
MET HG3  H  N N 246 
MET HE1  H  N N 247 
MET HE2  H  N N 248 
MET HE3  H  N N 249 
MET HXT  H  N N 250 
MSE N    N  N N 251 
MSE CA   C  N S 252 
MSE C    C  N N 253 
MSE O    O  N N 254 
MSE OXT  O  N N 255 
MSE CB   C  N N 256 
MSE CG   C  N N 257 
MSE SE   SE N N 258 
MSE CE   C  N N 259 
MSE H    H  N N 260 
MSE H2   H  N N 261 
MSE HA   H  N N 262 
MSE HXT  H  N N 263 
MSE HB2  H  N N 264 
MSE HB3  H  N N 265 
MSE HG2  H  N N 266 
MSE HG3  H  N N 267 
MSE HE1  H  N N 268 
MSE HE2  H  N N 269 
MSE HE3  H  N N 270 
PHE N    N  N N 271 
PHE CA   C  N S 272 
PHE C    C  N N 273 
PHE O    O  N N 274 
PHE CB   C  N N 275 
PHE CG   C  Y N 276 
PHE CD1  C  Y N 277 
PHE CD2  C  Y N 278 
PHE CE1  C  Y N 279 
PHE CE2  C  Y N 280 
PHE CZ   C  Y N 281 
PHE OXT  O  N N 282 
PHE H    H  N N 283 
PHE H2   H  N N 284 
PHE HA   H  N N 285 
PHE HB2  H  N N 286 
PHE HB3  H  N N 287 
PHE HD1  H  N N 288 
PHE HD2  H  N N 289 
PHE HE1  H  N N 290 
PHE HE2  H  N N 291 
PHE HZ   H  N N 292 
PHE HXT  H  N N 293 
PRO N    N  N N 294 
PRO CA   C  N S 295 
PRO C    C  N N 296 
PRO O    O  N N 297 
PRO CB   C  N N 298 
PRO CG   C  N N 299 
PRO CD   C  N N 300 
PRO OXT  O  N N 301 
PRO H    H  N N 302 
PRO HA   H  N N 303 
PRO HB2  H  N N 304 
PRO HB3  H  N N 305 
PRO HG2  H  N N 306 
PRO HG3  H  N N 307 
PRO HD2  H  N N 308 
PRO HD3  H  N N 309 
PRO HXT  H  N N 310 
SER N    N  N N 311 
SER CA   C  N S 312 
SER C    C  N N 313 
SER O    O  N N 314 
SER CB   C  N N 315 
SER OG   O  N N 316 
SER OXT  O  N N 317 
SER H    H  N N 318 
SER H2   H  N N 319 
SER HA   H  N N 320 
SER HB2  H  N N 321 
SER HB3  H  N N 322 
SER HG   H  N N 323 
SER HXT  H  N N 324 
THR N    N  N N 325 
THR CA   C  N S 326 
THR C    C  N N 327 
THR O    O  N N 328 
THR CB   C  N R 329 
THR OG1  O  N N 330 
THR CG2  C  N N 331 
THR OXT  O  N N 332 
THR H    H  N N 333 
THR H2   H  N N 334 
THR HA   H  N N 335 
THR HB   H  N N 336 
THR HG1  H  N N 337 
THR HG21 H  N N 338 
THR HG22 H  N N 339 
THR HG23 H  N N 340 
THR HXT  H  N N 341 
TRP N    N  N N 342 
TRP CA   C  N S 343 
TRP C    C  N N 344 
TRP O    O  N N 345 
TRP CB   C  N N 346 
TRP CG   C  Y N 347 
TRP CD1  C  Y N 348 
TRP CD2  C  Y N 349 
TRP NE1  N  Y N 350 
TRP CE2  C  Y N 351 
TRP CE3  C  Y N 352 
TRP CZ2  C  Y N 353 
TRP CZ3  C  Y N 354 
TRP CH2  C  Y N 355 
TRP OXT  O  N N 356 
TRP H    H  N N 357 
TRP H2   H  N N 358 
TRP HA   H  N N 359 
TRP HB2  H  N N 360 
TRP HB3  H  N N 361 
TRP HD1  H  N N 362 
TRP HE1  H  N N 363 
TRP HE3  H  N N 364 
TRP HZ2  H  N N 365 
TRP HZ3  H  N N 366 
TRP HH2  H  N N 367 
TRP HXT  H  N N 368 
TYR N    N  N N 369 
TYR CA   C  N S 370 
TYR C    C  N N 371 
TYR O    O  N N 372 
TYR CB   C  N N 373 
TYR CG   C  Y N 374 
TYR CD1  C  Y N 375 
TYR CD2  C  Y N 376 
TYR CE1  C  Y N 377 
TYR CE2  C  Y N 378 
TYR CZ   C  Y N 379 
TYR OH   O  N N 380 
TYR OXT  O  N N 381 
TYR H    H  N N 382 
TYR H2   H  N N 383 
TYR HA   H  N N 384 
TYR HB2  H  N N 385 
TYR HB3  H  N N 386 
TYR HD1  H  N N 387 
TYR HD2  H  N N 388 
TYR HE1  H  N N 389 
TYR HE2  H  N N 390 
TYR HH   H  N N 391 
TYR HXT  H  N N 392 
VAL N    N  N N 393 
VAL CA   C  N S 394 
VAL C    C  N N 395 
VAL O    O  N N 396 
VAL CB   C  N N 397 
VAL CG1  C  N N 398 
VAL CG2  C  N N 399 
VAL OXT  O  N N 400 
VAL H    H  N N 401 
VAL H2   H  N N 402 
VAL HA   H  N N 403 
VAL HB   H  N N 404 
VAL HG11 H  N N 405 
VAL HG12 H  N N 406 
VAL HG13 H  N N 407 
VAL HG21 H  N N 408 
VAL HG22 H  N N 409 
VAL HG23 H  N N 410 
VAL HXT  H  N N 411 
ZN  ZN   ZN N N 412 
# 
loop_
_chem_comp_bond.comp_id 
_chem_comp_bond.atom_id_1 
_chem_comp_bond.atom_id_2 
_chem_comp_bond.value_order 
_chem_comp_bond.pdbx_aromatic_flag 
_chem_comp_bond.pdbx_stereo_config 
_chem_comp_bond.pdbx_ordinal 
ALA N   CA   sing N N 1   
ALA N   H    sing N N 2   
ALA N   H2   sing N N 3   
ALA CA  C    sing N N 4   
ALA CA  CB   sing N N 5   
ALA CA  HA   sing N N 6   
ALA C   O    doub N N 7   
ALA C   OXT  sing N N 8   
ALA CB  HB1  sing N N 9   
ALA CB  HB2  sing N N 10  
ALA CB  HB3  sing N N 11  
ALA OXT HXT  sing N N 12  
ARG N   CA   sing N N 13  
ARG N   H    sing N N 14  
ARG N   H2   sing N N 15  
ARG CA  C    sing N N 16  
ARG CA  CB   sing N N 17  
ARG CA  HA   sing N N 18  
ARG C   O    doub N N 19  
ARG C   OXT  sing N N 20  
ARG CB  CG   sing N N 21  
ARG CB  HB2  sing N N 22  
ARG CB  HB3  sing N N 23  
ARG CG  CD   sing N N 24  
ARG CG  HG2  sing N N 25  
ARG CG  HG3  sing N N 26  
ARG CD  NE   sing N N 27  
ARG CD  HD2  sing N N 28  
ARG CD  HD3  sing N N 29  
ARG NE  CZ   sing N N 30  
ARG NE  HE   sing N N 31  
ARG CZ  NH1  sing N N 32  
ARG CZ  NH2  doub N N 33  
ARG NH1 HH11 sing N N 34  
ARG NH1 HH12 sing N N 35  
ARG NH2 HH21 sing N N 36  
ARG NH2 HH22 sing N N 37  
ARG OXT HXT  sing N N 38  
ASN N   CA   sing N N 39  
ASN N   H    sing N N 40  
ASN N   H2   sing N N 41  
ASN CA  C    sing N N 42  
ASN CA  CB   sing N N 43  
ASN CA  HA   sing N N 44  
ASN C   O    doub N N 45  
ASN C   OXT  sing N N 46  
ASN CB  CG   sing N N 47  
ASN CB  HB2  sing N N 48  
ASN CB  HB3  sing N N 49  
ASN CG  OD1  doub N N 50  
ASN CG  ND2  sing N N 51  
ASN ND2 HD21 sing N N 52  
ASN ND2 HD22 sing N N 53  
ASN OXT HXT  sing N N 54  
ASP N   CA   sing N N 55  
ASP N   H    sing N N 56  
ASP N   H2   sing N N 57  
ASP CA  C    sing N N 58  
ASP CA  CB   sing N N 59  
ASP CA  HA   sing N N 60  
ASP C   O    doub N N 61  
ASP C   OXT  sing N N 62  
ASP CB  CG   sing N N 63  
ASP CB  HB2  sing N N 64  
ASP CB  HB3  sing N N 65  
ASP CG  OD1  doub N N 66  
ASP CG  OD2  sing N N 67  
ASP OD2 HD2  sing N N 68  
ASP OXT HXT  sing N N 69  
CYS N   CA   sing N N 70  
CYS N   H    sing N N 71  
CYS N   H2   sing N N 72  
CYS CA  C    sing N N 73  
CYS CA  CB   sing N N 74  
CYS CA  HA   sing N N 75  
CYS C   O    doub N N 76  
CYS C   OXT  sing N N 77  
CYS CB  SG   sing N N 78  
CYS CB  HB2  sing N N 79  
CYS CB  HB3  sing N N 80  
CYS SG  HG   sing N N 81  
CYS OXT HXT  sing N N 82  
GLN N   CA   sing N N 83  
GLN N   H    sing N N 84  
GLN N   H2   sing N N 85  
GLN CA  C    sing N N 86  
GLN CA  CB   sing N N 87  
GLN CA  HA   sing N N 88  
GLN C   O    doub N N 89  
GLN C   OXT  sing N N 90  
GLN CB  CG   sing N N 91  
GLN CB  HB2  sing N N 92  
GLN CB  HB3  sing N N 93  
GLN CG  CD   sing N N 94  
GLN CG  HG2  sing N N 95  
GLN CG  HG3  sing N N 96  
GLN CD  OE1  doub N N 97  
GLN CD  NE2  sing N N 98  
GLN NE2 HE21 sing N N 99  
GLN NE2 HE22 sing N N 100 
GLN OXT HXT  sing N N 101 
GLU N   CA   sing N N 102 
GLU N   H    sing N N 103 
GLU N   H2   sing N N 104 
GLU CA  C    sing N N 105 
GLU CA  CB   sing N N 106 
GLU CA  HA   sing N N 107 
GLU C   O    doub N N 108 
GLU C   OXT  sing N N 109 
GLU CB  CG   sing N N 110 
GLU CB  HB2  sing N N 111 
GLU CB  HB3  sing N N 112 
GLU CG  CD   sing N N 113 
GLU CG  HG2  sing N N 114 
GLU CG  HG3  sing N N 115 
GLU CD  OE1  doub N N 116 
GLU CD  OE2  sing N N 117 
GLU OE2 HE2  sing N N 118 
GLU OXT HXT  sing N N 119 
GLY N   CA   sing N N 120 
GLY N   H    sing N N 121 
GLY N   H2   sing N N 122 
GLY CA  C    sing N N 123 
GLY CA  HA2  sing N N 124 
GLY CA  HA3  sing N N 125 
GLY C   O    doub N N 126 
GLY C   OXT  sing N N 127 
GLY OXT HXT  sing N N 128 
HIS N   CA   sing N N 129 
HIS N   H    sing N N 130 
HIS N   H2   sing N N 131 
HIS CA  C    sing N N 132 
HIS CA  CB   sing N N 133 
HIS CA  HA   sing N N 134 
HIS C   O    doub N N 135 
HIS C   OXT  sing N N 136 
HIS CB  CG   sing N N 137 
HIS CB  HB2  sing N N 138 
HIS CB  HB3  sing N N 139 
HIS CG  ND1  sing Y N 140 
HIS CG  CD2  doub Y N 141 
HIS ND1 CE1  doub Y N 142 
HIS ND1 HD1  sing N N 143 
HIS CD2 NE2  sing Y N 144 
HIS CD2 HD2  sing N N 145 
HIS CE1 NE2  sing Y N 146 
HIS CE1 HE1  sing N N 147 
HIS NE2 HE2  sing N N 148 
HIS OXT HXT  sing N N 149 
HOH O   H1   sing N N 150 
HOH O   H2   sing N N 151 
ILE N   CA   sing N N 152 
ILE N   H    sing N N 153 
ILE N   H2   sing N N 154 
ILE CA  C    sing N N 155 
ILE CA  CB   sing N N 156 
ILE CA  HA   sing N N 157 
ILE C   O    doub N N 158 
ILE C   OXT  sing N N 159 
ILE CB  CG1  sing N N 160 
ILE CB  CG2  sing N N 161 
ILE CB  HB   sing N N 162 
ILE CG1 CD1  sing N N 163 
ILE CG1 HG12 sing N N 164 
ILE CG1 HG13 sing N N 165 
ILE CG2 HG21 sing N N 166 
ILE CG2 HG22 sing N N 167 
ILE CG2 HG23 sing N N 168 
ILE CD1 HD11 sing N N 169 
ILE CD1 HD12 sing N N 170 
ILE CD1 HD13 sing N N 171 
ILE OXT HXT  sing N N 172 
LEU N   CA   sing N N 173 
LEU N   H    sing N N 174 
LEU N   H2   sing N N 175 
LEU CA  C    sing N N 176 
LEU CA  CB   sing N N 177 
LEU CA  HA   sing N N 178 
LEU C   O    doub N N 179 
LEU C   OXT  sing N N 180 
LEU CB  CG   sing N N 181 
LEU CB  HB2  sing N N 182 
LEU CB  HB3  sing N N 183 
LEU CG  CD1  sing N N 184 
LEU CG  CD2  sing N N 185 
LEU CG  HG   sing N N 186 
LEU CD1 HD11 sing N N 187 
LEU CD1 HD12 sing N N 188 
LEU CD1 HD13 sing N N 189 
LEU CD2 HD21 sing N N 190 
LEU CD2 HD22 sing N N 191 
LEU CD2 HD23 sing N N 192 
LEU OXT HXT  sing N N 193 
LYS N   CA   sing N N 194 
LYS N   H    sing N N 195 
LYS N   H2   sing N N 196 
LYS CA  C    sing N N 197 
LYS CA  CB   sing N N 198 
LYS CA  HA   sing N N 199 
LYS C   O    doub N N 200 
LYS C   OXT  sing N N 201 
LYS CB  CG   sing N N 202 
LYS CB  HB2  sing N N 203 
LYS CB  HB3  sing N N 204 
LYS CG  CD   sing N N 205 
LYS CG  HG2  sing N N 206 
LYS CG  HG3  sing N N 207 
LYS CD  CE   sing N N 208 
LYS CD  HD2  sing N N 209 
LYS CD  HD3  sing N N 210 
LYS CE  NZ   sing N N 211 
LYS CE  HE2  sing N N 212 
LYS CE  HE3  sing N N 213 
LYS NZ  HZ1  sing N N 214 
LYS NZ  HZ2  sing N N 215 
LYS NZ  HZ3  sing N N 216 
LYS OXT HXT  sing N N 217 
MET N   CA   sing N N 218 
MET N   H    sing N N 219 
MET N   H2   sing N N 220 
MET CA  C    sing N N 221 
MET CA  CB   sing N N 222 
MET CA  HA   sing N N 223 
MET C   O    doub N N 224 
MET C   OXT  sing N N 225 
MET CB  CG   sing N N 226 
MET CB  HB2  sing N N 227 
MET CB  HB3  sing N N 228 
MET CG  SD   sing N N 229 
MET CG  HG2  sing N N 230 
MET CG  HG3  sing N N 231 
MET SD  CE   sing N N 232 
MET CE  HE1  sing N N 233 
MET CE  HE2  sing N N 234 
MET CE  HE3  sing N N 235 
MET OXT HXT  sing N N 236 
MSE N   CA   sing N N 237 
MSE N   H    sing N N 238 
MSE N   H2   sing N N 239 
MSE CA  C    sing N N 240 
MSE CA  CB   sing N N 241 
MSE CA  HA   sing N N 242 
MSE C   O    doub N N 243 
MSE C   OXT  sing N N 244 
MSE OXT HXT  sing N N 245 
MSE CB  CG   sing N N 246 
MSE CB  HB2  sing N N 247 
MSE CB  HB3  sing N N 248 
MSE CG  SE   sing N N 249 
MSE CG  HG2  sing N N 250 
MSE CG  HG3  sing N N 251 
MSE SE  CE   sing N N 252 
MSE CE  HE1  sing N N 253 
MSE CE  HE2  sing N N 254 
MSE CE  HE3  sing N N 255 
PHE N   CA   sing N N 256 
PHE N   H    sing N N 257 
PHE N   H2   sing N N 258 
PHE CA  C    sing N N 259 
PHE CA  CB   sing N N 260 
PHE CA  HA   sing N N 261 
PHE C   O    doub N N 262 
PHE C   OXT  sing N N 263 
PHE CB  CG   sing N N 264 
PHE CB  HB2  sing N N 265 
PHE CB  HB3  sing N N 266 
PHE CG  CD1  doub Y N 267 
PHE CG  CD2  sing Y N 268 
PHE CD1 CE1  sing Y N 269 
PHE CD1 HD1  sing N N 270 
PHE CD2 CE2  doub Y N 271 
PHE CD2 HD2  sing N N 272 
PHE CE1 CZ   doub Y N 273 
PHE CE1 HE1  sing N N 274 
PHE CE2 CZ   sing Y N 275 
PHE CE2 HE2  sing N N 276 
PHE CZ  HZ   sing N N 277 
PHE OXT HXT  sing N N 278 
PRO N   CA   sing N N 279 
PRO N   CD   sing N N 280 
PRO N   H    sing N N 281 
PRO CA  C    sing N N 282 
PRO CA  CB   sing N N 283 
PRO CA  HA   sing N N 284 
PRO C   O    doub N N 285 
PRO C   OXT  sing N N 286 
PRO CB  CG   sing N N 287 
PRO CB  HB2  sing N N 288 
PRO CB  HB3  sing N N 289 
PRO CG  CD   sing N N 290 
PRO CG  HG2  sing N N 291 
PRO CG  HG3  sing N N 292 
PRO CD  HD2  sing N N 293 
PRO CD  HD3  sing N N 294 
PRO OXT HXT  sing N N 295 
SER N   CA   sing N N 296 
SER N   H    sing N N 297 
SER N   H2   sing N N 298 
SER CA  C    sing N N 299 
SER CA  CB   sing N N 300 
SER CA  HA   sing N N 301 
SER C   O    doub N N 302 
SER C   OXT  sing N N 303 
SER CB  OG   sing N N 304 
SER CB  HB2  sing N N 305 
SER CB  HB3  sing N N 306 
SER OG  HG   sing N N 307 
SER OXT HXT  sing N N 308 
THR N   CA   sing N N 309 
THR N   H    sing N N 310 
THR N   H2   sing N N 311 
THR CA  C    sing N N 312 
THR CA  CB   sing N N 313 
THR CA  HA   sing N N 314 
THR C   O    doub N N 315 
THR C   OXT  sing N N 316 
THR CB  OG1  sing N N 317 
THR CB  CG2  sing N N 318 
THR CB  HB   sing N N 319 
THR OG1 HG1  sing N N 320 
THR CG2 HG21 sing N N 321 
THR CG2 HG22 sing N N 322 
THR CG2 HG23 sing N N 323 
THR OXT HXT  sing N N 324 
TRP N   CA   sing N N 325 
TRP N   H    sing N N 326 
TRP N   H2   sing N N 327 
TRP CA  C    sing N N 328 
TRP CA  CB   sing N N 329 
TRP CA  HA   sing N N 330 
TRP C   O    doub N N 331 
TRP C   OXT  sing N N 332 
TRP CB  CG   sing N N 333 
TRP CB  HB2  sing N N 334 
TRP CB  HB3  sing N N 335 
TRP CG  CD1  doub Y N 336 
TRP CG  CD2  sing Y N 337 
TRP CD1 NE1  sing Y N 338 
TRP CD1 HD1  sing N N 339 
TRP CD2 CE2  doub Y N 340 
TRP CD2 CE3  sing Y N 341 
TRP NE1 CE2  sing Y N 342 
TRP NE1 HE1  sing N N 343 
TRP CE2 CZ2  sing Y N 344 
TRP CE3 CZ3  doub Y N 345 
TRP CE3 HE3  sing N N 346 
TRP CZ2 CH2  doub Y N 347 
TRP CZ2 HZ2  sing N N 348 
TRP CZ3 CH2  sing Y N 349 
TRP CZ3 HZ3  sing N N 350 
TRP CH2 HH2  sing N N 351 
TRP OXT HXT  sing N N 352 
TYR N   CA   sing N N 353 
TYR N   H    sing N N 354 
TYR N   H2   sing N N 355 
TYR CA  C    sing N N 356 
TYR CA  CB   sing N N 357 
TYR CA  HA   sing N N 358 
TYR C   O    doub N N 359 
TYR C   OXT  sing N N 360 
TYR CB  CG   sing N N 361 
TYR CB  HB2  sing N N 362 
TYR CB  HB3  sing N N 363 
TYR CG  CD1  doub Y N 364 
TYR CG  CD2  sing Y N 365 
TYR CD1 CE1  sing Y N 366 
TYR CD1 HD1  sing N N 367 
TYR CD2 CE2  doub Y N 368 
TYR CD2 HD2  sing N N 369 
TYR CE1 CZ   doub Y N 370 
TYR CE1 HE1  sing N N 371 
TYR CE2 CZ   sing Y N 372 
TYR CE2 HE2  sing N N 373 
TYR CZ  OH   sing N N 374 
TYR OH  HH   sing N N 375 
TYR OXT HXT  sing N N 376 
VAL N   CA   sing N N 377 
VAL N   H    sing N N 378 
VAL N   H2   sing N N 379 
VAL CA  C    sing N N 380 
VAL CA  CB   sing N N 381 
VAL CA  HA   sing N N 382 
VAL C   O    doub N N 383 
VAL C   OXT  sing N N 384 
VAL CB  CG1  sing N N 385 
VAL CB  CG2  sing N N 386 
VAL CB  HB   sing N N 387 
VAL CG1 HG11 sing N N 388 
VAL CG1 HG12 sing N N 389 
VAL CG1 HG13 sing N N 390 
VAL CG2 HG21 sing N N 391 
VAL CG2 HG22 sing N N 392 
VAL CG2 HG23 sing N N 393 
VAL OXT HXT  sing N N 394 
# 
_atom_sites.entry_id                    2I9W 
_atom_sites.fract_transf_matrix[1][1]   0.00277572 
_atom_sites.fract_transf_matrix[1][2]   0.02251555 
_atom_sites.fract_transf_matrix[1][3]   -0.00813360 
_atom_sites.fract_transf_matrix[2][1]   -0.01814897 
_atom_sites.fract_transf_matrix[2][2]   0.00169271 
_atom_sites.fract_transf_matrix[2][3]   -0.00150783 
_atom_sites.fract_transf_matrix[3][1]   -0.00054576 
_atom_sites.fract_transf_matrix[3][2]   0.00410509 
_atom_sites.fract_transf_matrix[3][3]   0.01117751 
_atom_sites.fract_transf_vector[1]      0.309306 
_atom_sites.fract_transf_vector[2]      0.431967 
_atom_sites.fract_transf_vector[3]      0.178130 
# 
loop_
_atom_type.symbol 
C  
CL 
N  
O  
S  
SE 
ZN 
# 
loop_
_atom_site.group_PDB 
_atom_site.id 
_atom_site.type_symbol 
_atom_site.label_atom_id 
_atom_site.label_alt_id 
_atom_site.label_comp_id 
_atom_site.label_asym_id 
_atom_site.label_entity_id 
_atom_site.label_seq_id 
_atom_site.pdbx_PDB_ins_code 
_atom_site.Cartn_x 
_atom_site.Cartn_y 
_atom_site.Cartn_z 
_atom_site.occupancy 
_atom_site.B_iso_or_equiv 
_atom_site.pdbx_formal_charge 
_atom_site.auth_seq_id 
_atom_site.auth_comp_id 
_atom_site.auth_asym_id 
_atom_site.auth_atom_id 
_atom_site.pdbx_PDB_model_num 
HETATM 1    N  N   . MSE A 1 2   ? 19.430  9.329   4.029   1.00 31.26 ? 1   MSE A N   1 
HETATM 2    C  CA  . MSE A 1 2   ? 20.210  8.065   3.918   1.00 28.10 ? 1   MSE A CA  1 
HETATM 3    C  C   . MSE A 1 2   ? 20.309  7.327   5.236   1.00 29.74 ? 1   MSE A C   1 
HETATM 4    O  O   . MSE A 1 2   ? 20.172  6.089   5.266   1.00 31.57 ? 1   MSE A O   1 
HETATM 5    C  CB  . MSE A 1 2   ? 21.605  8.326   3.359   1.00 30.80 ? 1   MSE A CB  1 
HETATM 6    C  CG  . MSE A 1 2   ? 22.437  9.423   4.018   1.00 29.73 ? 1   MSE A CG  1 
HETATM 7    SE SE  . MSE A 1 2   ? 24.117  9.709   2.972   0.75 21.51 ? 1   MSE A SE  1 
HETATM 8    C  CE  . MSE A 1 2   ? 24.251  7.854   2.343   1.00 30.50 ? 1   MSE A CE  1 
ATOM   9    N  N   . LEU A 1 3   ? 20.500  8.074   6.325   1.00 30.30 ? 2   LEU A N   1 
ATOM   10   C  CA  . LEU A 1 3   ? 20.643  7.454   7.651   1.00 31.62 ? 2   LEU A CA  1 
ATOM   11   C  C   . LEU A 1 3   ? 19.285  6.970   8.234   1.00 31.30 ? 2   LEU A C   1 
ATOM   12   O  O   . LEU A 1 3   ? 19.235  6.441   9.353   1.00 31.13 ? 2   LEU A O   1 
ATOM   13   C  CB  . LEU A 1 3   ? 21.383  8.393   8.606   1.00 34.77 ? 2   LEU A CB  1 
ATOM   14   C  CG  . LEU A 1 3   ? 22.897  8.538   8.340   1.00 38.14 ? 2   LEU A CG  1 
ATOM   15   C  CD1 . LEU A 1 3   ? 23.502  9.772   9.039   1.00 46.66 ? 2   LEU A CD1 1 
ATOM   16   C  CD2 . LEU A 1 3   ? 23.647  7.277   8.766   1.00 39.54 ? 2   LEU A CD2 1 
ATOM   17   N  N   . PHE A 1 4   ? 18.190  7.111   7.475   1.00 30.86 ? 3   PHE A N   1 
ATOM   18   C  CA  . PHE A 1 4   ? 16.920  6.483   7.876   1.00 31.67 ? 3   PHE A CA  1 
ATOM   19   C  C   . PHE A 1 4   ? 17.015  4.989   7.865   1.00 29.92 ? 3   PHE A C   1 
ATOM   20   O  O   . PHE A 1 4   ? 16.268  4.343   8.591   1.00 27.18 ? 3   PHE A O   1 
ATOM   21   C  CB  . PHE A 1 4   ? 15.712  6.910   7.024   1.00 31.96 ? 3   PHE A CB  1 
ATOM   22   C  CG  . PHE A 1 4   ? 15.052  8.144   7.521   1.00 33.15 ? 3   PHE A CG  1 
ATOM   23   C  CD1 . PHE A 1 4   ? 14.503  8.178   8.797   1.00 38.79 ? 3   PHE A CD1 1 
ATOM   24   C  CD2 . PHE A 1 4   ? 15.001  9.287   6.732   1.00 37.54 ? 3   PHE A CD2 1 
ATOM   25   C  CE1 . PHE A 1 4   ? 13.913  9.326   9.284   1.00 43.04 ? 3   PHE A CE1 1 
ATOM   26   C  CE2 . PHE A 1 4   ? 14.411  10.447  7.205   1.00 39.06 ? 3   PHE A CE2 1 
ATOM   27   C  CZ  . PHE A 1 4   ? 13.863  10.470  8.494   1.00 42.40 ? 3   PHE A CZ  1 
ATOM   28   N  N   . SER A 1 5   ? 17.949  4.452   7.066   1.00 28.19 ? 4   SER A N   1 
ATOM   29   C  CA  . SER A 1 5   ? 18.265  3.024   7.085   1.00 26.10 ? 4   SER A CA  1 
ATOM   30   C  C   . SER A 1 5   ? 18.448  2.485   8.463   1.00 27.24 ? 4   SER A C   1 
ATOM   31   O  O   . SER A 1 5   ? 18.025  1.388   8.732   1.00 26.66 ? 4   SER A O   1 
ATOM   32   C  CB  . SER A 1 5   ? 19.536  2.756   6.293   1.00 26.97 ? 4   SER A CB  1 
ATOM   33   O  OG  . SER A 1 5   ? 19.305  2.979   4.930   1.00 33.36 ? 4   SER A OG  1 
ATOM   34   N  N   . ILE A 1 6   ? 19.099  3.252   9.340   1.00 26.83 ? 5   ILE A N   1 
ATOM   35   C  CA  . ILE A 1 6   ? 19.409  2.773   10.668  1.00 28.04 ? 5   ILE A CA  1 
ATOM   36   C  C   . ILE A 1 6   ? 18.492  3.326   11.774  1.00 28.87 ? 5   ILE A C   1 
ATOM   37   O  O   . ILE A 1 6   ? 18.740  3.131   12.970  1.00 31.44 ? 5   ILE A O   1 
ATOM   38   C  CB  . ILE A 1 6   ? 20.946  2.937   10.975  1.00 27.05 ? 5   ILE A CB  1 
ATOM   39   C  CG1 . ILE A 1 6   ? 21.357  4.395   11.170  1.00 29.96 ? 5   ILE A CG1 1 
ATOM   40   C  CG2 . ILE A 1 6   ? 21.778  2.249   9.861   1.00 29.30 ? 5   ILE A CG2 1 
ATOM   41   C  CD1 . ILE A 1 6   ? 22.775  4.513   11.797  1.00 24.19 ? 5   ILE A CD1 1 
ATOM   42   N  N   . GLN A 1 7   ? 17.381  3.933   11.374  1.00 30.65 ? 6   GLN A N   1 
ATOM   43   C  CA  . GLN A 1 7   ? 16.330  4.271   12.331  1.00 30.96 ? 6   GLN A CA  1 
ATOM   44   C  C   . GLN A 1 7   ? 15.134  3.379   12.129  1.00 28.25 ? 6   GLN A C   1 
ATOM   45   O  O   . GLN A 1 7   ? 15.053  2.674   11.123  1.00 22.67 ? 6   GLN A O   1 
ATOM   46   C  CB  . GLN A 1 7   ? 15.918  5.728   12.210  1.00 34.55 ? 6   GLN A CB  1 
ATOM   47   C  CG  . GLN A 1 7   ? 17.006  6.684   12.677  1.00 41.03 ? 6   GLN A CG  1 
ATOM   48   C  CD  . GLN A 1 7   ? 17.234  6.679   14.190  1.00 44.10 ? 6   GLN A CD  1 
ATOM   49   O  OE1 . GLN A 1 7   ? 16.286  6.579   14.979  1.00 44.39 ? 6   GLN A OE1 1 
ATOM   50   N  NE2 . GLN A 1 7   ? 18.489  6.818   14.592  1.00 46.09 ? 6   GLN A NE2 1 
ATOM   51   N  N   . THR A 1 8   ? 14.254  3.382   13.131  1.00 25.50 ? 7   THR A N   1 
ATOM   52   C  CA  . THR A 1 8   ? 13.060  2.577   13.119  1.00 24.35 ? 7   THR A CA  1 
ATOM   53   C  C   . THR A 1 8   ? 12.339  2.767   11.775  1.00 21.44 ? 7   THR A C   1 
ATOM   54   O  O   . THR A 1 8   ? 12.120  3.897   11.274  1.00 20.05 ? 7   THR A O   1 
ATOM   55   C  CB  . THR A 1 8   ? 12.153  2.876   14.354  1.00 24.50 ? 7   THR A CB  1 
ATOM   56   O  OG1 . THR A 1 8   ? 12.912  2.736   15.576  1.00 22.99 ? 7   THR A OG1 1 
ATOM   57   C  CG2 . THR A 1 8   ? 10.950  1.986   14.396  1.00 22.79 ? 7   THR A CG2 1 
ATOM   58   N  N   . CYS A 1 9   ? 11.989  1.657   11.172  1.00 17.50 ? 8   CYS A N   1 
ATOM   59   C  CA  . CYS A 1 9   ? 11.198  1.699   9.945   1.00 19.10 ? 8   CYS A CA  1 
ATOM   60   C  C   . CYS A 1 9   ? 9.907   2.498   10.196  1.00 17.81 ? 8   CYS A C   1 
ATOM   61   O  O   . CYS A 1 9   ? 9.264   2.332   11.233  1.00 19.14 ? 8   CYS A O   1 
ATOM   62   C  CB  . CYS A 1 9   ? 10.851  0.318   9.452   1.00 17.42 ? 8   CYS A CB  1 
ATOM   63   S  SG  . CYS A 1 9   ? 10.211  0.376   7.764   1.00 18.79 ? 8   CYS A SG  1 
ATOM   64   N  N   . PRO A 1 10  ? 9.512   3.378   9.267   1.00 19.89 ? 9   PRO A N   1 
ATOM   65   C  CA  . PRO A 1 10  ? 8.286   4.105   9.593   1.00 18.94 ? 9   PRO A CA  1 
ATOM   66   C  C   . PRO A 1 10  ? 7.105   3.220   9.952   1.00 20.93 ? 9   PRO A C   1 
ATOM   67   O  O   . PRO A 1 10  ? 6.355   3.578   10.848  1.00 23.12 ? 9   PRO A O   1 
ATOM   68   C  CB  . PRO A 1 10  ? 8.028   4.950   8.355   1.00 20.25 ? 9   PRO A CB  1 
ATOM   69   C  CG  . PRO A 1 10  ? 9.354   5.149   7.749   1.00 19.59 ? 9   PRO A CG  1 
ATOM   70   C  CD  . PRO A 1 10  ? 10.129  3.884   8.031   1.00 20.22 ? 9   PRO A CD  1 
ATOM   71   N  N   . CYS A 1 11  ? 6.953   2.069   9.298   1.00 17.74 ? 10  CYS A N   1 
ATOM   72   C  CA  . CYS A 1 11  ? 5.786   1.199   9.547   1.00 18.89 ? 10  CYS A CA  1 
ATOM   73   C  C   . CYS A 1 11  ? 5.788   0.540   10.906  1.00 20.63 ? 10  CYS A C   1 
ATOM   74   O  O   . CYS A 1 11  ? 4.777   -0.056  11.302  1.00 21.43 ? 10  CYS A O   1 
ATOM   75   C  CB  . CYS A 1 11  ? 5.623   0.123   8.469   1.00 17.85 ? 10  CYS A CB  1 
ATOM   76   S  SG  . CYS A 1 11  ? 6.592   -1.328  8.741   1.00 20.58 ? 10  CYS A SG  1 
ATOM   77   N  N   . GLN A 1 12  ? 6.926   0.625   11.596  1.00 19.47 ? 11  GLN A N   1 
ATOM   78   C  CA  . GLN A 1 12  ? 7.115   0.040   12.913  1.00 23.03 ? 11  GLN A CA  1 
ATOM   79   C  C   . GLN A 1 12  ? 6.838   1.035   14.034  1.00 20.93 ? 11  GLN A C   1 
ATOM   80   O  O   . GLN A 1 12  ? 6.887   0.655   15.202  1.00 22.82 ? 11  GLN A O   1 
ATOM   81   C  CB  . GLN A 1 12  ? 8.541   -0.474  13.071  1.00 23.68 ? 11  GLN A CB  1 
ATOM   82   C  CG  . GLN A 1 12  ? 8.906   -1.531  12.077  1.00 24.12 ? 11  GLN A CG  1 
ATOM   83   C  CD  . GLN A 1 12  ? 8.439   -2.894  12.472  1.00 35.96 ? 11  GLN A CD  1 
ATOM   84   O  OE1 . GLN A 1 12  ? 8.785   -3.391  13.546  1.00 34.11 ? 11  GLN A OE1 1 
ATOM   85   N  NE2 . GLN A 1 12  ? 7.674   -3.537  11.594  1.00 34.65 ? 11  GLN A NE2 1 
ATOM   86   N  N   . ILE A 1 13  ? 6.570   2.290   13.684  1.00 19.88 ? 12  ILE A N   1 
ATOM   87   C  CA  . ILE A 1 13  ? 6.162   3.295   14.657  1.00 21.91 ? 12  ILE A CA  1 
ATOM   88   C  C   . ILE A 1 13  ? 4.650   3.197   14.916  1.00 22.29 ? 12  ILE A C   1 
ATOM   89   O  O   . ILE A 1 13  ? 3.839   3.454   14.048  1.00 21.44 ? 12  ILE A O   1 
ATOM   90   C  CB  . ILE A 1 13  ? 6.614   4.698   14.172  1.00 20.95 ? 12  ILE A CB  1 
ATOM   91   C  CG1 . ILE A 1 13  ? 8.157   4.716   14.201  1.00 27.06 ? 12  ILE A CG1 1 
ATOM   92   C  CG2 . ILE A 1 13  ? 6.064   5.798   15.122  1.00 25.16 ? 12  ILE A CG2 1 
ATOM   93   C  CD1 . ILE A 1 13  ? 8.777   5.707   13.342  1.00 27.87 ? 12  ILE A CD1 1 
ATOM   94   N  N   . ASN A 1 14  ? 4.276   2.781   16.117  1.00 21.71 ? 13  ASN A N   1 
ATOM   95   C  CA  . ASN A 1 14  ? 2.867   2.546   16.403  1.00 22.18 ? 13  ASN A CA  1 
ATOM   96   C  C   . ASN A 1 14  ? 2.494   3.220   17.741  1.00 21.90 ? 13  ASN A C   1 
ATOM   97   O  O   . ASN A 1 14  ? 2.795   2.689   18.813  1.00 18.97 ? 13  ASN A O   1 
ATOM   98   C  CB  . ASN A 1 14  ? 2.557   1.049   16.426  1.00 21.08 ? 13  ASN A CB  1 
ATOM   99   C  CG  . ASN A 1 14  ? 1.116   0.755   16.770  1.00 24.69 ? 13  ASN A CG  1 
ATOM   100  O  OD1 . ASN A 1 14  ? 0.299   1.665   17.052  1.00 20.81 ? 13  ASN A OD1 1 
ATOM   101  N  ND2 . ASN A 1 14  ? 0.782   -0.514  16.750  1.00 25.31 ? 13  ASN A ND2 1 
ATOM   102  N  N   . PRO A 1 15  ? 1.853   4.398   17.676  1.00 20.49 ? 14  PRO A N   1 
ATOM   103  C  CA  . PRO A 1 15  ? 1.552   5.064   18.943  1.00 18.75 ? 14  PRO A CA  1 
ATOM   104  C  C   . PRO A 1 15  ? 0.567   4.324   19.864  1.00 19.87 ? 14  PRO A C   1 
ATOM   105  O  O   . PRO A 1 15  ? 0.471   4.659   21.050  1.00 21.61 ? 14  PRO A O   1 
ATOM   106  C  CB  . PRO A 1 15  ? 1.010   6.447   18.505  1.00 20.48 ? 14  PRO A CB  1 
ATOM   107  C  CG  . PRO A 1 15  ? 0.732   6.349   17.080  1.00 24.19 ? 14  PRO A CG  1 
ATOM   108  C  CD  . PRO A 1 15  ? 1.410   5.185   16.512  1.00 21.69 ? 14  PRO A CD  1 
ATOM   109  N  N   . ALA A 1 16  ? -0.105  3.306   19.333  1.00 19.64 ? 15  ALA A N   1 
ATOM   110  C  CA  . ALA A 1 16  ? -1.116  2.557   20.068  1.00 21.00 ? 15  ALA A CA  1 
ATOM   111  C  C   . ALA A 1 16  ? -0.522  1.388   20.834  1.00 24.17 ? 15  ALA A C   1 
ATOM   112  O  O   . ALA A 1 16  ? -1.243  0.724   21.581  1.00 25.54 ? 15  ALA A O   1 
ATOM   113  C  CB  . ALA A 1 16  ? -2.221  2.069   19.120  1.00 20.02 ? 15  ALA A CB  1 
ATOM   114  N  N   . LEU A 1 17  ? 0.789   1.169   20.706  1.00 23.43 ? 16  LEU A N   1 
ATOM   115  C  CA  . LEU A 1 17  ? 1.441   0.021   21.324  1.00 25.19 ? 16  LEU A CA  1 
ATOM   116  C  C   . LEU A 1 17  ? 2.787   0.410   21.943  1.00 23.54 ? 16  LEU A C   1 
ATOM   117  O  O   . LEU A 1 17  ? 3.603   1.078   21.314  1.00 22.79 ? 16  LEU A O   1 
ATOM   118  C  CB  . LEU A 1 17  ? 1.644   -1.079  20.280  1.00 26.47 ? 16  LEU A CB  1 
ATOM   119  C  CG  . LEU A 1 17  ? 2.278   -2.418  20.709  1.00 27.31 ? 16  LEU A CG  1 
ATOM   120  C  CD1 . LEU A 1 17  ? 1.379   -3.281  21.556  1.00 33.56 ? 16  LEU A CD1 1 
ATOM   121  C  CD2 . LEU A 1 17  ? 2.680   -3.160  19.485  1.00 29.05 ? 16  LEU A CD2 1 
ATOM   122  N  N   . ASN A 1 18  ? 2.987   -0.014  23.182  1.00 21.40 ? 17  ASN A N   1 
ATOM   123  C  CA  . ASN A 1 18  ? 4.283   0.045   23.849  1.00 19.27 ? 17  ASN A CA  1 
ATOM   124  C  C   . ASN A 1 18  ? 4.701   -1.415  23.932  1.00 21.90 ? 17  ASN A C   1 
ATOM   125  O  O   . ASN A 1 18  ? 4.170   -2.183  24.727  1.00 23.23 ? 17  ASN A O   1 
ATOM   126  C  CB  . ASN A 1 18  ? 4.171   0.726   25.204  1.00 19.10 ? 17  ASN A CB  1 
ATOM   127  C  CG  . ASN A 1 18  ? 5.515   0.892   25.898  1.00 16.01 ? 17  ASN A CG  1 
ATOM   128  O  OD1 . ASN A 1 18  ? 6.027   -0.055  26.471  1.00 18.64 ? 17  ASN A OD1 1 
ATOM   129  N  ND2 . ASN A 1 18  ? 6.032   2.125   25.949  1.00 18.83 ? 17  ASN A ND2 1 
ATOM   130  N  N   . ALA A 1 19  ? 5.590   -1.814  23.034  1.00 25.01 ? 18  ALA A N   1 
ATOM   131  C  CA  . ALA A 1 19  ? 5.936   -3.222  22.859  1.00 26.24 ? 18  ALA A CA  1 
ATOM   132  C  C   . ALA A 1 19  ? 7.208   -3.595  23.613  1.00 23.41 ? 18  ALA A C   1 
ATOM   133  O  O   . ALA A 1 19  ? 7.996   -2.717  24.003  1.00 20.48 ? 18  ALA A O   1 
ATOM   134  C  CB  . ALA A 1 19  ? 6.109   -3.531  21.370  1.00 26.64 ? 18  ALA A CB  1 
ATOM   135  N  N   . VAL A 1 20  ? 7.413   -4.905  23.761  1.00 23.98 ? 19  VAL A N   1 
ATOM   136  C  CA  . VAL A 1 20  ? 8.653   -5.475  24.326  1.00 21.59 ? 19  VAL A CA  1 
ATOM   137  C  C   . VAL A 1 20  ? 9.661   -5.657  23.182  1.00 21.15 ? 19  VAL A C   1 
ATOM   138  O  O   . VAL A 1 20  ? 10.825  -5.283  23.314  1.00 21.85 ? 19  VAL A O   1 
ATOM   139  C  CB  . VAL A 1 20  ? 8.420   -6.846  25.058  1.00 22.00 ? 19  VAL A CB  1 
ATOM   140  C  CG1 . VAL A 1 20  ? 9.762   -7.501  25.510  1.00 17.92 ? 19  VAL A CG1 1 
ATOM   141  C  CG2 . VAL A 1 20  ? 7.558   -6.670  26.282  1.00 18.84 ? 19  VAL A CG2 1 
ATOM   142  N  N   . SER A 1 21  ? 9.218   -6.247  22.074  1.00 21.12 ? 20  SER A N   1 
ATOM   143  C  CA  . SER A 1 21  ? 10.099  -6.481  20.939  1.00 22.86 ? 20  SER A CA  1 
ATOM   144  C  C   . SER A 1 21  ? 10.484  -5.144  20.350  1.00 22.07 ? 20  SER A C   1 
ATOM   145  O  O   . SER A 1 21  ? 9.636   -4.278  20.174  1.00 24.75 ? 20  SER A O   1 
ATOM   146  C  CB  . SER A 1 21  ? 9.449   -7.369  19.874  1.00 22.97 ? 20  SER A CB  1 
ATOM   147  O  OG  . SER A 1 21  ? 9.482   -8.736  20.259  1.00 30.06 ? 20  SER A OG  1 
ATOM   148  N  N   . THR A 1 22  ? 11.767  -4.996  20.046  1.00 20.74 ? 21  THR A N   1 
ATOM   149  C  CA  . THR A 1 22  ? 12.279  -3.763  19.473  1.00 21.66 ? 21  THR A CA  1 
ATOM   150  C  C   . THR A 1 22  ? 11.797  -3.582  18.043  1.00 21.49 ? 21  THR A C   1 
ATOM   151  O  O   . THR A 1 22  ? 11.895  -4.504  17.219  1.00 21.16 ? 21  THR A O   1 
ATOM   152  C  CB  . THR A 1 22  ? 13.792  -3.753  19.486  1.00 21.68 ? 21  THR A CB  1 
ATOM   153  O  OG1 . THR A 1 22  ? 14.256  -4.137  20.785  1.00 22.04 ? 21  THR A OG1 1 
ATOM   154  C  CG2 . THR A 1 22  ? 14.323  -2.360  19.128  1.00 26.19 ? 21  THR A CG2 1 
ATOM   155  N  N   . PRO A 1 23  ? 11.254  -2.403  17.726  1.00 21.51 ? 22  PRO A N   1 
ATOM   156  C  CA  . PRO A 1 23  ? 10.835  -2.175  16.347  1.00 23.50 ? 22  PRO A CA  1 
ATOM   157  C  C   . PRO A 1 23  ? 11.978  -2.314  15.343  1.00 25.27 ? 22  PRO A C   1 
ATOM   158  O  O   . PRO A 1 23  ? 13.097  -1.880  15.601  1.00 24.93 ? 22  PRO A O   1 
ATOM   159  C  CB  . PRO A 1 23  ? 10.335  -0.726  16.350  1.00 24.78 ? 22  PRO A CB  1 
ATOM   160  C  CG  . PRO A 1 23  ? 10.208  -0.321  17.764  1.00 26.52 ? 22  PRO A CG  1 
ATOM   161  C  CD  . PRO A 1 23  ? 11.002  -1.241  18.606  1.00 22.38 ? 22  PRO A CD  1 
ATOM   162  N  N   . LEU A 1 24  ? 11.689  -2.889  14.181  1.00 26.18 ? 23  LEU A N   1 
ATOM   163  C  CA  . LEU A 1 24  ? 12.741  -3.104  13.179  1.00 23.35 ? 23  LEU A CA  1 
ATOM   164  C  C   . LEU A 1 24  ? 13.209  -1.807  12.553  1.00 20.97 ? 23  LEU A C   1 
ATOM   165  O  O   . LEU A 1 24  ? 12.451  -0.830  12.474  1.00 21.83 ? 23  LEU A O   1 
ATOM   166  C  CB  . LEU A 1 24  ? 12.274  -4.065  12.086  1.00 25.11 ? 23  LEU A CB  1 
ATOM   167  C  CG  . LEU A 1 24  ? 11.644  -5.403  12.441  1.00 26.75 ? 23  LEU A CG  1 
ATOM   168  C  CD1 . LEU A 1 24  ? 11.224  -6.197  11.165  1.00 26.85 ? 23  LEU A CD1 1 
ATOM   169  C  CD2 . LEU A 1 24  ? 12.619  -6.222  13.282  1.00 26.19 ? 23  LEU A CD2 1 
ATOM   170  N  N   . LEU A 1 25  ? 14.480  -1.794  12.151  1.00 22.65 ? 24  LEU A N   1 
ATOM   171  C  CA  . LEU A 1 25  ? 15.046  -0.695  11.365  1.00 20.97 ? 24  LEU A CA  1 
ATOM   172  C  C   . LEU A 1 25  ? 14.562  -0.730  9.930   1.00 19.20 ? 24  LEU A C   1 
ATOM   173  O  O   . LEU A 1 25  ? 14.233  -1.789  9.370   1.00 19.10 ? 24  LEU A O   1 
ATOM   174  C  CB  . LEU A 1 25  ? 16.565  -0.721  11.358  1.00 20.85 ? 24  LEU A CB  1 
ATOM   175  C  CG  . LEU A 1 25  ? 17.280  -0.604  12.725  1.00 23.69 ? 24  LEU A CG  1 
ATOM   176  C  CD1 . LEU A 1 25  ? 18.813  -0.486  12.538  1.00 27.30 ? 24  LEU A CD1 1 
ATOM   177  C  CD2 . LEU A 1 25  ? 16.706  0.563   13.544  1.00 23.40 ? 24  LEU A CD2 1 
ATOM   178  N  N   . TYR A 1 26  ? 14.514  0.452   9.319   1.00 21.45 ? 25  TYR A N   1 
ATOM   179  C  CA  . TYR A 1 26  ? 14.141  0.548   7.895   1.00 21.38 ? 25  TYR A CA  1 
ATOM   180  C  C   . TYR A 1 26  ? 14.907  -0.466  6.985   1.00 24.59 ? 25  TYR A C   1 
ATOM   181  O  O   . TYR A 1 26  ? 14.278  -1.262  6.246   1.00 20.04 ? 25  TYR A O   1 
ATOM   182  C  CB  . TYR A 1 26  ? 14.332  1.992   7.442   1.00 21.38 ? 25  TYR A CB  1 
ATOM   183  C  CG  . TYR A 1 26  ? 14.008  2.253   5.983   1.00 18.85 ? 25  TYR A CG  1 
ATOM   184  C  CD1 . TYR A 1 26  ? 12.804  1.843   5.408   1.00 16.88 ? 25  TYR A CD1 1 
ATOM   185  C  CD2 . TYR A 1 26  ? 14.914  2.919   5.160   1.00 19.38 ? 25  TYR A CD2 1 
ATOM   186  C  CE1 . TYR A 1 26  ? 12.514  2.129   4.060   1.00 17.33 ? 25  TYR A CE1 1 
ATOM   187  C  CE2 . TYR A 1 26  ? 14.631  3.196   3.802   1.00 20.48 ? 25  TYR A CE2 1 
ATOM   188  C  CZ  . TYR A 1 26  ? 13.444  2.776   3.259   1.00 20.96 ? 25  TYR A CZ  1 
ATOM   189  O  OH  . TYR A 1 26  ? 13.164  3.039   1.932   1.00 17.60 ? 25  TYR A OH  1 
ATOM   190  N  N   . GLN A 1 27  ? 16.238  -0.495  7.090   1.00 21.12 ? 26  GLN A N   1 
ATOM   191  C  CA  . GLN A 1 27  ? 17.043  -1.432  6.296   1.00 23.28 ? 26  GLN A CA  1 
ATOM   192  C  C   . GLN A 1 27  ? 16.631  -2.896  6.445   1.00 19.89 ? 26  GLN A C   1 
ATOM   193  O  O   . GLN A 1 27  ? 16.878  -3.717  5.554   1.00 21.26 ? 26  GLN A O   1 
ATOM   194  C  CB  . GLN A 1 27  ? 18.534  -1.289  6.616   1.00 24.11 ? 26  GLN A CB  1 
ATOM   195  C  CG  . GLN A 1 27  ? 18.940  -1.634  8.033   1.00 26.42 ? 26  GLN A CG  1 
ATOM   196  C  CD  . GLN A 1 27  ? 20.438  -1.355  8.318   1.00 27.02 ? 26  GLN A CD  1 
ATOM   197  O  OE1 . GLN A 1 27  ? 21.155  -0.788  7.502   1.00 38.35 ? 26  GLN A OE1 1 
ATOM   198  N  NE2 . GLN A 1 27  ? 20.874  -1.735  9.493   1.00 32.73 ? 26  GLN A NE2 1 
ATOM   199  N  N   . ASP A 1 28  ? 16.017  -3.214  7.577   1.00 21.06 ? 27  ASP A N   1 
ATOM   200  C  CA  . ASP A 1 28  ? 15.659  -4.574  7.930   1.00 21.44 ? 27  ASP A CA  1 
ATOM   201  C  C   . ASP A 1 28  ? 14.190  -4.852  7.714   1.00 22.53 ? 27  ASP A C   1 
ATOM   202  O  O   . ASP A 1 28  ? 13.730  -5.932  8.055   1.00 20.45 ? 27  ASP A O   1 
ATOM   203  C  CB  . ASP A 1 28  ? 15.991  -4.827  9.414   1.00 21.88 ? 27  ASP A CB  1 
ATOM   204  C  CG  . ASP A 1 28  ? 17.460  -4.806  9.682   1.00 22.69 ? 27  ASP A CG  1 
ATOM   205  O  OD1 . ASP A 1 28  ? 18.188  -5.347  8.827   1.00 22.70 ? 27  ASP A OD1 1 
ATOM   206  O  OD2 . ASP A 1 28  ? 17.859  -4.236  10.711  1.00 24.54 ? 27  ASP A OD2 1 
ATOM   207  N  N   . CYS A 1 29  ? 13.448  -3.867  7.204   1.00 20.60 ? 28  CYS A N   1 
ATOM   208  C  CA  . CYS A 1 29  ? 11.987  -3.957  7.072   1.00 19.96 ? 28  CYS A CA  1 
ATOM   209  C  C   . CYS A 1 29  ? 11.543  -3.550  5.646   1.00 19.63 ? 28  CYS A C   1 
ATOM   210  O  O   . CYS A 1 29  ? 11.602  -4.376  4.735   1.00 18.81 ? 28  CYS A O   1 
ATOM   211  C  CB  . CYS A 1 29  ? 11.287  -3.132  8.180   1.00 19.13 ? 28  CYS A CB  1 
ATOM   212  S  SG  . CYS A 1 29  ? 9.482   -3.345  8.282   1.00 19.96 ? 28  CYS A SG  1 
ATOM   213  N  N   . CYS A 1 30  ? 11.170  -2.268  5.429   1.00 16.32 ? 29  CYS A N   1 
ATOM   214  C  CA  . CYS A 1 30  ? 10.590  -1.852  4.158   1.00 17.07 ? 29  CYS A CA  1 
ATOM   215  C  C   . CYS A 1 30  ? 11.636  -1.536  3.070   1.00 15.33 ? 29  CYS A C   1 
ATOM   216  O  O   . CYS A 1 30  ? 11.323  -1.581  1.871   1.00 14.75 ? 29  CYS A O   1 
ATOM   217  C  CB  . CYS A 1 30  ? 9.701   -0.634  4.423   1.00 18.76 ? 29  CYS A CB  1 
ATOM   218  S  SG  . CYS A 1 30  ? 8.088   -1.016  5.243   1.00 18.18 ? 29  CYS A SG  1 
ATOM   219  N  N   . GLN A 1 31  ? 12.871  -1.181  3.473   1.00 17.92 ? 30  GLN A N   1 
ATOM   220  C  CA  . GLN A 1 31  ? 13.835  -0.661  2.498   1.00 18.03 ? 30  GLN A CA  1 
ATOM   221  C  C   . GLN A 1 31  ? 14.099  -1.647  1.345   1.00 18.87 ? 30  GLN A C   1 
ATOM   222  O  O   . GLN A 1 31  ? 14.153  -1.244  0.216   1.00 18.35 ? 30  GLN A O   1 
ATOM   223  C  CB  . GLN A 1 31  ? 15.147  -0.250  3.170   1.00 19.74 ? 30  GLN A CB  1 
ATOM   224  C  CG  . GLN A 1 31  ? 16.077  0.399   2.206   1.00 21.58 ? 30  GLN A CG  1 
ATOM   225  C  CD  . GLN A 1 31  ? 17.348  0.877   2.875   1.00 24.26 ? 30  GLN A CD  1 
ATOM   226  O  OE1 . GLN A 1 31  ? 17.540  0.724   4.079   1.00 28.73 ? 30  GLN A OE1 1 
ATOM   227  N  NE2 . GLN A 1 31  ? 18.211  1.466   2.089   1.00 30.04 ? 30  GLN A NE2 1 
ATOM   228  N  N   . PRO A 1 32  ? 14.249  -2.963  1.628   1.00 17.77 ? 31  PRO A N   1 
ATOM   229  C  CA  . PRO A 1 32  ? 14.450  -3.888  0.502   1.00 19.08 ? 31  PRO A CA  1 
ATOM   230  C  C   . PRO A 1 32  ? 13.363  -3.858  -0.605  1.00 17.82 ? 31  PRO A C   1 
ATOM   231  O  O   . PRO A 1 32  ? 13.653  -4.073  -1.788  1.00 17.28 ? 31  PRO A O   1 
ATOM   232  C  CB  . PRO A 1 32  ? 14.498  -5.267  1.198   1.00 20.39 ? 31  PRO A CB  1 
ATOM   233  C  CG  . PRO A 1 32  ? 14.937  -4.948  2.590   1.00 21.80 ? 31  PRO A CG  1 
ATOM   234  C  CD  . PRO A 1 32  ? 14.274  -3.654  2.930   1.00 19.08 ? 31  PRO A CD  1 
ATOM   235  N  N   . TYR A 1 33  ? 12.130  -3.585  -0.196  1.00 17.08 ? 32  TYR A N   1 
ATOM   236  C  CA  . TYR A 1 33  ? 10.989  -3.581  -1.071  1.00 18.43 ? 32  TYR A CA  1 
ATOM   237  C  C   . TYR A 1 33  ? 11.029  -2.298  -1.863  1.00 17.74 ? 32  TYR A C   1 
ATOM   238  O  O   . TYR A 1 33  ? 10.778  -2.307  -3.054  1.00 16.57 ? 32  TYR A O   1 
ATOM   239  C  CB  . TYR A 1 33  ? 9.695   -3.766  -0.256  1.00 18.25 ? 32  TYR A CB  1 
ATOM   240  C  CG  . TYR A 1 33  ? 9.723   -5.099  0.410   1.00 17.95 ? 32  TYR A CG  1 
ATOM   241  C  CD1 . TYR A 1 33  ? 9.380   -6.242  -0.297  1.00 22.35 ? 32  TYR A CD1 1 
ATOM   242  C  CD2 . TYR A 1 33  ? 10.199  -5.247  1.688   1.00 18.02 ? 32  TYR A CD2 1 
ATOM   243  C  CE1 . TYR A 1 33  ? 9.477   -7.476  0.267   1.00 22.31 ? 32  TYR A CE1 1 
ATOM   244  C  CE2 . TYR A 1 33  ? 10.338  -6.494  2.266   1.00 23.77 ? 32  TYR A CE2 1 
ATOM   245  C  CZ  . TYR A 1 33  ? 9.974   -7.606  1.537   1.00 25.98 ? 32  TYR A CZ  1 
ATOM   246  O  OH  . TYR A 1 33  ? 10.056  -8.864  2.083   1.00 29.21 ? 32  TYR A OH  1 
ATOM   247  N  N   . HIS A 1 34  ? 11.295  -1.178  -1.208  1.00 17.51 ? 33  HIS A N   1 
ATOM   248  C  CA  . HIS A 1 34  ? 11.346  0.083   -1.942  1.00 16.28 ? 33  HIS A CA  1 
ATOM   249  C  C   . HIS A 1 34  ? 12.505  -0.023  -2.980  1.00 16.49 ? 33  HIS A C   1 
ATOM   250  O  O   . HIS A 1 34  ? 12.348  0.241   -4.162  1.00 20.59 ? 33  HIS A O   1 
ATOM   251  C  CB  . HIS A 1 34  ? 11.625  1.239   -1.009  1.00 18.02 ? 33  HIS A CB  1 
ATOM   252  C  CG  . HIS A 1 34  ? 10.510  1.535   -0.057  1.00 14.90 ? 33  HIS A CG  1 
ATOM   253  N  ND1 . HIS A 1 34  ? 10.688  2.240   1.116   1.00 15.91 ? 33  HIS A ND1 1 
ATOM   254  C  CD2 . HIS A 1 34  ? 9.222   1.141   -0.061  1.00 12.47 ? 33  HIS A CD2 1 
ATOM   255  C  CE1 . HIS A 1 34  ? 9.527   2.335   1.739   1.00 23.03 ? 33  HIS A CE1 1 
ATOM   256  N  NE2 . HIS A 1 34  ? 8.619   1.674   1.039   1.00 16.30 ? 33  HIS A NE2 1 
ATOM   257  N  N   . ASP A 1 35  ? 13.672  -0.414  -2.503  1.00 18.93 ? 34  ASP A N   1 
ATOM   258  C  CA  . ASP A 1 35  ? 14.851  -0.499  -3.396  1.00 20.23 ? 34  ASP A CA  1 
ATOM   259  C  C   . ASP A 1 35  ? 14.642  -1.502  -4.529  1.00 22.03 ? 34  ASP A C   1 
ATOM   260  O  O   . ASP A 1 35  ? 15.123  -1.313  -5.649  1.00 23.82 ? 34  ASP A O   1 
ATOM   261  C  CB  . ASP A 1 35  ? 16.091  -0.839  -2.553  1.00 21.82 ? 34  ASP A CB  1 
ATOM   262  C  CG  . ASP A 1 35  ? 16.574  0.335   -1.708  1.00 25.97 ? 34  ASP A CG  1 
ATOM   263  O  OD1 . ASP A 1 35  ? 16.038  1.463   -1.826  1.00 25.76 ? 34  ASP A OD1 1 
ATOM   264  O  OD2 . ASP A 1 35  ? 17.496  0.122   -0.894  1.00 25.24 ? 34  ASP A OD2 1 
ATOM   265  N  N   . GLY A 1 36  ? 13.924  -2.572  -4.229  1.00 24.25 ? 35  GLY A N   1 
ATOM   266  C  CA  . GLY A 1 36  ? 13.680  -3.652  -5.171  1.00 24.21 ? 35  GLY A CA  1 
ATOM   267  C  C   . GLY A 1 36  ? 12.870  -3.233  -6.377  1.00 26.60 ? 35  GLY A C   1 
ATOM   268  O  O   . GLY A 1 36  ? 13.236  -3.536  -7.512  1.00 26.98 ? 35  GLY A O   1 
ATOM   269  N  N   . LEU A 1 37  ? 11.771  -2.532  -6.118  1.00 26.56 ? 36  LEU A N   1 
ATOM   270  C  CA  . LEU A 1 37  ? 10.885  -2.042  -7.171  1.00 30.87 ? 36  LEU A CA  1 
ATOM   271  C  C   . LEU A 1 37  ? 11.586  -0.937  -7.952  1.00 31.99 ? 36  LEU A C   1 
ATOM   272  O  O   . LEU A 1 37  ? 11.390  -0.816  -9.169  1.00 33.53 ? 36  LEU A O   1 
ATOM   273  C  CB  . LEU A 1 37  ? 9.563   -1.536  -6.586  1.00 31.44 ? 36  LEU A CB  1 
ATOM   274  C  CG  . LEU A 1 37  ? 8.279   -1.834  -7.361  1.00 36.05 ? 36  LEU A CG  1 
ATOM   275  C  CD1 . LEU A 1 37  ? 8.214   -3.295  -7.768  1.00 38.10 ? 36  LEU A CD1 1 
ATOM   276  C  CD2 . LEU A 1 37  ? 7.061   -1.477  -6.516  1.00 32.59 ? 36  LEU A CD2 1 
ATOM   277  N  N   . TYR A 1 38  ? 12.430  -0.166  -7.265  1.00 30.11 ? 37  TYR A N   1 
ATOM   278  C  CA  . TYR A 1 38  ? 13.166  0.912   -7.924  1.00 33.81 ? 37  TYR A CA  1 
ATOM   279  C  C   . TYR A 1 38  ? 14.189  0.366   -8.932  1.00 35.04 ? 37  TYR A C   1 
ATOM   280  O  O   . TYR A 1 38  ? 14.366  0.942   -10.008 1.00 36.11 ? 37  TYR A O   1 
ATOM   281  C  CB  . TYR A 1 38  ? 13.848  1.822   -6.890  1.00 35.96 ? 37  TYR A CB  1 
ATOM   282  C  CG  . TYR A 1 38  ? 14.714  2.882   -7.519  1.00 39.33 ? 37  TYR A CG  1 
ATOM   283  C  CD1 . TYR A 1 38  ? 14.178  4.121   -7.869  1.00 46.11 ? 37  TYR A CD1 1 
ATOM   284  C  CD2 . TYR A 1 38  ? 16.061  2.636   -7.808  1.00 42.68 ? 37  TYR A CD2 1 
ATOM   285  C  CE1 . TYR A 1 38  ? 14.974  5.103   -8.474  1.00 47.72 ? 37  TYR A CE1 1 
ATOM   286  C  CE2 . TYR A 1 38  ? 16.865  3.613   -8.425  1.00 44.95 ? 37  TYR A CE2 1 
ATOM   287  C  CZ  . TYR A 1 38  ? 16.315  4.841   -8.744  1.00 43.29 ? 37  TYR A CZ  1 
ATOM   288  O  OH  . TYR A 1 38  ? 17.081  5.818   -9.340  1.00 42.80 ? 37  TYR A OH  1 
ATOM   289  N  N   . ASN A 1 39  ? 14.844  -0.742  -8.598  1.00 36.21 ? 38  ASN A N   1 
ATOM   290  C  CA  . ASN A 1 39  ? 15.908  -1.290  -9.450  1.00 39.07 ? 38  ASN A CA  1 
ATOM   291  C  C   . ASN A 1 39  ? 15.532  -2.484  -10.315 1.00 40.96 ? 38  ASN A C   1 
ATOM   292  O  O   . ASN A 1 39  ? 16.323  -2.901  -11.153 1.00 41.48 ? 38  ASN A O   1 
ATOM   293  C  CB  . ASN A 1 39  ? 17.082  -1.710  -8.579  1.00 39.77 ? 38  ASN A CB  1 
ATOM   294  C  CG  . ASN A 1 39  ? 17.832  -0.534  -8.034  1.00 42.84 ? 38  ASN A CG  1 
ATOM   295  O  OD1 . ASN A 1 39  ? 17.861  -0.308  -6.819  1.00 46.00 ? 38  ASN A OD1 1 
ATOM   296  N  ND2 . ASN A 1 39  ? 18.442  0.239   -8.928  1.00 43.48 ? 38  ASN A ND2 1 
ATOM   297  N  N   . GLN A 1 40  ? 14.360  -3.069  -10.094 1.00 43.64 ? 39  GLN A N   1 
ATOM   298  C  CA  . GLN A 1 40  ? 14.018  -4.327  -10.748 1.00 45.57 ? 39  GLN A CA  1 
ATOM   299  C  C   . GLN A 1 40  ? 12.630  -4.224  -11.365 1.00 46.70 ? 39  GLN A C   1 
ATOM   300  O  O   . GLN A 1 40  ? 11.643  -4.062  -10.644 1.00 49.33 ? 39  GLN A O   1 
ATOM   301  C  CB  . GLN A 1 40  ? 14.093  -5.492  -9.741  1.00 45.94 ? 39  GLN A CB  1 
ATOM   302  C  CG  . GLN A 1 40  ? 15.274  -5.439  -8.760  1.00 48.02 ? 39  GLN A CG  1 
ATOM   303  N  N   . ALA A 1 47  ? 12.755  -10.899 -8.421  1.00 41.56 ? 46  ALA A N   1 
ATOM   304  C  CA  . ALA A 1 47  ? 12.157  -9.635  -7.981  1.00 39.41 ? 46  ALA A CA  1 
ATOM   305  C  C   . ALA A 1 47  ? 11.612  -9.748  -6.563  1.00 37.80 ? 46  ALA A C   1 
ATOM   306  O  O   . ALA A 1 47  ? 10.655  -10.510 -6.318  1.00 40.59 ? 46  ALA A O   1 
ATOM   307  C  CB  . ALA A 1 47  ? 11.047  -9.220  -8.929  1.00 39.50 ? 46  ALA A CB  1 
ATOM   308  N  N   . ILE A 1 48  ? 12.220  -8.989  -5.646  1.00 32.21 ? 47  ILE A N   1 
ATOM   309  C  CA  . ILE A 1 48  ? 11.754  -8.871  -4.261  1.00 31.42 ? 47  ILE A CA  1 
ATOM   310  C  C   . ILE A 1 48  ? 10.413  -8.135  -4.260  1.00 30.59 ? 47  ILE A C   1 
ATOM   311  O  O   . ILE A 1 48  ? 10.338  -7.025  -4.763  1.00 33.11 ? 47  ILE A O   1 
ATOM   312  C  CB  . ILE A 1 48  ? 12.778  -8.118  -3.361  1.00 32.27 ? 47  ILE A CB  1 
ATOM   313  C  CG1 . ILE A 1 48  ? 12.253  -7.990  -1.939  1.00 29.38 ? 47  ILE A CG1 1 
ATOM   314  C  CG2 . ILE A 1 48  ? 13.077  -6.739  -3.908  1.00 39.37 ? 47  ILE A CG2 1 
ATOM   315  C  CD1 . ILE A 1 48  ? 13.228  -7.367  -0.990  1.00 34.66 ? 47  ILE A CD1 1 
ATOM   316  N  N   . ARG A 1 49  ? 9.356   -8.784  -3.761  1.00 29.45 ? 48  ARG A N   1 
ATOM   317  C  CA  . ARG A 1 49  ? 8.009   -8.176  -3.696  1.00 28.98 ? 48  ARG A CA  1 
ATOM   318  C  C   . ARG A 1 49  ? 7.305   -8.550  -2.410  1.00 25.08 ? 48  ARG A C   1 
ATOM   319  O  O   . ARG A 1 49  ? 7.540   -9.604  -1.884  1.00 23.93 ? 48  ARG A O   1 
ATOM   320  C  CB  . ARG A 1 49  ? 7.143   -8.594  -4.904  1.00 29.41 ? 48  ARG A CB  1 
ATOM   321  C  CG  . ARG A 1 49  ? 7.001   -10.103 -5.111  1.00 34.57 ? 48  ARG A CG  1 
ATOM   322  C  CD  . ARG A 1 49  ? 6.651   -10.450 -6.592  1.00 33.33 ? 48  ARG A CD  1 
ATOM   323  N  N   . ALA A 1 50  ? 6.452   -7.666  -1.913  1.00 23.31 ? 49  ALA A N   1 
ATOM   324  C  CA  . ALA A 1 50  ? 5.671   -7.920  -0.700  1.00 23.75 ? 49  ALA A CA  1 
ATOM   325  C  C   . ALA A 1 50  ? 4.930   -9.220  -0.842  1.00 23.39 ? 49  ALA A C   1 
ATOM   326  O  O   . ALA A 1 50  ? 4.330   -9.487  -1.883  1.00 24.65 ? 49  ALA A O   1 
ATOM   327  C  CB  . ALA A 1 50  ? 4.704   -6.763  -0.425  1.00 23.23 ? 49  ALA A CB  1 
ATOM   328  N  N   . ASP A 1 51  ? 4.986   -10.067 0.190   1.00 24.98 ? 50  ASP A N   1 
ATOM   329  C  CA  . ASP A 1 51  ? 4.379   -11.397 0.114   1.00 25.86 ? 50  ASP A CA  1 
ATOM   330  C  C   . ASP A 1 51  ? 2.862   -11.394 0.386   1.00 26.15 ? 50  ASP A C   1 
ATOM   331  O  O   . ASP A 1 51  ? 2.118   -12.245 -0.134  1.00 26.38 ? 50  ASP A O   1 
ATOM   332  C  CB  . ASP A 1 51  ? 5.111   -12.339 1.082   1.00 30.44 ? 50  ASP A CB  1 
ATOM   333  C  CG  . ASP A 1 51  ? 4.730   -13.815 0.879   1.00 33.13 ? 50  ASP A CG  1 
ATOM   334  N  N   . THR A 1 52  ? 2.386   -10.405 1.142   1.00 22.80 ? 51  THR A N   1 
ATOM   335  C  CA  . THR A 1 52  ? 0.987   -10.351 1.530   1.00 22.95 ? 51  THR A CA  1 
ATOM   336  C  C   . THR A 1 52  ? 0.486   -8.919  1.339   1.00 20.10 ? 51  THR A C   1 
ATOM   337  O  O   . THR A 1 52  ? 1.309   -8.000  1.266   1.00 20.51 ? 51  THR A O   1 
ATOM   338  C  CB  . THR A 1 52  ? 0.808   -10.772 3.002   1.00 22.84 ? 51  THR A CB  1 
ATOM   339  O  OG1 . THR A 1 52  ? 1.213   -9.709  3.853   1.00 25.22 ? 51  THR A OG1 1 
ATOM   340  C  CG2 . THR A 1 52  ? 1.589   -12.073 3.343   1.00 22.94 ? 51  THR A CG2 1 
ATOM   341  N  N   . ALA A 1 53  ? -0.839  -8.721  1.307   1.00 18.79 ? 52  ALA A N   1 
ATOM   342  C  CA  . ALA A 1 53  ? -1.426  -7.363  1.262   1.00 20.39 ? 52  ALA A CA  1 
ATOM   343  C  C   . ALA A 1 53  ? -1.052  -6.485  2.488   1.00 18.99 ? 52  ALA A C   1 
ATOM   344  O  O   . ALA A 1 53  ? -0.787  -5.284  2.358   1.00 18.61 ? 52  ALA A O   1 
ATOM   345  C  CB  . ALA A 1 53  ? -2.953  -7.465  1.092   1.00 22.61 ? 52  ALA A CB  1 
ATOM   346  N  N   . GLU A 1 54  ? -0.988  -7.106  3.665   1.00 19.24 ? 53  GLU A N   1 
ATOM   347  C  CA  . GLU A 1 54  ? -0.604  -6.383  4.876   1.00 23.37 ? 53  GLU A CA  1 
ATOM   348  C  C   . GLU A 1 54  ? 0.830   -5.840  4.727   1.00 20.13 ? 53  GLU A C   1 
ATOM   349  O  O   . GLU A 1 54  ? 1.094   -4.663  4.999   1.00 20.61 ? 53  GLU A O   1 
ATOM   350  C  CB  . GLU A 1 54  ? -0.745  -7.214  6.161   1.00 25.87 ? 53  GLU A CB  1 
ATOM   351  C  CG  . GLU A 1 54  ? -0.179  -6.386  7.340   1.00 28.94 ? 53  GLU A CG  1 
ATOM   352  C  CD  . GLU A 1 54  ? -0.102  -7.121  8.621   1.00 35.52 ? 53  GLU A CD  1 
ATOM   353  O  OE1 . GLU A 1 54  ? -0.813  -8.137  8.764   1.00 40.21 ? 53  GLU A OE1 1 
ATOM   354  O  OE2 . GLU A 1 54  ? 0.668   -6.646  9.491   1.00 47.02 ? 53  GLU A OE2 1 
ATOM   355  N  N   . HIS A 1 55  ? 1.726   -6.681  4.234   1.00 19.81 ? 54  HIS A N   1 
ATOM   356  C  CA  A HIS A 1 55  ? 3.126   -6.303  3.980   0.38 20.31 ? 54  HIS A CA  1 
ATOM   357  C  CA  C HIS A 1 55  ? 3.084   -6.268  4.011   0.62 20.25 ? 54  HIS A CA  1 
ATOM   358  C  C   . HIS A 1 55  ? 3.142   -5.192  2.938   1.00 20.54 ? 54  HIS A C   1 
ATOM   359  O  O   . HIS A 1 55  ? 3.838   -4.190  3.104   1.00 19.40 ? 54  HIS A O   1 
ATOM   360  C  CB  A HIS A 1 55  ? 3.999   -7.462  3.446   0.38 22.47 ? 54  HIS A CB  1 
ATOM   361  C  CB  C HIS A 1 55  ? 3.901   -7.487  3.660   0.62 22.76 ? 54  HIS A CB  1 
ATOM   362  C  CG  A HIS A 1 55  ? 4.180   -8.632  4.377   0.38 21.44 ? 54  HIS A CG  1 
ATOM   363  C  CG  C HIS A 1 55  ? 5.363   -7.247  3.672   0.62 20.98 ? 54  HIS A CG  1 
ATOM   364  N  ND1 A HIS A 1 55  ? 4.039   -8.557  5.745   0.38 28.96 ? 54  HIS A ND1 1 
ATOM   365  N  ND1 C HIS A 1 55  ? 6.268   -8.191  3.245   0.62 36.51 ? 54  HIS A ND1 1 
ATOM   366  C  CD2 A HIS A 1 55  ? 4.563   -9.905  4.112   0.38 22.05 ? 54  HIS A CD2 1 
ATOM   367  C  CD2 C HIS A 1 55  ? 6.085   -6.165  4.051   0.62 17.85 ? 54  HIS A CD2 1 
ATOM   368  C  CE1 A HIS A 1 55  ? 4.291   -9.742  6.278   0.38 28.61 ? 54  HIS A CE1 1 
ATOM   369  C  CE1 C HIS A 1 55  ? 7.490   -7.709  3.388   0.62 30.44 ? 54  HIS A CE1 1 
ATOM   370  N  NE2 A HIS A 1 55  ? 4.613   -10.579 5.307   0.38 22.53 ? 54  HIS A NE2 1 
ATOM   371  N  NE2 C HIS A 1 55  ? 7.405   -6.479  3.861   0.62 29.17 ? 54  HIS A NE2 1 
ATOM   372  N  N   . LEU A 1 56  ? 2.370   -5.339  1.847   1.00 19.11 ? 55  LEU A N   1 
ATOM   373  C  CA  . LEU A 1 56  ? 2.337   -4.251  0.871   1.00 19.53 ? 55  LEU A CA  1 
ATOM   374  C  C   . LEU A 1 56  ? 1.883   -2.901  1.458   1.00 20.11 ? 55  LEU A C   1 
ATOM   375  O  O   . LEU A 1 56  ? 2.519   -1.864  1.235   1.00 20.62 ? 55  LEU A O   1 
ATOM   376  C  CB  . LEU A 1 56  ? 1.494   -4.610  -0.366  1.00 17.87 ? 55  LEU A CB  1 
ATOM   377  C  CG  . LEU A 1 56  ? 1.579   -3.607  -1.546  1.00 20.68 ? 55  LEU A CG  1 
ATOM   378  C  CD1 . LEU A 1 56  ? 3.009   -3.635  -2.190  1.00 26.69 ? 55  LEU A CD1 1 
ATOM   379  C  CD2 . LEU A 1 56  ? 0.478   -3.826  -2.578  1.00 22.11 ? 55  LEU A CD2 1 
HETATM 380  N  N   . MSE A 1 57  ? 0.818   -2.941  2.255   1.00 21.25 ? 56  MSE A N   1 
HETATM 381  C  CA  A MSE A 1 57  ? 0.287   -1.722  2.830   0.50 20.40 ? 56  MSE A CA  1 
HETATM 382  C  CA  B MSE A 1 57  ? 0.259   -1.760  2.864   0.50 20.78 ? 56  MSE A CA  1 
HETATM 383  C  C   . MSE A 1 57  ? 1.315   -1.061  3.734   1.00 21.04 ? 56  MSE A C   1 
HETATM 384  O  O   . MSE A 1 57  ? 1.446   0.169   3.712   1.00 20.48 ? 56  MSE A O   1 
HETATM 385  C  CB  A MSE A 1 57  ? -1.019  -1.973  3.573   0.50 20.69 ? 56  MSE A CB  1 
HETATM 386  C  CB  B MSE A 1 57  ? -0.981  -2.187  3.651   0.50 21.76 ? 56  MSE A CB  1 
HETATM 387  C  CG  A MSE A 1 57  ? -1.791  -0.706  3.972   0.50 20.15 ? 56  MSE A CG  1 
HETATM 388  C  CG  B MSE A 1 57  ? -1.788  -1.085  4.275   0.50 24.06 ? 56  MSE A CG  1 
HETATM 389  SE SE  A MSE A 1 57  ? -2.120  0.524   2.512   0.37 14.25 ? 56  MSE A SE  1 
HETATM 390  SE SE  B MSE A 1 57  ? -0.995  -0.409  5.907   0.38 32.02 ? 56  MSE A SE  1 
HETATM 391  C  CE  A MSE A 1 57  ? -4.002  0.759   2.638   0.50 38.66 ? 56  MSE A CE  1 
HETATM 392  C  CE  B MSE A 1 57  ? -0.396  -2.056  6.725   0.50 31.22 ? 56  MSE A CE  1 
ATOM   393  N  N   . ARG A 1 58  ? 2.066   -1.851  4.520   1.00 20.07 ? 57  ARG A N   1 
ATOM   394  C  CA  A ARG A 1 58  ? 3.147   -1.290  5.354   0.50 18.64 ? 57  ARG A CA  1 
ATOM   395  C  CA  B ARG A 1 58  ? 3.136   -1.284  5.360   0.50 20.42 ? 57  ARG A CA  1 
ATOM   396  C  C   . ARG A 1 58  ? 4.188   -0.595  4.513   1.00 20.24 ? 57  ARG A C   1 
ATOM   397  O  O   . ARG A 1 58  ? 4.609   0.530   4.816   1.00 18.72 ? 57  ARG A O   1 
ATOM   398  C  CB  A ARG A 1 58  ? 3.823   -2.376  6.186   0.50 19.44 ? 57  ARG A CB  1 
ATOM   399  C  CB  B ARG A 1 58  ? 3.776   -2.358  6.250   0.50 20.92 ? 57  ARG A CB  1 
ATOM   400  C  CG  A ARG A 1 58  ? 3.002   -2.797  7.348   0.50 15.82 ? 57  ARG A CG  1 
ATOM   401  C  CG  B ARG A 1 58  ? 2.814   -2.905  7.270   0.50 20.95 ? 57  ARG A CG  1 
ATOM   402  C  CD  A ARG A 1 58  ? 3.569   -4.057  7.976   0.50 19.18 ? 57  ARG A CD  1 
ATOM   403  C  CD  B ARG A 1 58  ? 3.499   -3.574  8.455   0.50 25.27 ? 57  ARG A CD  1 
ATOM   404  N  NE  A ARG A 1 58  ? 2.840   -4.464  9.174   0.50 17.73 ? 57  ARG A NE  1 
ATOM   405  N  NE  B ARG A 1 58  ? 3.731   -5.000  8.270   0.50 30.61 ? 57  ARG A NE  1 
ATOM   406  C  CZ  A ARG A 1 58  ? 2.975   -3.907  10.379  0.50 20.91 ? 57  ARG A CZ  1 
ATOM   407  C  CZ  B ARG A 1 58  ? 4.863   -5.542  7.826   0.50 28.48 ? 57  ARG A CZ  1 
ATOM   408  N  NH1 A ARG A 1 58  ? 3.810   -2.888  10.599  0.50 21.77 ? 57  ARG A NH1 1 
ATOM   409  N  NH1 B ARG A 1 58  ? 5.894   -4.769  7.458   0.50 26.02 ? 57  ARG A NH1 1 
ATOM   410  N  NH2 A ARG A 1 58  ? 2.262   -4.387  11.389  0.50 27.11 ? 57  ARG A NH2 1 
ATOM   411  N  NH2 B ARG A 1 58  ? 4.954   -6.881  7.743   0.50 26.49 ? 57  ARG A NH2 1 
ATOM   412  N  N   . THR A 1 59  ? 4.625   -1.268  3.455   1.00 17.71 ? 58  THR A N   1 
ATOM   413  C  CA  . THR A 1 59  ? 5.621   -0.640  2.535   1.00 18.56 ? 58  THR A CA  1 
ATOM   414  C  C   . THR A 1 59  ? 5.073   0.635   1.897   1.00 19.10 ? 58  THR A C   1 
ATOM   415  O  O   . THR A 1 59  ? 5.827   1.574   1.679   1.00 18.11 ? 58  THR A O   1 
ATOM   416  C  CB  . THR A 1 59  ? 6.153   -1.626  1.428   1.00 19.68 ? 58  THR A CB  1 
ATOM   417  O  OG1 . THR A 1 59  ? 5.064   -2.002  0.541   1.00 18.34 ? 58  THR A OG1 1 
ATOM   418  C  CG2 . THR A 1 59  ? 6.837   -2.856  2.077   1.00 19.84 ? 58  THR A CG2 1 
ATOM   419  N  N   . ARG A 1 60  ? 3.782   0.680   1.585   1.00 18.85 ? 59  ARG A N   1 
ATOM   420  C  CA  . ARG A 1 60  ? 3.209   1.931   1.046   1.00 20.40 ? 59  ARG A CA  1 
ATOM   421  C  C   . ARG A 1 60  ? 3.215   3.082   2.072   1.00 18.57 ? 59  ARG A C   1 
ATOM   422  O  O   . ARG A 1 60  ? 3.595   4.190   1.780   1.00 20.06 ? 59  ARG A O   1 
ATOM   423  C  CB  . ARG A 1 60  ? 1.826   1.685   0.445   1.00 19.32 ? 59  ARG A CB  1 
ATOM   424  C  CG  . ARG A 1 60  ? 1.798   0.775   -0.807  1.00 19.69 ? 59  ARG A CG  1 
ATOM   425  C  CD  . ARG A 1 60  ? 0.335   0.477   -1.227  1.00 19.19 ? 59  ARG A CD  1 
ATOM   426  N  NE  . ARG A 1 60  ? -0.496  1.692   -1.371  1.00 20.41 ? 59  ARG A NE  1 
ATOM   427  C  CZ  . ARG A 1 60  ? -0.526  2.485   -2.438  1.00 19.83 ? 59  ARG A CZ  1 
ATOM   428  N  NH1 . ARG A 1 60  ? 0.218   2.209   -3.506  1.00 21.59 ? 59  ARG A NH1 1 
ATOM   429  N  NH2 . ARG A 1 60  ? -1.319  3.555   -2.431  1.00 21.79 ? 59  ARG A NH2 1 
ATOM   430  N  N   . TYR A 1 61  ? 2.776   2.786   3.290   1.00 20.03 ? 60  TYR A N   1 
ATOM   431  C  CA  . TYR A 1 61  ? 2.846   3.750   4.386   1.00 18.49 ? 60  TYR A CA  1 
ATOM   432  C  C   . TYR A 1 61  ? 4.272   4.322   4.541   1.00 18.77 ? 60  TYR A C   1 
ATOM   433  O  O   . TYR A 1 61  ? 4.476   5.520   4.586   1.00 19.30 ? 60  TYR A O   1 
ATOM   434  C  CB  . TYR A 1 61  ? 2.392   3.098   5.703   1.00 19.56 ? 60  TYR A CB  1 
ATOM   435  C  CG  . TYR A 1 61  ? 2.633   4.039   6.840   1.00 20.02 ? 60  TYR A CG  1 
ATOM   436  C  CD1 . TYR A 1 61  ? 1.774   5.066   7.080   1.00 21.45 ? 60  TYR A CD1 1 
ATOM   437  C  CD2 . TYR A 1 61  ? 3.775   3.928   7.624   1.00 19.81 ? 60  TYR A CD2 1 
ATOM   438  C  CE1 . TYR A 1 61  ? 2.017   6.013   8.094   1.00 23.03 ? 60  TYR A CE1 1 
ATOM   439  C  CE2 . TYR A 1 61  ? 4.049   4.848   8.621   1.00 22.10 ? 60  TYR A CE2 1 
ATOM   440  C  CZ  . TYR A 1 61  ? 3.159   5.909   8.855   1.00 20.56 ? 60  TYR A CZ  1 
ATOM   441  O  OH  . TYR A 1 61  ? 3.395   6.824   9.861   1.00 20.77 ? 60  TYR A OH  1 
ATOM   442  N  N   . SER A 1 62  ? 5.254   3.434   4.576   1.00 20.42 ? 61  SER A N   1 
ATOM   443  C  CA  . SER A 1 62  ? 6.668   3.859   4.707   1.00 17.62 ? 61  SER A CA  1 
ATOM   444  C  C   . SER A 1 62  ? 7.107   4.694   3.498   1.00 17.87 ? 61  SER A C   1 
ATOM   445  O  O   . SER A 1 62  ? 7.896   5.633   3.650   1.00 19.37 ? 61  SER A O   1 
ATOM   446  C  CB  . SER A 1 62  ? 7.554   2.622   4.852   1.00 18.62 ? 61  SER A CB  1 
ATOM   447  O  OG  . SER A 1 62  ? 7.201   1.972   6.052   1.00 21.86 ? 61  SER A OG  1 
ATOM   448  N  N   . ALA A 1 63  ? 6.542   4.408   2.323   1.00 18.09 ? 62  ALA A N   1 
ATOM   449  C  CA  . ALA A 1 63  ? 6.832   5.216   1.121   1.00 20.17 ? 62  ALA A CA  1 
ATOM   450  C  C   . ALA A 1 63  ? 6.184   6.607   1.247   1.00 21.78 ? 62  ALA A C   1 
ATOM   451  O  O   . ALA A 1 63  ? 6.725   7.557   0.752   1.00 23.20 ? 62  ALA A O   1 
ATOM   452  C  CB  . ALA A 1 63  ? 6.362   4.472   -0.156  1.00 19.35 ? 62  ALA A CB  1 
ATOM   453  N  N   . PHE A 1 64  ? 5.037   6.719   1.915   1.00 17.93 ? 63  PHE A N   1 
ATOM   454  C  CA  . PHE A 1 64  ? 4.439   8.050   2.202   1.00 20.14 ? 63  PHE A CA  1 
ATOM   455  C  C   . PHE A 1 64  ? 5.378   8.837   3.114   1.00 19.10 ? 63  PHE A C   1 
ATOM   456  O  O   . PHE A 1 64  ? 5.792   9.967   2.819   1.00 19.97 ? 63  PHE A O   1 
ATOM   457  C  CB  . PHE A 1 64  ? 3.061   7.903   2.857   1.00 19.10 ? 63  PHE A CB  1 
ATOM   458  C  CG  . PHE A 1 64  ? 1.990   7.395   1.910   1.00 22.60 ? 63  PHE A CG  1 
ATOM   459  C  CD1 . PHE A 1 64  ? 1.896   7.944   0.638   1.00 30.99 ? 63  PHE A CD1 1 
ATOM   460  C  CD2 . PHE A 1 64  ? 1.076   6.447   2.290   1.00 37.79 ? 63  PHE A CD2 1 
ATOM   461  C  CE1 . PHE A 1 64  ? 0.923   7.525   -0.253  1.00 35.97 ? 63  PHE A CE1 1 
ATOM   462  C  CE2 . PHE A 1 64  ? 0.098   6.017   1.377   1.00 31.95 ? 63  PHE A CE2 1 
ATOM   463  C  CZ  . PHE A 1 64  ? 0.060   6.562   0.117   1.00 32.77 ? 63  PHE A CZ  1 
ATOM   464  N  N   . VAL A 1 65  ? 5.771   8.201   4.218   1.00 19.43 ? 64  VAL A N   1 
ATOM   465  C  CA  . VAL A 1 65  ? 6.586   8.878   5.226   1.00 21.43 ? 64  VAL A CA  1 
ATOM   466  C  C   . VAL A 1 65  ? 7.921   9.347   4.641   1.00 20.24 ? 64  VAL A C   1 
ATOM   467  O  O   . VAL A 1 65  ? 8.335   10.508  4.882   1.00 21.65 ? 64  VAL A O   1 
ATOM   468  C  CB  . VAL A 1 65  ? 6.834   7.953   6.443   1.00 20.74 ? 64  VAL A CB  1 
ATOM   469  C  CG1 . VAL A 1 65  ? 7.815   8.664   7.458   1.00 19.98 ? 64  VAL A CG1 1 
ATOM   470  C  CG2 . VAL A 1 65  ? 5.539   7.577   7.082   1.00 20.00 ? 64  VAL A CG2 1 
ATOM   471  N  N   . LEU A 1 66  ? 8.571   8.472   3.863   1.00 18.22 ? 65  LEU A N   1 
ATOM   472  C  CA  . LEU A 1 66  ? 9.903   8.732   3.314   1.00 20.11 ? 65  LEU A CA  1 
ATOM   473  C  C   . LEU A 1 66  ? 9.887   9.445   1.959   1.00 21.11 ? 65  LEU A C   1 
ATOM   474  O  O   . LEU A 1 66  ? 10.935  9.812   1.436   1.00 24.32 ? 65  LEU A O   1 
ATOM   475  C  CB  . LEU A 1 66  ? 10.717  7.438   3.232   1.00 24.53 ? 65  LEU A CB  1 
ATOM   476  C  CG  . LEU A 1 66  ? 10.943  6.698   4.582   1.00 20.96 ? 65  LEU A CG  1 
ATOM   477  C  CD1 . LEU A 1 66  ? 11.602  5.317   4.366   1.00 19.98 ? 65  LEU A CD1 1 
ATOM   478  C  CD2 . LEU A 1 66  ? 11.762  7.516   5.633   1.00 23.63 ? 65  LEU A CD2 1 
ATOM   479  N  N   . VAL A 1 67  ? 8.688   9.678   1.428   1.00 20.00 ? 66  VAL A N   1 
ATOM   480  C  CA  . VAL A 1 67  ? 8.441   10.467  0.174   1.00 21.40 ? 66  VAL A CA  1 
ATOM   481  C  C   . VAL A 1 67  ? 9.054   9.758   -1.044  1.00 21.06 ? 66  VAL A C   1 
ATOM   482  O  O   . VAL A 1 67  ? 9.987   10.245  -1.696  1.00 21.65 ? 66  VAL A O   1 
ATOM   483  C  CB  . VAL A 1 67  ? 8.821   11.985  0.233   1.00 22.10 ? 66  VAL A CB  1 
ATOM   484  C  CG1 . VAL A 1 67  ? 8.235   12.696  -0.995  1.00 18.62 ? 66  VAL A CG1 1 
ATOM   485  C  CG2 . VAL A 1 67  ? 8.316   12.646  1.517   1.00 20.19 ? 66  VAL A CG2 1 
ATOM   486  N  N   . LYS A 1 68  ? 8.508   8.578   -1.300  1.00 21.05 ? 67  LYS A N   1 
ATOM   487  C  CA  . LYS A 1 68  ? 8.879   7.709   -2.421  1.00 21.25 ? 67  LYS A CA  1 
ATOM   488  C  C   . LYS A 1 68  ? 7.636   7.501   -3.294  1.00 19.68 ? 67  LYS A C   1 
ATOM   489  O  O   . LYS A 1 68  ? 6.988   6.430   -3.292  1.00 20.89 ? 67  LYS A O   1 
ATOM   490  C  CB  . LYS A 1 68  ? 9.431   6.403   -1.891  1.00 21.74 ? 67  LYS A CB  1 
ATOM   491  C  CG  . LYS A 1 68  ? 10.682  6.678   -1.047  1.00 28.02 ? 67  LYS A CG  1 
ATOM   492  C  CD  . LYS A 1 68  ? 11.424  5.451   -0.719  1.00 27.94 ? 67  LYS A CD  1 
ATOM   493  C  CE  . LYS A 1 68  ? 12.636  5.797   0.126   1.00 33.43 ? 67  LYS A CE  1 
ATOM   494  N  NZ  . LYS A 1 68  ? 13.833  5.970   -0.714  1.00 36.15 ? 67  LYS A NZ  1 
ATOM   495  N  N   . PRO A 1 69  ? 7.240   8.569   -4.023  1.00 21.43 ? 68  PRO A N   1 
ATOM   496  C  CA  . PRO A 1 69  ? 5.968   8.491   -4.713  1.00 25.63 ? 68  PRO A CA  1 
ATOM   497  C  C   . PRO A 1 69  ? 5.983   7.506   -5.891  1.00 26.09 ? 68  PRO A C   1 
ATOM   498  O  O   . PRO A 1 69  ? 4.932   7.000   -6.256  1.00 22.16 ? 68  PRO A O   1 
ATOM   499  C  CB  . PRO A 1 69  ? 5.732   9.925   -5.161  1.00 25.57 ? 68  PRO A CB  1 
ATOM   500  C  CG  . PRO A 1 69  ? 7.137   10.510  -5.295  1.00 23.44 ? 68  PRO A CG  1 
ATOM   501  C  CD  . PRO A 1 69  ? 7.931   9.857   -4.234  1.00 22.84 ? 68  PRO A CD  1 
ATOM   502  N  N   . GLU A 1 70  ? 7.161   7.239   -6.468  1.00 23.50 ? 69  GLU A N   1 
ATOM   503  C  CA  . GLU A 1 70  ? 7.285   6.209   -7.494  1.00 24.37 ? 69  GLU A CA  1 
ATOM   504  C  C   . GLU A 1 70  ? 6.790   4.859   -6.979  1.00 21.60 ? 69  GLU A C   1 
ATOM   505  O  O   . GLU A 1 70  ? 6.033   4.118   -7.692  1.00 21.26 ? 69  GLU A O   1 
ATOM   506  C  CB  . GLU A 1 70  ? 8.714   6.087   -8.006  1.00 27.23 ? 69  GLU A CB  1 
ATOM   507  C  CG  . GLU A 1 70  ? 9.806   5.562   -6.990  1.00 41.42 ? 69  GLU A CG  1 
ATOM   508  C  CD  . GLU A 1 70  ? 10.126  6.483   -5.765  1.00 44.86 ? 69  GLU A CD  1 
ATOM   509  O  OE1 . GLU A 1 70  ? 10.039  7.755   -5.826  1.00 32.73 ? 69  GLU A OE1 1 
ATOM   510  O  OE2 . GLU A 1 70  ? 10.496  5.885   -4.741  1.00 47.82 ? 69  GLU A OE2 1 
ATOM   511  N  N   . TYR A 1 71  ? 7.178   4.527   -5.746  1.00 18.88 ? 70  TYR A N   1 
ATOM   512  C  CA  . TYR A 1 71  ? 6.727   3.275   -5.125  1.00 18.50 ? 70  TYR A CA  1 
ATOM   513  C  C   . TYR A 1 71  ? 5.188   3.237   -4.986  1.00 19.34 ? 70  TYR A C   1 
ATOM   514  O  O   . TYR A 1 71  ? 4.556   2.224   -5.247  1.00 18.01 ? 70  TYR A O   1 
ATOM   515  C  CB  . TYR A 1 71  ? 7.406   3.051   -3.759  1.00 20.01 ? 70  TYR A CB  1 
ATOM   516  C  CG  . TYR A 1 71  ? 7.151   1.691   -3.194  1.00 21.69 ? 70  TYR A CG  1 
ATOM   517  C  CD1 . TYR A 1 71  ? 7.902   0.607   -3.609  1.00 17.91 ? 70  TYR A CD1 1 
ATOM   518  C  CD2 . TYR A 1 71  ? 6.137   1.472   -2.259  1.00 18.08 ? 70  TYR A CD2 1 
ATOM   519  C  CE1 . TYR A 1 71  ? 7.639   -0.646  -3.131  1.00 19.14 ? 70  TYR A CE1 1 
ATOM   520  C  CE2 . TYR A 1 71  ? 5.870   0.206   -1.752  1.00 22.81 ? 70  TYR A CE2 1 
ATOM   521  C  CZ  . TYR A 1 71  ? 6.647   -0.859  -2.188  1.00 17.44 ? 70  TYR A CZ  1 
ATOM   522  O  OH  . TYR A 1 71  ? 6.433   -2.147  -1.752  1.00 20.08 ? 70  TYR A OH  1 
ATOM   523  N  N   . ILE A 1 72  ? 4.589   4.346   -4.620  1.00 21.16 ? 71  ILE A N   1 
ATOM   524  C  CA  . ILE A 1 72  ? 3.143   4.441   -4.440  1.00 21.34 ? 71  ILE A CA  1 
ATOM   525  C  C   . ILE A 1 72  ? 2.429   4.204   -5.799  1.00 20.95 ? 71  ILE A C   1 
ATOM   526  O  O   . ILE A 1 72  ? 1.473   3.442   -5.895  1.00 20.13 ? 71  ILE A O   1 
ATOM   527  C  CB  . ILE A 1 72  ? 2.736   5.834   -3.815  1.00 22.31 ? 71  ILE A CB  1 
ATOM   528  C  CG1 . ILE A 1 72  ? 3.356   5.994   -2.433  1.00 22.65 ? 71  ILE A CG1 1 
ATOM   529  C  CG2 . ILE A 1 72  ? 1.223   6.001   -3.730  1.00 21.52 ? 71  ILE A CG2 1 
ATOM   530  C  CD1 . ILE A 1 72  ? 2.918   4.894   -1.421  1.00 27.98 ? 71  ILE A CD1 1 
ATOM   531  N  N   . VAL A 1 73  ? 2.927   4.846   -6.845  1.00 20.17 ? 72  VAL A N   1 
ATOM   532  C  CA  . VAL A 1 73  ? 2.364   4.595   -8.183  1.00 19.79 ? 72  VAL A CA  1 
ATOM   533  C  C   . VAL A 1 73  ? 2.513   3.125   -8.618  1.00 19.61 ? 72  VAL A C   1 
ATOM   534  O  O   . VAL A 1 73  ? 1.527   2.488   -9.030  1.00 20.78 ? 72  VAL A O   1 
ATOM   535  C  CB  . VAL A 1 73  ? 2.979   5.495   -9.256  1.00 21.32 ? 72  VAL A CB  1 
ATOM   536  C  CG1 . VAL A 1 73  ? 2.396   5.127   -10.648 1.00 18.76 ? 72  VAL A CG1 1 
ATOM   537  C  CG2 . VAL A 1 73  ? 2.742   6.969   -8.914  1.00 17.85 ? 72  VAL A CG2 1 
ATOM   538  N  N   . LYS A 1 74  ? 3.719   2.562   -8.500  1.00 19.32 ? 73  LYS A N   1 
ATOM   539  C  CA  . LYS A 1 74  ? 4.007   1.272   -9.097  1.00 19.84 ? 73  LYS A CA  1 
ATOM   540  C  C   . LYS A 1 74  ? 3.365   0.142   -8.313  1.00 18.40 ? 73  LYS A C   1 
ATOM   541  O  O   . LYS A 1 74  ? 3.263   -0.946  -8.833  1.00 20.92 ? 73  LYS A O   1 
ATOM   542  C  CB  . LYS A 1 74  ? 5.517   1.005   -9.219  1.00 23.49 ? 73  LYS A CB  1 
ATOM   543  C  CG  . LYS A 1 74  ? 6.279   1.995   -10.127 1.00 23.73 ? 73  LYS A CG  1 
ATOM   544  C  CD  . LYS A 1 74  ? 5.951   1.787   -11.587 1.00 38.20 ? 73  LYS A CD  1 
ATOM   545  N  N   . THR A 1 75  ? 2.935   0.394   -7.077  1.00 19.33 ? 74  THR A N   1 
ATOM   546  C  CA  . THR A 1 75  ? 2.212   -0.629  -6.343  1.00 19.03 ? 74  THR A CA  1 
ATOM   547  C  C   . THR A 1 75  ? 0.689   -0.412  -6.417  1.00 17.91 ? 74  THR A C   1 
ATOM   548  O  O   . THR A 1 75  ? -0.046  -1.097  -5.689  1.00 19.59 ? 74  THR A O   1 
ATOM   549  C  CB  . THR A 1 75  ? 2.652   -0.738  -4.851  1.00 17.11 ? 74  THR A CB  1 
ATOM   550  O  OG1 . THR A 1 75  ? 2.500   0.518   -4.183  1.00 19.76 ? 74  THR A OG1 1 
ATOM   551  C  CG2 . THR A 1 75  ? 4.136   -1.215  -4.750  1.00 19.03 ? 74  THR A CG2 1 
ATOM   552  N  N   . THR A 1 76  ? 0.231   0.541   -7.234  1.00 17.73 ? 75  THR A N   1 
ATOM   553  C  CA  . THR A 1 76  ? -1.191  0.693   -7.537  1.00 17.78 ? 75  THR A CA  1 
ATOM   554  C  C   . THR A 1 76  ? -1.547  -0.168  -8.742  1.00 17.50 ? 75  THR A C   1 
ATOM   555  O  O   . THR A 1 76  ? -0.709  -0.351  -9.641  1.00 20.38 ? 75  THR A O   1 
ATOM   556  C  CB  . THR A 1 76  ? -1.518  2.158   -7.807  1.00 17.86 ? 75  THR A CB  1 
ATOM   557  O  OG1 . THR A 1 76  ? -1.130  2.916   -6.678  1.00 21.58 ? 75  THR A OG1 1 
ATOM   558  C  CG2 . THR A 1 76  ? -3.034  2.394   -8.025  1.00 17.90 ? 75  THR A CG2 1 
ATOM   559  N  N   . LEU A 1 77  ? -2.760  -0.702  -8.740  1.00 18.93 ? 76  LEU A N   1 
ATOM   560  C  CA  . LEU A 1 77  ? -3.292  -1.472  -9.874  1.00 19.72 ? 76  LEU A CA  1 
ATOM   561  C  C   . LEU A 1 77  ? -2.816  -0.861  -11.172 1.00 20.00 ? 76  LEU A C   1 
ATOM   562  O  O   . LEU A 1 77  ? -3.020  0.338   -11.375 1.00 19.02 ? 76  LEU A O   1 
ATOM   563  C  CB  . LEU A 1 77  ? -4.832  -1.478  -9.859  1.00 23.93 ? 76  LEU A CB  1 
ATOM   564  C  CG  . LEU A 1 77  ? -5.412  -2.456  -10.900 1.00 26.16 ? 76  LEU A CG  1 
ATOM   565  C  CD1 . LEU A 1 77  ? -5.220  -3.901  -10.430 1.00 29.10 ? 76  LEU A CD1 1 
ATOM   566  C  CD2 . LEU A 1 77  ? -6.879  -2.169  -11.156 1.00 27.56 ? 76  LEU A CD2 1 
ATOM   567  N  N   . PRO A 1 78  ? -2.124  -1.651  -12.034 1.00 20.38 ? 77  PRO A N   1 
ATOM   568  C  CA  . PRO A 1 78  ? -1.523  -1.057  -13.254 1.00 20.50 ? 77  PRO A CA  1 
ATOM   569  C  C   . PRO A 1 78  ? -2.497  -0.197  -14.128 1.00 19.01 ? 77  PRO A C   1 
ATOM   570  O  O   . PRO A 1 78  ? -2.112  0.857   -14.604 1.00 19.41 ? 77  PRO A O   1 
ATOM   571  C  CB  . PRO A 1 78  ? -0.969  -2.282  -13.996 1.00 21.51 ? 77  PRO A CB  1 
ATOM   572  C  CG  . PRO A 1 78  ? -0.677  -3.288  -12.896 1.00 20.77 ? 77  PRO A CG  1 
ATOM   573  C  CD  . PRO A 1 78  ? -1.794  -3.085  -11.923 1.00 21.74 ? 77  PRO A CD  1 
ATOM   574  N  N   . ALA A 1 79  ? -3.745  -0.641  -14.275 1.00 18.51 ? 78  ALA A N   1 
ATOM   575  C  CA  . ALA A 1 79  ? -4.773  0.082   -15.037 1.00 20.01 ? 78  ALA A CA  1 
ATOM   576  C  C   . ALA A 1 79  ? -5.119  1.455   -14.492 1.00 20.66 ? 78  ALA A C   1 
ATOM   577  O  O   . ALA A 1 79  ? -5.739  2.241   -15.206 1.00 20.60 ? 78  ALA A O   1 
ATOM   578  C  CB  . ALA A 1 79  ? -6.056  -0.765  -15.138 1.00 19.85 ? 78  ALA A CB  1 
ATOM   579  N  N   . GLN A 1 80  ? -4.762  1.726   -13.233 1.00 19.40 ? 79  GLN A N   1 
ATOM   580  C  CA  . GLN A 1 80  ? -5.047  3.014   -12.586 1.00 20.74 ? 79  GLN A CA  1 
ATOM   581  C  C   . GLN A 1 80  ? -3.851  3.948   -12.561 1.00 21.03 ? 79  GLN A C   1 
ATOM   582  O  O   . GLN A 1 80  ? -3.984  5.111   -12.203 1.00 23.69 ? 79  GLN A O   1 
ATOM   583  C  CB  . GLN A 1 80  ? -5.501  2.789   -11.137 1.00 20.97 ? 79  GLN A CB  1 
ATOM   584  C  CG  . GLN A 1 80  ? -6.834  2.115   -10.996 1.00 22.16 ? 79  GLN A CG  1 
ATOM   585  C  CD  . GLN A 1 80  ? -7.261  1.937   -9.556  1.00 22.61 ? 79  GLN A CD  1 
ATOM   586  O  OE1 . GLN A 1 80  ? -6.488  1.469   -8.726  1.00 21.71 ? 79  GLN A OE1 1 
ATOM   587  N  NE2 . GLN A 1 80  ? -8.495  2.323   -9.244  1.00 23.57 ? 79  GLN A NE2 1 
ATOM   588  N  N   . GLN A 1 81  ? -2.665  3.430   -12.885 1.00 22.48 ? 80  GLN A N   1 
ATOM   589  C  CA  . GLN A 1 81  ? -1.445  4.165   -12.635 1.00 19.51 ? 80  GLN A CA  1 
ATOM   590  C  C   . GLN A 1 81  ? -1.380  5.476   -13.410 1.00 22.10 ? 80  GLN A C   1 
ATOM   591  O  O   . GLN A 1 81  ? -0.987  6.475   -12.844 1.00 21.58 ? 80  GLN A O   1 
ATOM   592  C  CB  . GLN A 1 81  ? -0.218  3.320   -12.952 1.00 19.34 ? 80  GLN A CB  1 
ATOM   593  C  CG  . GLN A 1 81  ? -0.007  2.237   -11.915 1.00 17.94 ? 80  GLN A CG  1 
ATOM   594  C  CD  . GLN A 1 81  ? 1.205   1.364   -12.208 1.00 19.85 ? 80  GLN A CD  1 
ATOM   595  O  OE1 . GLN A 1 81  ? 1.975   1.666   -13.094 1.00 23.76 ? 80  GLN A OE1 1 
ATOM   596  N  NE2 . GLN A 1 81  ? 1.334   0.256   -11.498 1.00 20.01 ? 80  GLN A NE2 1 
ATOM   597  N  N   . ASP A 1 82  ? -1.785  5.453   -14.675 1.00 22.04 ? 81  ASP A N   1 
ATOM   598  C  CA  . ASP A 1 82  ? -1.861  6.674   -15.498 1.00 24.22 ? 81  ASP A CA  1 
ATOM   599  C  C   . ASP A 1 82  ? -2.909  7.688   -15.027 1.00 23.08 ? 81  ASP A C   1 
ATOM   600  O  O   . ASP A 1 82  ? -2.942  8.812   -15.516 1.00 27.06 ? 81  ASP A O   1 
ATOM   601  C  CB  . ASP A 1 82  ? -2.113  6.327   -16.970 1.00 26.84 ? 81  ASP A CB  1 
ATOM   602  C  CG  . ASP A 1 82  ? -0.904  5.705   -17.649 1.00 37.77 ? 81  ASP A CG  1 
ATOM   603  O  OD1 . ASP A 1 82  ? 0.177   5.599   -17.008 1.00 47.18 ? 81  ASP A OD1 1 
ATOM   604  O  OD2 . ASP A 1 82  ? -1.041  5.324   -18.838 1.00 49.85 ? 81  ASP A OD2 1 
ATOM   605  N  N   . LEU A 1 83  ? -3.761  7.306   -14.101 1.00 22.20 ? 82  LEU A N   1 
ATOM   606  C  CA  . LEU A 1 83  ? -4.736  8.208   -13.509 1.00 20.96 ? 82  LEU A CA  1 
ATOM   607  C  C   . LEU A 1 83  ? -4.204  8.927   -12.283 1.00 24.23 ? 82  LEU A C   1 
ATOM   608  O  O   . LEU A 1 83  ? -4.860  9.830   -11.793 1.00 27.00 ? 82  LEU A O   1 
ATOM   609  C  CB  . LEU A 1 83  ? -6.007  7.432   -13.131 1.00 22.87 ? 82  LEU A CB  1 
ATOM   610  C  CG  . LEU A 1 83  ? -6.764  6.760   -14.303 1.00 23.21 ? 82  LEU A CG  1 
ATOM   611  C  CD1 . LEU A 1 83  ? -8.034  6.092   -13.779 1.00 25.69 ? 82  LEU A CD1 1 
ATOM   612  C  CD2 . LEU A 1 83  ? -7.078  7.695   -15.428 1.00 20.61 ? 82  LEU A CD2 1 
ATOM   613  N  N   . LEU A 1 84  ? -3.031  8.528   -11.775 1.00 23.01 ? 83  LEU A N   1 
ATOM   614  C  CA  . LEU A 1 84  ? -2.441  9.158   -10.581 1.00 24.27 ? 83  LEU A CA  1 
ATOM   615  C  C   . LEU A 1 84  ? -1.591  10.358  -10.989 1.00 23.75 ? 83  LEU A C   1 
ATOM   616  O  O   . LEU A 1 84  ? -1.118  10.402  -12.105 1.00 23.74 ? 83  LEU A O   1 
ATOM   617  C  CB  . LEU A 1 84  ? -1.574  8.152   -9.824  1.00 22.28 ? 83  LEU A CB  1 
ATOM   618  C  CG  . LEU A 1 84  ? -2.250  6.856   -9.403  1.00 26.79 ? 83  LEU A CG  1 
ATOM   619  C  CD1 . LEU A 1 84  ? -1.207  5.876   -8.867  1.00 23.89 ? 83  LEU A CD1 1 
ATOM   620  C  CD2 . LEU A 1 84  ? -3.362  7.196   -8.388  1.00 28.66 ? 83  LEU A CD2 1 
ATOM   621  N  N   . ASP A 1 85  ? -1.452  11.336  -10.093 1.00 24.53 ? 84  ASP A N   1 
ATOM   622  C  CA  . ASP A 1 85  ? -0.677  12.543  -10.318 1.00 25.81 ? 84  ASP A CA  1 
ATOM   623  C  C   . ASP A 1 85  ? 0.455   12.461  -9.311  1.00 23.57 ? 84  ASP A C   1 
ATOM   624  O  O   . ASP A 1 85  ? 0.272   12.713  -8.126  1.00 22.04 ? 84  ASP A O   1 
ATOM   625  C  CB  . ASP A 1 85  ? -1.547  13.791  -10.108 1.00 25.68 ? 84  ASP A CB  1 
ATOM   626  C  CG  . ASP A 1 85  ? -0.777  15.094  -10.229 1.00 31.48 ? 84  ASP A CG  1 
ATOM   627  O  OD1 . ASP A 1 85  ? 0.467   15.126  -10.101 1.00 32.45 ? 84  ASP A OD1 1 
ATOM   628  O  OD2 . ASP A 1 85  ? -1.447  16.112  -10.453 1.00 42.42 ? 84  ASP A OD2 1 
ATOM   629  N  N   . ILE A 1 86  ? 1.628   12.081  -9.788  1.00 23.49 ? 85  ILE A N   1 
ATOM   630  C  CA  . ILE A 1 86  ? 2.736   11.719  -8.907  1.00 25.19 ? 85  ILE A CA  1 
ATOM   631  C  C   . ILE A 1 86  ? 3.215   12.953  -8.130  1.00 25.20 ? 85  ILE A C   1 
ATOM   632  O  O   . ILE A 1 86  ? 3.605   12.880  -6.975  1.00 25.57 ? 85  ILE A O   1 
ATOM   633  C  CB  . ILE A 1 86  ? 3.885   11.063  -9.727  1.00 24.87 ? 85  ILE A CB  1 
ATOM   634  C  CG1 . ILE A 1 86  ? 4.956   10.489  -8.806  1.00 26.93 ? 85  ILE A CG1 1 
ATOM   635  C  CG2 . ILE A 1 86  ? 4.485   12.047  -10.682 1.00 28.70 ? 85  ILE A CG2 1 
ATOM   636  C  CD1 . ILE A 1 86  ? 5.724   9.361   -9.422  1.00 27.87 ? 85  ILE A CD1 1 
ATOM   637  N  N   . LYS A 1 87  ? 3.152   14.113  -8.761  1.00 22.13 ? 86  LYS A N   1 
ATOM   638  C  CA  . LYS A 1 87  ? 3.514   15.343  -8.074  1.00 21.68 ? 86  LYS A CA  1 
ATOM   639  C  C   . LYS A 1 87  ? 2.592   15.651  -6.890  1.00 21.58 ? 86  LYS A C   1 
ATOM   640  O  O   . LYS A 1 87  ? 3.056   16.117  -5.854  1.00 22.89 ? 86  LYS A O   1 
ATOM   641  C  CB  . LYS A 1 87  ? 3.527   16.490  -9.068  1.00 24.48 ? 86  LYS A CB  1 
ATOM   642  C  CG  . LYS A 1 87  ? 4.940   16.965  -9.395  1.00 30.81 ? 86  LYS A CG  1 
ATOM   643  C  CD  . LYS A 1 87  ? 5.828   15.875  -10.024 1.00 34.82 ? 86  LYS A CD  1 
ATOM   644  C  CE  . LYS A 1 87  ? 7.091   16.501  -10.657 1.00 33.04 ? 86  LYS A CE  1 
ATOM   645  N  N   . ALA A 1 88  ? 1.306   15.335  -7.030  1.00 23.07 ? 87  ALA A N   1 
ATOM   646  C  CA  . ALA A 1 88  ? 0.319   15.652  -5.988  1.00 20.76 ? 87  ALA A CA  1 
ATOM   647  C  C   . ALA A 1 88  ? 0.503   14.693  -4.846  1.00 19.41 ? 87  ALA A C   1 
ATOM   648  O  O   . ALA A 1 88  ? 0.427   15.079  -3.692  1.00 18.53 ? 87  ALA A O   1 
ATOM   649  C  CB  . ALA A 1 88  ? -1.142  15.642  -6.550  1.00 19.23 ? 87  ALA A CB  1 
ATOM   650  N  N   . ILE A 1 89  ? 0.782   13.433  -5.173  1.00 18.27 ? 88  ILE A N   1 
ATOM   651  C  CA  . ILE A 1 89  ? 1.142   12.424  -4.178  1.00 18.90 ? 88  ILE A CA  1 
ATOM   652  C  C   . ILE A 1 89  ? 2.409   12.842  -3.431  1.00 20.59 ? 88  ILE A C   1 
ATOM   653  O  O   . ILE A 1 89  ? 2.446   12.824  -2.190  1.00 20.85 ? 88  ILE A O   1 
ATOM   654  C  CB  . ILE A 1 89  ? 1.328   11.033  -4.844  1.00 18.90 ? 88  ILE A CB  1 
ATOM   655  C  CG1 . ILE A 1 89  ? 0.029   10.592  -5.518  1.00 19.92 ? 88  ILE A CG1 1 
ATOM   656  C  CG2 . ILE A 1 89  ? 1.826   9.991   -3.795  1.00 19.74 ? 88  ILE A CG2 1 
ATOM   657  C  CD1 . ILE A 1 89  ? 0.092   9.317   -6.383  1.00 16.36 ? 88  ILE A CD1 1 
ATOM   658  N  N   . GLU A 1 90  ? 3.437   13.246  -4.181  1.00 19.55 ? 89  GLU A N   1 
ATOM   659  C  CA  . GLU A 1 90  ? 4.702   13.674  -3.594  1.00 23.28 ? 89  GLU A CA  1 
ATOM   660  C  C   . GLU A 1 90  ? 4.487   14.797  -2.594  1.00 24.47 ? 89  GLU A C   1 
ATOM   661  O  O   . GLU A 1 90  ? 4.943   14.716  -1.478  1.00 24.35 ? 89  GLU A O   1 
ATOM   662  C  CB  . GLU A 1 90  ? 5.649   14.135  -4.703  1.00 26.94 ? 89  GLU A CB  1 
ATOM   663  C  CG  . GLU A 1 90  ? 7.067   14.483  -4.249  1.00 26.60 ? 89  GLU A CG  1 
ATOM   664  C  CD  . GLU A 1 90  ? 7.990   14.613  -5.429  1.00 27.94 ? 89  GLU A CD  1 
ATOM   665  O  OE1 . GLU A 1 90  ? 7.678   15.404  -6.343  1.00 31.97 ? 89  GLU A OE1 1 
ATOM   666  O  OE2 . GLU A 1 90  ? 9.026   13.926  -5.456  1.00 46.23 ? 89  GLU A OE2 1 
ATOM   667  N  N   . ASN A 1 91  ? 3.811   15.865  -3.005  1.00 22.75 ? 90  ASN A N   1 
ATOM   668  C  CA  . ASN A 1 91  ? 3.519   16.974  -2.086  1.00 24.69 ? 90  ASN A CA  1 
ATOM   669  C  C   . ASN A 1 91  ? 2.732   16.615  -0.810  1.00 23.77 ? 90  ASN A C   1 
ATOM   670  O  O   . ASN A 1 91  ? 3.084   17.063  0.280   1.00 23.49 ? 90  ASN A O   1 
ATOM   671  C  CB  . ASN A 1 91  ? 2.810   18.089  -2.836  1.00 26.83 ? 90  ASN A CB  1 
ATOM   672  C  CG  . ASN A 1 91  ? 3.737   18.802  -3.793  1.00 29.93 ? 90  ASN A CG  1 
ATOM   673  O  OD1 . ASN A 1 91  ? 4.946   18.533  -3.810  1.00 31.38 ? 90  ASN A OD1 1 
ATOM   674  N  ND2 . ASN A 1 91  ? 3.182   19.685  -4.618  1.00 41.07 ? 90  ASN A ND2 1 
ATOM   675  N  N   . TRP A 1 92  ? 1.697   15.788  -0.962  1.00 23.34 ? 91  TRP A N   1 
ATOM   676  C  CA  . TRP A 1 92  ? 0.813   15.411  0.131   1.00 23.03 ? 91  TRP A CA  1 
ATOM   677  C  C   . TRP A 1 92  ? 1.588   14.550  1.133   1.00 22.78 ? 91  TRP A C   1 
ATOM   678  O  O   . TRP A 1 92  ? 1.446   14.704  2.365   1.00 24.37 ? 91  TRP A O   1 
ATOM   679  C  CB  . TRP A 1 92  ? -0.377  14.656  -0.444  1.00 23.54 ? 91  TRP A CB  1 
ATOM   680  C  CG  . TRP A 1 92  ? -1.285  14.042  0.569   1.00 28.84 ? 91  TRP A CG  1 
ATOM   681  C  CD1 . TRP A 1 92  ? -2.302  14.662  1.253   1.00 32.82 ? 91  TRP A CD1 1 
ATOM   682  C  CD2 . TRP A 1 92  ? -1.268  12.687  1.014   1.00 30.75 ? 91  TRP A CD2 1 
ATOM   683  N  NE1 . TRP A 1 92  ? -2.921  13.757  2.082   1.00 35.40 ? 91  TRP A NE1 1 
ATOM   684  C  CE2 . TRP A 1 92  ? -2.300  12.544  1.958   1.00 30.60 ? 91  TRP A CE2 1 
ATOM   685  C  CE3 . TRP A 1 92  ? -0.495  11.568  0.682   1.00 31.24 ? 91  TRP A CE3 1 
ATOM   686  C  CZ2 . TRP A 1 92  ? -2.563  11.332  2.584   1.00 33.29 ? 91  TRP A CZ2 1 
ATOM   687  C  CZ3 . TRP A 1 92  ? -0.759  10.371  1.307   1.00 32.66 ? 91  TRP A CZ3 1 
ATOM   688  C  CH2 . TRP A 1 92  ? -1.786  10.265  2.238   1.00 31.20 ? 91  TRP A CH2 1 
ATOM   689  N  N   . ALA A 1 93  ? 2.436   13.688  0.590   1.00 22.50 ? 92  ALA A N   1 
ATOM   690  C  CA  . ALA A 1 93  ? 3.272   12.795  1.409   1.00 21.98 ? 92  ALA A CA  1 
ATOM   691  C  C   . ALA A 1 93  ? 4.255   13.613  2.252   1.00 23.40 ? 92  ALA A C   1 
ATOM   692  O  O   . ALA A 1 93  ? 4.461   13.319  3.436   1.00 23.90 ? 92  ALA A O   1 
ATOM   693  C  CB  . ALA A 1 93  ? 4.053   11.771  0.517   1.00 18.02 ? 92  ALA A CB  1 
ATOM   694  N  N   . LYS A 1 94  ? 4.833   14.647  1.631   1.00 25.04 ? 93  LYS A N   1 
ATOM   695  C  CA  . LYS A 1 94  ? 5.838   15.513  2.233   1.00 26.49 ? 93  LYS A CA  1 
ATOM   696  C  C   . LYS A 1 94  ? 5.208   16.422  3.291   1.00 25.39 ? 93  LYS A C   1 
ATOM   697  O  O   . LYS A 1 94  ? 5.785   16.657  4.340   1.00 26.55 ? 93  LYS A O   1 
ATOM   698  C  CB  . LYS A 1 94  ? 6.500   16.355  1.134   1.00 27.11 ? 93  LYS A CB  1 
ATOM   699  C  CG  . LYS A 1 94  ? 7.822   16.959  1.468   1.00 31.20 ? 93  LYS A CG  1 
ATOM   700  C  CD  . LYS A 1 94  ? 8.263   17.934  0.377   1.00 30.77 ? 93  LYS A CD  1 
ATOM   701  N  N   . GLU A 1 95  ? 4.020   16.942  3.017   1.00 26.33 ? 94  GLU A N   1 
ATOM   702  C  CA  . GLU A 1 95  ? 3.414   17.928  3.904   1.00 29.16 ? 94  GLU A CA  1 
ATOM   703  C  C   . GLU A 1 95  ? 2.657   17.317  5.102   1.00 28.30 ? 94  GLU A C   1 
ATOM   704  O  O   . GLU A 1 95  ? 2.477   17.986  6.122   1.00 29.48 ? 94  GLU A O   1 
ATOM   705  C  CB  . GLU A 1 95  ? 2.522   18.870  3.096   1.00 29.69 ? 94  GLU A CB  1 
ATOM   706  C  CG  . GLU A 1 95  ? 3.297   19.652  2.051   1.00 39.77 ? 94  GLU A CG  1 
ATOM   707  C  CD  . GLU A 1 95  ? 4.278   20.665  2.660   1.00 49.57 ? 94  GLU A CD  1 
ATOM   708  O  OE1 . GLU A 1 95  ? 3.805   21.623  3.324   1.00 60.85 ? 94  GLU A OE1 1 
ATOM   709  O  OE2 . GLU A 1 95  ? 5.518   20.507  2.467   1.00 50.00 ? 94  GLU A OE2 1 
ATOM   710  N  N   . THR A 1 96  ? 2.249   16.055  5.011   1.00 25.26 ? 95  THR A N   1 
ATOM   711  C  CA  . THR A 1 96  ? 1.562   15.418  6.114   1.00 25.19 ? 95  THR A CA  1 
ATOM   712  C  C   . THR A 1 96  ? 2.602   15.092  7.170   1.00 25.71 ? 95  THR A C   1 
ATOM   713  O  O   . THR A 1 96  ? 3.690   14.584  6.829   1.00 24.93 ? 95  THR A O   1 
ATOM   714  C  CB  . THR A 1 96  ? 0.821   14.130  5.644   1.00 26.53 ? 95  THR A CB  1 
ATOM   715  O  OG1 . THR A 1 96  ? -0.155  14.483  4.644   1.00 24.71 ? 95  THR A OG1 1 
ATOM   716  C  CG2 . THR A 1 96  ? 0.133   13.408  6.803   1.00 21.76 ? 95  THR A CG2 1 
ATOM   717  N  N   . ASP A 1 97  ? 2.292   15.407  8.428   1.00 21.93 ? 96  ASP A N   1 
ATOM   718  C  CA  . ASP A 1 97  ? 3.209   15.157  9.533   1.00 22.83 ? 96  ASP A CA  1 
ATOM   719  C  C   . ASP A 1 97  ? 2.923   13.772  10.099  1.00 21.92 ? 96  ASP A C   1 
ATOM   720  O  O   . ASP A 1 97  ? 2.325   13.612  11.145  1.00 22.38 ? 96  ASP A O   1 
ATOM   721  C  CB  . ASP A 1 97  ? 3.075   16.259  10.586  1.00 23.13 ? 96  ASP A CB  1 
ATOM   722  C  CG  . ASP A 1 97  ? 4.236   16.291  11.573  1.00 24.50 ? 96  ASP A CG  1 
ATOM   723  O  OD1 . ASP A 1 97  ? 5.021   15.313  11.670  1.00 30.25 ? 96  ASP A OD1 1 
ATOM   724  O  OD2 . ASP A 1 97  ? 4.327   17.306  12.289  1.00 36.05 ? 96  ASP A OD2 1 
ATOM   725  N  N   . TRP A 1 98  ? 3.411   12.754  9.402   1.00 23.92 ? 97  TRP A N   1 
ATOM   726  C  CA  . TRP A 1 98  ? 3.147   11.361  9.761   1.00 23.07 ? 97  TRP A CA  1 
ATOM   727  C  C   . TRP A 1 98  ? 3.648   11.013  11.179  1.00 21.87 ? 97  TRP A C   1 
ATOM   728  O  O   . TRP A 1 98  ? 4.727   11.452  11.610  1.00 21.16 ? 97  TRP A O   1 
ATOM   729  C  CB  . TRP A 1 98  ? 3.793   10.458  8.722   1.00 22.49 ? 97  TRP A CB  1 
ATOM   730  C  CG  . TRP A 1 98  ? 3.307   10.692  7.317   1.00 21.65 ? 97  TRP A CG  1 
ATOM   731  C  CD1 . TRP A 1 98  ? 3.979   11.347  6.295   1.00 25.39 ? 97  TRP A CD1 1 
ATOM   732  C  CD2 . TRP A 1 98  ? 2.035   10.323  6.783   1.00 19.75 ? 97  TRP A CD2 1 
ATOM   733  N  NE1 . TRP A 1 98  ? 3.184   11.396  5.161   1.00 21.59 ? 97  TRP A NE1 1 
ATOM   734  C  CE2 . TRP A 1 98  ? 1.998   10.761  5.433   1.00 23.44 ? 97  TRP A CE2 1 
ATOM   735  C  CE3 . TRP A 1 98  ? 0.913   9.666   7.314   1.00 24.77 ? 97  TRP A CE3 1 
ATOM   736  C  CZ2 . TRP A 1 98  ? 0.903   10.559  4.626   1.00 25.36 ? 97  TRP A CZ2 1 
ATOM   737  C  CZ3 . TRP A 1 98  ? -0.175  9.447   6.492   1.00 25.46 ? 97  TRP A CZ3 1 
ATOM   738  C  CH2 . TRP A 1 98  ? -0.168  9.900   5.161   1.00 29.88 ? 97  TRP A CH2 1 
ATOM   739  N  N   . ALA A 1 99  ? 2.865   10.236  11.913  1.00 22.53 ? 98  ALA A N   1 
ATOM   740  C  CA  . ALA A 1 99  ? 3.173   9.886   13.306  1.00 21.25 ? 98  ALA A CA  1 
ATOM   741  C  C   . ALA A 1 99  ? 3.051   8.411   13.651  1.00 22.42 ? 98  ALA A C   1 
ATOM   742  O  O   . ALA A 1 99  ? 3.189   8.046   14.822  1.00 20.55 ? 98  ALA A O   1 
ATOM   743  C  CB  . ALA A 1 99  ? 2.277   10.697  14.262  1.00 22.03 ? 98  ALA A CB  1 
ATOM   744  N  N   . GLY A 1 100 ? 2.829   7.557   12.663  1.00 20.15 ? 99  GLY A N   1 
ATOM   745  C  CA  . GLY A 1 100 ? 2.776   6.137   12.906  1.00 17.36 ? 99  GLY A CA  1 
ATOM   746  C  C   . GLY A 1 100 ? 1.662   5.379   12.196  1.00 19.23 ? 99  GLY A C   1 
ATOM   747  O  O   . GLY A 1 100 ? 0.780   5.957   11.565  1.00 17.45 ? 99  GLY A O   1 
ATOM   748  N  N   . LEU A 1 101 ? 1.704   4.070   12.361  1.00 16.68 ? 100 LEU A N   1 
ATOM   749  C  CA  . LEU A 1 101 ? 0.811   3.086   11.748  1.00 18.81 ? 100 LEU A CA  1 
ATOM   750  C  C   . LEU A 1 101 ? 0.360   2.032   12.747  1.00 20.62 ? 100 LEU A C   1 
ATOM   751  O  O   . LEU A 1 101 ? 1.174   1.494   13.506  1.00 20.31 ? 100 LEU A O   1 
ATOM   752  C  CB  . LEU A 1 101 ? 1.513   2.386   10.569  1.00 21.26 ? 100 LEU A CB  1 
ATOM   753  C  CG  . LEU A 1 101 ? 0.666   1.342   9.814   1.00 19.45 ? 100 LEU A CG  1 
ATOM   754  C  CD1 . LEU A 1 101 ? -0.488  2.068   9.063   1.00 16.34 ? 100 LEU A CD1 1 
ATOM   755  C  CD2 . LEU A 1 101 ? 1.557   0.435   8.886   1.00 22.65 ? 100 LEU A CD2 1 
ATOM   756  N  N   . GLU A 1 102 ? -0.942  1.774   12.761  1.00 18.89 ? 101 GLU A N   1 
ATOM   757  C  CA  . GLU A 1 102 ? -1.522  0.669   13.500  1.00 19.74 ? 101 GLU A CA  1 
ATOM   758  C  C   . GLU A 1 102 ? -2.303  -0.204  12.529  1.00 21.27 ? 101 GLU A C   1 
ATOM   759  O  O   . GLU A 1 102 ? -3.311  0.229   11.959  1.00 21.83 ? 101 GLU A O   1 
ATOM   760  C  CB  . GLU A 1 102 ? -2.461  1.211   14.558  1.00 19.23 ? 101 GLU A CB  1 
ATOM   761  C  CG  . GLU A 1 102 ? -3.204  0.143   15.326  1.00 20.51 ? 101 GLU A CG  1 
ATOM   762  C  CD  . GLU A 1 102 ? -4.183  0.705   16.369  1.00 23.94 ? 101 GLU A CD  1 
ATOM   763  O  OE1 . GLU A 1 102 ? -4.463  1.938   16.384  1.00 22.23 ? 101 GLU A OE1 1 
ATOM   764  O  OE2 . GLU A 1 102 ? -4.634  -0.102  17.200  1.00 29.31 ? 101 GLU A OE2 1 
ATOM   765  N  N   . VAL A 1 103 ? -1.883  -1.459  12.371  1.00 22.15 ? 102 VAL A N   1 
ATOM   766  C  CA  . VAL A 1 103 ? -2.621  -2.388  11.531  1.00 22.53 ? 102 VAL A CA  1 
ATOM   767  C  C   . VAL A 1 103 ? -3.674  -3.027  12.455  1.00 22.90 ? 102 VAL A C   1 
ATOM   768  O  O   . VAL A 1 103 ? -3.339  -3.693  13.467  1.00 24.17 ? 102 VAL A O   1 
ATOM   769  C  CB  . VAL A 1 103 ? -1.705  -3.434  10.782  1.00 22.22 ? 102 VAL A CB  1 
ATOM   770  C  CG1 . VAL A 1 103 ? -2.584  -4.433  10.021  1.00 22.83 ? 102 VAL A CG1 1 
ATOM   771  C  CG2 . VAL A 1 103 ? -0.711  -2.767  9.836   1.00 24.29 ? 102 VAL A CG2 1 
ATOM   772  N  N   . VAL A 1 104 ? -4.937  -2.756  12.135  1.00 19.72 ? 103 VAL A N   1 
ATOM   773  C  CA  . VAL A 1 104 ? -6.068  -3.271  12.911  1.00 19.33 ? 103 VAL A CA  1 
ATOM   774  C  C   . VAL A 1 104 ? -6.376  -4.717  12.523  1.00 19.09 ? 103 VAL A C   1 
ATOM   775  O  O   . VAL A 1 104 ? -6.596  -5.584  13.405  1.00 19.71 ? 103 VAL A O   1 
ATOM   776  C  CB  . VAL A 1 104 ? -7.295  -2.372  12.758  1.00 18.68 ? 103 VAL A CB  1 
ATOM   777  C  CG1 . VAL A 1 104 ? -8.530  -2.983  13.484  1.00 18.38 ? 103 VAL A CG1 1 
ATOM   778  C  CG2 . VAL A 1 104 ? -6.978  -0.949  13.234  1.00 17.39 ? 103 VAL A CG2 1 
ATOM   779  N  N   . ALA A 1 105 ? -6.393  -5.026  11.231  1.00 17.90 ? 104 ALA A N   1 
ATOM   780  C  CA  . ALA A 1 105 ? -6.830  -6.361  10.791  1.00 19.74 ? 104 ALA A CA  1 
ATOM   781  C  C   . ALA A 1 105 ? -6.353  -6.599  9.385   1.00 21.12 ? 104 ALA A C   1 
ATOM   782  O  O   . ALA A 1 105 ? -6.203  -5.658  8.608   1.00 23.35 ? 104 ALA A O   1 
ATOM   783  C  CB  . ALA A 1 105 ? -8.365  -6.494  10.855  1.00 18.85 ? 104 ALA A CB  1 
ATOM   784  N  N   . HIS A 1 106 ? -6.087  -7.864  9.092   1.00 20.61 ? 105 HIS A N   1 
ATOM   785  C  CA  . HIS A 1 106 ? -5.659  -8.323  7.771   1.00 19.87 ? 105 HIS A CA  1 
ATOM   786  C  C   . HIS A 1 106 ? -6.555  -9.485  7.379   1.00 20.13 ? 105 HIS A C   1 
ATOM   787  O  O   . HIS A 1 106 ? -6.741  -10.444 8.170   1.00 22.05 ? 105 HIS A O   1 
ATOM   788  C  CB  . HIS A 1 106 ? -4.197  -8.752  7.842   1.00 19.70 ? 105 HIS A CB  1 
ATOM   789  C  CG  . HIS A 1 106 ? -3.652  -9.279  6.563   1.00 18.19 ? 105 HIS A CG  1 
ATOM   790  N  ND1 . HIS A 1 106 ? -2.741  -10.310 6.517   1.00 22.64 ? 105 HIS A ND1 1 
ATOM   791  C  CD2 . HIS A 1 106 ? -3.928  -8.956  5.276   1.00 24.43 ? 105 HIS A CD2 1 
ATOM   792  C  CE1 . HIS A 1 106 ? -2.463  -10.582 5.257   1.00 20.14 ? 105 HIS A CE1 1 
ATOM   793  N  NE2 . HIS A 1 106 ? -3.170  -9.779  4.483   1.00 23.75 ? 105 HIS A NE2 1 
ATOM   794  N  N   . THR A 1 107 ? -7.130  -9.390  6.175   1.00 20.30 ? 106 THR A N   1 
ATOM   795  C  CA  . THR A 1 107 ? -8.067  -10.359 5.656   1.00 20.57 ? 106 THR A CA  1 
ATOM   796  C  C   . THR A 1 107 ? -7.438  -10.903 4.373   1.00 18.44 ? 106 THR A C   1 
ATOM   797  O  O   . THR A 1 107 ? -7.738  -10.409 3.307   1.00 19.78 ? 106 THR A O   1 
ATOM   798  C  CB  . THR A 1 107 ? -9.419  -9.668  5.337   1.00 20.89 ? 106 THR A CB  1 
ATOM   799  O  OG1 . THR A 1 107 ? -10.005 -9.134  6.546   1.00 25.33 ? 106 THR A OG1 1 
ATOM   800  C  CG2 . THR A 1 107 ? -10.401 -10.658 4.675   1.00 23.97 ? 106 THR A CG2 1 
ATOM   801  N  N   . PRO A 1 108 ? -6.537  -11.894 4.479   1.00 19.19 ? 107 PRO A N   1 
ATOM   802  C  CA  . PRO A 1 108 ? -5.804  -12.322 3.286   1.00 21.44 ? 107 PRO A CA  1 
ATOM   803  C  C   . PRO A 1 108 ? -6.666  -13.042 2.218   1.00 21.76 ? 107 PRO A C   1 
ATOM   804  O  O   . PRO A 1 108 ? -6.278  -13.105 1.053   1.00 24.90 ? 107 PRO A O   1 
ATOM   805  C  CB  . PRO A 1 108 ? -4.722  -13.268 3.843   1.00 21.12 ? 107 PRO A CB  1 
ATOM   806  C  CG  . PRO A 1 108 ? -5.141  -13.621 5.167   1.00 22.89 ? 107 PRO A CG  1 
ATOM   807  C  CD  . PRO A 1 108 ? -6.106  -12.612 5.686   1.00 20.51 ? 107 PRO A CD  1 
ATOM   808  N  N   . LYS A 1 109 ? -7.803  -13.570 2.632   1.00 22.02 ? 108 LYS A N   1 
ATOM   809  C  CA  . LYS A 1 109 ? -8.655  -14.369 1.754   1.00 20.36 ? 108 LYS A CA  1 
ATOM   810  C  C   . LYS A 1 109 ? -10.027 -13.730 1.631   1.00 20.18 ? 108 LYS A C   1 
ATOM   811  O  O   . LYS A 1 109 ? -11.045 -14.399 1.841   1.00 23.20 ? 108 LYS A O   1 
ATOM   812  C  CB  . LYS A 1 109 ? -8.766  -15.801 2.283   1.00 24.53 ? 108 LYS A CB  1 
ATOM   813  C  CG  . LYS A 1 109 ? -7.512  -16.631 2.114   1.00 27.53 ? 108 LYS A CG  1 
ATOM   814  C  CD  . LYS A 1 109 ? -7.764  -18.139 2.455   1.00 24.41 ? 108 LYS A CD  1 
ATOM   815  N  N   . LEU A 1 110 ? -10.057 -12.437 1.282   1.00 18.13 ? 109 LEU A N   1 
ATOM   816  C  CA  . LEU A 1 110 ? -11.328 -11.742 1.105   1.00 18.79 ? 109 LEU A CA  1 
ATOM   817  C  C   . LEU A 1 110 ? -12.090 -12.385 -0.035  1.00 17.30 ? 109 LEU A C   1 
ATOM   818  O  O   . LEU A 1 110 ? -13.279 -12.694 0.108   1.00 19.15 ? 109 LEU A O   1 
ATOM   819  C  CB  . LEU A 1 110 ? -11.112 -10.272 0.824   1.00 19.50 ? 109 LEU A CB  1 
ATOM   820  C  CG  . LEU A 1 110 ? -12.327 -9.379  0.566   1.00 20.58 ? 109 LEU A CG  1 
ATOM   821  C  CD1 . LEU A 1 110 ? -13.215 -9.218  1.848   1.00 23.74 ? 109 LEU A CD1 1 
ATOM   822  C  CD2 . LEU A 1 110 ? -11.829 -8.026  0.023   1.00 21.14 ? 109 LEU A CD2 1 
ATOM   823  N  N   . SER A 1 111 ? -11.381 -12.654 -1.139  1.00 17.92 ? 110 SER A N   1 
ATOM   824  C  CA  . SER A 1 111 ? -11.869 -13.496 -2.254  1.00 19.10 ? 110 SER A CA  1 
ATOM   825  C  C   . SER A 1 111 ? -10.718 -14.371 -2.727  1.00 20.17 ? 110 SER A C   1 
ATOM   826  O  O   . SER A 1 111 ? -9.635  -14.321 -2.159  1.00 22.55 ? 110 SER A O   1 
ATOM   827  C  CB  . SER A 1 111 ? -12.309 -12.663 -3.464  1.00 18.77 ? 110 SER A CB  1 
ATOM   828  O  OG  . SER A 1 111 ? -11.149 -12.233 -4.155  1.00 18.61 ? 110 SER A OG  1 
ATOM   829  N  N   . LYS A 1 112 ? -10.947 -15.092 -3.821  1.00 19.26 ? 111 LYS A N   1 
ATOM   830  C  CA  . LYS A 1 112 ? -9.917  -15.872 -4.483  1.00 20.28 ? 111 LYS A CA  1 
ATOM   831  C  C   . LYS A 1 112 ? -8.718  -15.033 -4.852  1.00 20.99 ? 111 LYS A C   1 
ATOM   832  O  O   . LYS A 1 112 ? -7.610  -15.531 -4.848  1.00 23.32 ? 111 LYS A O   1 
ATOM   833  C  CB  . LYS A 1 112 ? -10.470 -16.520 -5.751  1.00 22.67 ? 111 LYS A CB  1 
ATOM   834  C  CG  . LYS A 1 112 ? -9.500  -17.414 -6.477  1.00 29.18 ? 111 LYS A CG  1 
ATOM   835  N  N   . ARG A 1 113 ? -8.932  -13.764 -5.167  1.00 20.12 ? 112 ARG A N   1 
ATOM   836  C  CA  . ARG A 1 113 ? -7.816  -12.918 -5.610  1.00 20.37 ? 112 ARG A CA  1 
ATOM   837  C  C   . ARG A 1 113 ? -7.675  -11.588 -4.875  1.00 19.00 ? 112 ARG A C   1 
ATOM   838  O  O   . ARG A 1 113 ? -6.815  -10.749 -5.255  1.00 18.26 ? 112 ARG A O   1 
ATOM   839  C  CB  . ARG A 1 113 ? -7.907  -12.704 -7.112  1.00 20.22 ? 112 ARG A CB  1 
ATOM   840  C  CG  . ARG A 1 113 ? -9.162  -12.028 -7.568  1.00 25.92 ? 112 ARG A CG  1 
ATOM   841  C  CD  . ARG A 1 113 ? -9.382  -12.183 -9.116  1.00 30.33 ? 112 ARG A CD  1 
ATOM   842  N  NE  . ARG A 1 113 ? -9.047  -13.479 -9.740  1.00 35.68 ? 112 ARG A NE  1 
ATOM   843  C  CZ  . ARG A 1 113 ? -9.881  -14.491 -10.034 1.00 39.85 ? 112 ARG A CZ  1 
ATOM   844  N  NH1 . ARG A 1 113 ? -11.185 -14.507 -9.715  1.00 32.00 ? 112 ARG A NH1 1 
ATOM   845  N  NH2 . ARG A 1 113 ? -9.377  -15.562 -10.628 1.00 50.56 ? 112 ARG A NH2 1 
ATOM   846  N  N   . HIS A 1 114 ? -8.488  -11.363 -3.843  1.00 17.91 ? 113 HIS A N   1 
ATOM   847  C  CA  . HIS A 1 114 ? -8.408  -10.112 -3.075  1.00 17.45 ? 113 HIS A CA  1 
ATOM   848  C  C   . HIS A 1 114 ? -8.145  -10.283 -1.593  1.00 19.25 ? 113 HIS A C   1 
ATOM   849  O  O   . HIS A 1 114 ? -8.440  -11.321 -0.999  1.00 19.13 ? 113 HIS A O   1 
ATOM   850  C  CB  . HIS A 1 114 ? -9.698  -9.341  -3.161  1.00 21.12 ? 113 HIS A CB  1 
ATOM   851  C  CG  . HIS A 1 114 ? -10.060 -8.952  -4.536  1.00 22.30 ? 113 HIS A CG  1 
ATOM   852  N  ND1 . HIS A 1 114 ? -10.845 -9.751  -5.333  1.00 21.56 ? 113 HIS A ND1 1 
ATOM   853  C  CD2 . HIS A 1 114 ? -9.769  -7.851  -5.260  1.00 16.22 ? 113 HIS A CD2 1 
ATOM   854  C  CE1 . HIS A 1 114 ? -10.998 -9.167  -6.504  1.00 18.31 ? 113 HIS A CE1 1 
ATOM   855  N  NE2 . HIS A 1 114 ? -10.384 -8.003  -6.479  1.00 17.96 ? 113 HIS A NE2 1 
ATOM   856  N  N   . ALA A 1 115 ? -7.615  -9.211  -1.011  1.00 18.15 ? 114 ALA A N   1 
ATOM   857  C  CA  . ALA A 1 115 ? -7.337  -9.150  0.407   1.00 17.85 ? 114 ALA A CA  1 
ATOM   858  C  C   . ALA A 1 115 ? -7.682  -7.729  0.852   1.00 18.19 ? 114 ALA A C   1 
ATOM   859  O  O   . ALA A 1 115 ? -7.653  -6.785  0.059   1.00 18.40 ? 114 ALA A O   1 
ATOM   860  C  CB  . ALA A 1 115 ? -5.867  -9.488  0.671   1.00 17.65 ? 114 ALA A CB  1 
ATOM   861  N  N   . GLN A 1 116 ? -7.980  -7.601  2.128   1.00 17.78 ? 115 GLN A N   1 
ATOM   862  C  CA  . GLN A 1 116 ? -8.140  -6.333  2.773   1.00 19.15 ? 115 GLN A CA  1 
ATOM   863  C  C   . GLN A 1 116 ? -7.195  -6.196  3.989   1.00 21.00 ? 115 GLN A C   1 
ATOM   864  O  O   . GLN A 1 116 ? -6.778  -7.144  4.615   1.00 17.48 ? 115 GLN A O   1 
ATOM   865  C  CB  . GLN A 1 116 ? -9.598  -6.103  3.182   1.00 22.39 ? 115 GLN A CB  1 
ATOM   866  C  CG  . GLN A 1 116 ? -10.428 -5.483  2.080   1.00 23.85 ? 115 GLN A CG  1 
ATOM   867  C  CD  . GLN A 1 116 ? -11.905 -5.341  2.364   1.00 19.86 ? 115 GLN A CD  1 
ATOM   868  O  OE1 . GLN A 1 116 ? -12.444 -5.876  3.335   1.00 22.19 ? 115 GLN A OE1 1 
ATOM   869  N  NE2 . GLN A 1 116 ? -12.596 -4.646  1.460   1.00 24.70 ? 115 GLN A NE2 1 
ATOM   870  N  N   . VAL A 1 117 ? -6.893  -4.947  4.277   1.00 19.82 ? 116 VAL A N   1 
ATOM   871  C  CA  . VAL A 1 117 ? -6.100  -4.507  5.427   1.00 20.23 ? 116 VAL A CA  1 
ATOM   872  C  C   . VAL A 1 117 ? -6.822  -3.275  5.974   1.00 20.21 ? 116 VAL A C   1 
ATOM   873  O  O   . VAL A 1 117 ? -7.038  -2.277  5.242   1.00 21.54 ? 116 VAL A O   1 
ATOM   874  C  CB  . VAL A 1 117 ? -4.676  -4.074  5.020   1.00 19.82 ? 116 VAL A CB  1 
ATOM   875  C  CG1 . VAL A 1 117 ? -3.848  -3.649  6.251   1.00 21.27 ? 116 VAL A CG1 1 
ATOM   876  C  CG2 . VAL A 1 117 ? -3.988  -5.187  4.204   1.00 17.61 ? 116 VAL A CG2 1 
ATOM   877  N  N   . GLU A 1 118 ? -7.167  -3.331  7.261   1.00 20.50 ? 117 GLU A N   1 
ATOM   878  C  CA  . GLU A 1 118 ? -7.765  -2.213  8.004   1.00 18.47 ? 117 GLU A CA  1 
ATOM   879  C  C   . GLU A 1 118 ? -6.635  -1.642  8.853   1.00 16.63 ? 117 GLU A C   1 
ATOM   880  O  O   . GLU A 1 118 ? -5.944  -2.383  9.550   1.00 16.77 ? 117 GLU A O   1 
ATOM   881  C  CB  . GLU A 1 118 ? -8.897  -2.712  8.911   1.00 18.17 ? 117 GLU A CB  1 
ATOM   882  C  CG  . GLU A 1 118 ? -9.550  -1.639  9.754   1.00 19.59 ? 117 GLU A CG  1 
ATOM   883  C  CD  . GLU A 1 118 ? -10.577 -2.135  10.745  1.00 21.93 ? 117 GLU A CD  1 
ATOM   884  O  OE1 . GLU A 1 118 ? -10.953 -3.331  10.724  1.00 20.79 ? 117 GLU A OE1 1 
ATOM   885  O  OE2 . GLU A 1 118 ? -11.008 -1.306  11.584  1.00 26.19 ? 117 GLU A OE2 1 
ATOM   886  N  N   . PHE A 1 119 ? -6.464  -0.334  8.818   1.00 20.76 ? 118 PHE A N   1 
ATOM   887  C  CA  . PHE A 1 119 ? -5.381  0.299   9.555   1.00 19.70 ? 118 PHE A CA  1 
ATOM   888  C  C   . PHE A 1 119 ? -5.689  1.738   9.949   1.00 18.77 ? 118 PHE A C   1 
ATOM   889  O  O   . PHE A 1 119 ? -6.642  2.359   9.433   1.00 17.18 ? 118 PHE A O   1 
ATOM   890  C  CB  . PHE A 1 119 ? -4.105  0.237   8.710   1.00 21.26 ? 118 PHE A CB  1 
ATOM   891  C  CG  . PHE A 1 119 ? -4.183  1.058   7.462   1.00 16.40 ? 118 PHE A CG  1 
ATOM   892  C  CD1 . PHE A 1 119 ? -4.686  0.510   6.280   1.00 21.93 ? 118 PHE A CD1 1 
ATOM   893  C  CD2 . PHE A 1 119 ? -3.787  2.387   7.454   1.00 19.16 ? 118 PHE A CD2 1 
ATOM   894  C  CE1 . PHE A 1 119 ? -4.753  1.289   5.138   1.00 25.63 ? 118 PHE A CE1 1 
ATOM   895  C  CE2 . PHE A 1 119 ? -3.869  3.187   6.273   1.00 25.64 ? 118 PHE A CE2 1 
ATOM   896  C  CZ  . PHE A 1 119 ? -4.329  2.614   5.121   1.00 26.84 ? 118 PHE A CZ  1 
ATOM   897  N  N   . LYS A 1 120 ? -4.915  2.254   10.896  1.00 19.34 ? 119 LYS A N   1 
ATOM   898  C  CA  . LYS A 1 120 ? -4.957  3.650   11.266  1.00 20.35 ? 119 LYS A CA  1 
ATOM   899  C  C   . LYS A 1 120 ? -3.603  4.258   10.970  1.00 19.39 ? 119 LYS A C   1 
ATOM   900  O  O   . LYS A 1 120 ? -2.569  3.770   11.458  1.00 19.51 ? 119 LYS A O   1 
ATOM   901  C  CB  . LYS A 1 120 ? -5.283  3.810   12.758  1.00 20.15 ? 119 LYS A CB  1 
ATOM   902  C  CG  . LYS A 1 120 ? -6.681  3.361   13.095  1.00 23.22 ? 119 LYS A CG  1 
ATOM   903  C  CD  . LYS A 1 120 ? -7.050  3.510   14.555  1.00 24.57 ? 119 LYS A CD  1 
ATOM   904  C  CE  . LYS A 1 120 ? -8.468  2.994   14.738  1.00 28.59 ? 119 LYS A CE  1 
ATOM   905  N  NZ  . LYS A 1 120 ? -9.066  3.313   16.056  1.00 31.24 ? 119 LYS A NZ  1 
ATOM   906  N  N   . ALA A 1 121 ? -3.610  5.288   10.144  1.00 18.76 ? 120 ALA A N   1 
ATOM   907  C  CA  . ALA A 1 121 ? -2.393  6.054   9.848   1.00 20.66 ? 120 ALA A CA  1 
ATOM   908  C  C   . ALA A 1 121 ? -2.435  7.369   10.613  1.00 21.55 ? 120 ALA A C   1 
ATOM   909  O  O   . ALA A 1 121 ? -3.336  8.185   10.405  1.00 21.87 ? 120 ALA A O   1 
ATOM   910  C  CB  . ALA A 1 121 ? -2.275  6.335   8.351   1.00 20.61 ? 120 ALA A CB  1 
ATOM   911  N  N   . TYR A 1 122 ? -1.455  7.583   11.504  1.00 20.91 ? 121 TYR A N   1 
ATOM   912  C  CA  . TYR A 1 122 ? -1.517  8.678   12.442  1.00 18.63 ? 121 TYR A CA  1 
ATOM   913  C  C   . TYR A 1 122 ? -0.790  9.869   11.892  1.00 19.60 ? 121 TYR A C   1 
ATOM   914  O  O   . TYR A 1 122 ? 0.157   9.725   11.147  1.00 18.84 ? 121 TYR A O   1 
ATOM   915  C  CB  . TYR A 1 122 ? -0.897  8.292   13.800  1.00 17.14 ? 121 TYR A CB  1 
ATOM   916  C  CG  . TYR A 1 122 ? -1.724  7.280   14.557  1.00 18.73 ? 121 TYR A CG  1 
ATOM   917  C  CD1 . TYR A 1 122 ? -1.613  5.929   14.279  1.00 18.72 ? 121 TYR A CD1 1 
ATOM   918  C  CD2 . TYR A 1 122 ? -2.590  7.674   15.576  1.00 19.04 ? 121 TYR A CD2 1 
ATOM   919  C  CE1 . TYR A 1 122 ? -2.367  4.960   14.984  1.00 21.87 ? 121 TYR A CE1 1 
ATOM   920  C  CE2 . TYR A 1 122 ? -3.373  6.716   16.268  1.00 26.05 ? 121 TYR A CE2 1 
ATOM   921  C  CZ  . TYR A 1 122 ? -3.243  5.364   15.954  1.00 24.58 ? 121 TYR A CZ  1 
ATOM   922  O  OH  . TYR A 1 122 ? -3.973  4.422   16.656  1.00 23.07 ? 121 TYR A OH  1 
ATOM   923  N  N   . PHE A 1 123 ? -1.239  11.066  12.239  1.00 21.88 ? 122 PHE A N   1 
ATOM   924  C  CA  . PHE A 1 123 ? -0.499  12.247  11.838  1.00 23.96 ? 122 PHE A CA  1 
ATOM   925  C  C   . PHE A 1 123 ? -0.699  13.358  12.847  1.00 26.56 ? 122 PHE A C   1 
ATOM   926  O  O   . PHE A 1 123 ? -1.613  13.311  13.658  1.00 24.55 ? 122 PHE A O   1 
ATOM   927  C  CB  . PHE A 1 123 ? -0.884  12.681  10.412  1.00 25.97 ? 122 PHE A CB  1 
ATOM   928  C  CG  . PHE A 1 123 ? -2.350  13.007  10.247  1.00 22.60 ? 122 PHE A CG  1 
ATOM   929  C  CD1 . PHE A 1 123 ? -3.270  11.985  9.964   1.00 22.12 ? 122 PHE A CD1 1 
ATOM   930  C  CD2 . PHE A 1 123 ? -2.802  14.302  10.376  1.00 32.97 ? 122 PHE A CD2 1 
ATOM   931  C  CE1 . PHE A 1 123 ? -4.598  12.258  9.838   1.00 29.05 ? 122 PHE A CE1 1 
ATOM   932  C  CE2 . PHE A 1 123 ? -4.143  14.586  10.232  1.00 34.08 ? 122 PHE A CE2 1 
ATOM   933  C  CZ  . PHE A 1 123 ? -5.038  13.557  9.952   1.00 27.43 ? 122 PHE A CZ  1 
ATOM   934  N  N   . LYS A 1 124 ? 0.201   14.334  12.828  1.00 28.20 ? 123 LYS A N   1 
ATOM   935  C  CA  . LYS A 1 124 ? 0.128   15.460  13.766  1.00 30.11 ? 123 LYS A CA  1 
ATOM   936  C  C   . LYS A 1 124 ? -0.427  16.711  13.088  1.00 33.73 ? 123 LYS A C   1 
ATOM   937  O  O   . LYS A 1 124 ? -0.115  17.013  11.928  1.00 33.87 ? 123 LYS A O   1 
ATOM   938  C  CB  . LYS A 1 124 ? 1.494   15.736  14.388  1.00 28.11 ? 123 LYS A CB  1 
ATOM   939  C  CG  . LYS A 1 124 ? 1.931   14.678  15.392  1.00 28.96 ? 123 LYS A CG  1 
ATOM   940  N  N   . THR A 1 125 ? -1.279  17.415  13.822  1.00 40.85 ? 124 THR A N   1 
ATOM   941  C  CA  . THR A 1 125 ? -1.869  18.686  13.379  1.00 45.86 ? 124 THR A CA  1 
ATOM   942  C  C   . THR A 1 125 ? -1.712  19.687  14.539  1.00 48.00 ? 124 THR A C   1 
ATOM   943  O  O   . THR A 1 125 ? -1.396  19.274  15.674  1.00 48.18 ? 124 THR A O   1 
ATOM   944  C  CB  . THR A 1 125 ? -3.380  18.511  12.979  1.00 46.90 ? 124 THR A CB  1 
ATOM   945  O  OG1 . THR A 1 125 ? -4.116  17.958  14.087  1.00 52.08 ? 124 THR A OG1 1 
ATOM   946  C  CG2 . THR A 1 125 ? -3.520  17.592  11.737  1.00 41.89 ? 124 THR A CG2 1 
ATOM   947  N  N   . PRO A 1 126 ? -1.911  21.000  14.268  1.00 50.68 ? 125 PRO A N   1 
ATOM   948  C  CA  . PRO A 1 126 ? -2.010  21.962  15.371  1.00 51.53 ? 125 PRO A CA  1 
ATOM   949  C  C   . PRO A 1 126 ? -2.845  21.384  16.515  1.00 52.73 ? 125 PRO A C   1 
ATOM   950  O  O   . PRO A 1 126 ? -2.450  21.460  17.688  1.00 53.38 ? 125 PRO A O   1 
ATOM   951  C  CB  . PRO A 1 126 ? -2.725  23.153  14.727  1.00 51.98 ? 125 PRO A CB  1 
ATOM   952  C  CG  . PRO A 1 126 ? -2.293  23.129  13.303  1.00 52.44 ? 125 PRO A CG  1 
ATOM   953  C  CD  . PRO A 1 126 ? -2.052  21.663  12.954  1.00 52.15 ? 125 PRO A CD  1 
ATOM   954  N  N   . ASP A 1 127 ? -3.953  20.737  16.144  1.00 51.45 ? 126 ASP A N   1 
ATOM   955  C  CA  . ASP A 1 127 ? -4.928  20.237  17.106  1.00 49.68 ? 126 ASP A CA  1 
ATOM   956  C  C   . ASP A 1 127 ? -4.463  19.013  17.942  1.00 49.08 ? 126 ASP A C   1 
ATOM   957  O  O   . ASP A 1 127 ? -4.947  18.831  19.072  1.00 52.13 ? 126 ASP A O   1 
ATOM   958  C  CB  . ASP A 1 127 ? -6.260  19.944  16.395  1.00 52.44 ? 126 ASP A CB  1 
ATOM   959  C  CG  . ASP A 1 127 ? -6.591  20.972  15.319  1.00 57.59 ? 126 ASP A CG  1 
ATOM   960  O  OD1 . ASP A 1 127 ? -5.938  20.928  14.251  1.00 66.49 ? 126 ASP A OD1 1 
ATOM   961  O  OD2 . ASP A 1 127 ? -7.493  21.819  15.539  1.00 66.95 ? 126 ASP A OD2 1 
ATOM   962  N  N   . GLY A 1 128 ? -3.555  18.184  17.416  1.00 42.86 ? 127 GLY A N   1 
ATOM   963  C  CA  . GLY A 1 128 ? -3.000  17.072  18.198  1.00 40.04 ? 127 GLY A CA  1 
ATOM   964  C  C   . GLY A 1 128 ? -2.788  15.843  17.326  1.00 33.76 ? 127 GLY A C   1 
ATOM   965  O  O   . GLY A 1 128 ? -2.740  15.975  16.113  1.00 32.62 ? 127 GLY A O   1 
ATOM   966  N  N   . LEU A 1 129 ? -2.663  14.667  17.935  1.00 30.11 ? 128 LEU A N   1 
ATOM   967  C  CA  . LEU A 1 129 ? -2.484  13.421  17.171  1.00 30.27 ? 128 LEU A CA  1 
ATOM   968  C  C   . LEU A 1 129 ? -3.827  12.960  16.626  1.00 28.09 ? 128 LEU A C   1 
ATOM   969  O  O   . LEU A 1 129 ? -4.770  12.772  17.395  1.00 26.76 ? 128 LEU A O   1 
ATOM   970  C  CB  . LEU A 1 129 ? -1.876  12.299  18.029  1.00 34.22 ? 128 LEU A CB  1 
ATOM   971  C  CG  . LEU A 1 129 ? -0.822  11.429  17.369  1.00 32.32 ? 128 LEU A CG  1 
ATOM   972  C  CD1 . LEU A 1 129 ? 0.435   12.278  17.148  1.00 30.76 ? 128 LEU A CD1 1 
ATOM   973  C  CD2 . LEU A 1 129 ? -0.486  10.202  18.206  1.00 34.16 ? 128 LEU A CD2 1 
ATOM   974  N  N   . GLN A 1 130 ? -3.893  12.793  15.304  1.00 26.66 ? 129 GLN A N   1 
ATOM   975  C  CA  . GLN A 1 130 ? -5.091  12.375  14.547  1.00 27.31 ? 129 GLN A CA  1 
ATOM   976  C  C   . GLN A 1 130 ? -4.791  11.083  13.776  1.00 24.40 ? 129 GLN A C   1 
ATOM   977  O  O   . GLN A 1 130 ? -3.625  10.730  13.586  1.00 22.63 ? 129 GLN A O   1 
ATOM   978  C  CB  . GLN A 1 130 ? -5.457  13.467  13.538  1.00 28.74 ? 129 GLN A CB  1 
ATOM   979  C  CG  . GLN A 1 130 ? -5.573  14.891  14.132  1.00 35.92 ? 129 GLN A CG  1 
ATOM   980  C  CD  . GLN A 1 130 ? -6.992  15.271  14.537  1.00 34.82 ? 129 GLN A CD  1 
ATOM   981  O  OE1 . GLN A 1 130 ? -7.953  14.669  14.083  1.00 40.51 ? 129 GLN A OE1 1 
ATOM   982  N  NE2 . GLN A 1 130 ? -7.123  16.297  15.366  1.00 39.12 ? 129 GLN A NE2 1 
ATOM   983  N  N   . ALA A 1 131 ? -5.830  10.385  13.337  1.00 24.77 ? 130 ALA A N   1 
ATOM   984  C  CA  . ALA A 1 131 ? -5.644  9.172   12.550  1.00 23.93 ? 130 ALA A CA  1 
ATOM   985  C  C   . ALA A 1 131 ? -6.623  9.079   11.415  1.00 22.15 ? 130 ALA A C   1 
ATOM   986  O  O   . ALA A 1 131 ? -7.761  9.536   11.554  1.00 25.63 ? 130 ALA A O   1 
ATOM   987  C  CB  . ALA A 1 131 ? -5.753  7.896   13.451  1.00 25.11 ? 130 ALA A CB  1 
ATOM   988  N  N   . HIS A 1 132 ? -6.149  8.583   10.281  1.00 21.46 ? 131 HIS A N   1 
ATOM   989  C  CA  . HIS A 1 132 ? -6.964  8.157   9.148   1.00 24.75 ? 131 HIS A CA  1 
ATOM   990  C  C   . HIS A 1 132 ? -7.295  6.703   9.366   1.00 24.00 ? 131 HIS A C   1 
ATOM   991  O  O   . HIS A 1 132 ? -6.380  5.883   9.340   1.00 25.82 ? 131 HIS A O   1 
ATOM   992  C  CB  . HIS A 1 132 ? -6.167  8.184   7.849   1.00 26.54 ? 131 HIS A CB  1 
ATOM   993  C  CG  . HIS A 1 132 ? -5.740  9.541   7.410   1.00 31.96 ? 131 HIS A CG  1 
ATOM   994  N  ND1 . HIS A 1 132 ? -6.626  10.472  6.915   1.00 37.89 ? 131 HIS A ND1 1 
ATOM   995  C  CD2 . HIS A 1 132 ? -4.513  10.108  7.327   1.00 40.87 ? 131 HIS A CD2 1 
ATOM   996  C  CE1 . HIS A 1 132 ? -5.968  11.570  6.585   1.00 45.74 ? 131 HIS A CE1 1 
ATOM   997  N  NE2 . HIS A 1 132 ? -4.682  11.373  6.817   1.00 38.84 ? 131 HIS A NE2 1 
ATOM   998  N  N   . HIS A 1 133 ? -8.574  6.384   9.579   1.00 22.93 ? 132 HIS A N   1 
ATOM   999  C  CA  . HIS A 1 133 ? -9.005  4.980   9.733   1.00 23.27 ? 132 HIS A CA  1 
ATOM   1000 C  C   . HIS A 1 133 ? -9.512  4.416   8.400   1.00 23.89 ? 132 HIS A C   1 
ATOM   1001 O  O   . HIS A 1 133 ? -10.522 4.850   7.862   1.00 24.23 ? 132 HIS A O   1 
ATOM   1002 C  CB  . HIS A 1 133 ? -10.083 4.883   10.804  1.00 24.81 ? 132 HIS A CB  1 
ATOM   1003 C  CG  . HIS A 1 133 ? -10.443 3.480   11.179  1.00 21.88 ? 132 HIS A CG  1 
ATOM   1004 N  ND1 . HIS A 1 133 ? -11.548 3.183   11.946  1.00 29.14 ? 132 HIS A ND1 1 
ATOM   1005 C  CD2 . HIS A 1 133 ? -9.836  2.294   10.919  1.00 19.59 ? 132 HIS A CD2 1 
ATOM   1006 C  CE1 . HIS A 1 133 ? -11.606 1.880   12.145  1.00 27.03 ? 132 HIS A CE1 1 
ATOM   1007 N  NE2 . HIS A 1 133 ? -10.578 1.316   11.538  1.00 18.26 ? 132 HIS A NE2 1 
ATOM   1008 N  N   . GLU A 1 134 ? -8.769  3.475   7.851   1.00 23.04 ? 133 GLU A N   1 
ATOM   1009 C  CA  . GLU A 1 134 ? -8.921  3.115   6.478   1.00 23.12 ? 133 GLU A CA  1 
ATOM   1010 C  C   . GLU A 1 134 ? -9.158  1.617   6.362   1.00 23.12 ? 133 GLU A C   1 
ATOM   1011 O  O   . GLU A 1 134 ? -8.673  0.829   7.171   1.00 20.21 ? 133 GLU A O   1 
ATOM   1012 C  CB  . GLU A 1 134 ? -7.650  3.510   5.722   1.00 28.57 ? 133 GLU A CB  1 
ATOM   1013 C  CG  . GLU A 1 134 ? -7.229  4.975   5.788   1.00 39.14 ? 133 GLU A CG  1 
ATOM   1014 C  CD  . GLU A 1 134 ? -8.094  5.915   4.953   1.00 47.49 ? 133 GLU A CD  1 
ATOM   1015 O  OE1 . GLU A 1 134 ? -8.706  5.468   3.957   1.00 56.39 ? 133 GLU A OE1 1 
ATOM   1016 O  OE2 . GLU A 1 134 ? -8.143  7.122   5.288   1.00 37.54 ? 133 GLU A OE2 1 
ATOM   1017 N  N   . LEU A 1 135 ? -9.980  1.222   5.374   1.00 21.39 ? 134 LEU A N   1 
ATOM   1018 C  CA  . LEU A 1 135 ? -10.069 -0.165  4.956   1.00 20.81 ? 134 LEU A CA  1 
ATOM   1019 C  C   . LEU A 1 135 ? -9.675  -0.236  3.478   1.00 23.85 ? 134 LEU A C   1 
ATOM   1020 O  O   . LEU A 1 135 ? -10.422 0.237   2.611   1.00 24.24 ? 134 LEU A O   1 
ATOM   1021 C  CB  . LEU A 1 135 ? -11.480 -0.722  5.147   1.00 17.90 ? 134 LEU A CB  1 
ATOM   1022 C  CG  . LEU A 1 135 ? -11.728 -2.195  4.749   1.00 22.32 ? 134 LEU A CG  1 
ATOM   1023 C  CD1 . LEU A 1 135 ? -10.855 -3.140  5.599   1.00 22.42 ? 134 LEU A CD1 1 
ATOM   1024 C  CD2 . LEU A 1 135 ? -13.227 -2.604  4.843   1.00 21.27 ? 134 LEU A CD2 1 
ATOM   1025 N  N   . SER A 1 136 ? -8.508  -0.801  3.206   1.00 24.37 ? 135 SER A N   1 
ATOM   1026 C  CA  . SER A 1 136 ? -7.957  -0.840  1.854   1.00 26.84 ? 135 SER A CA  1 
ATOM   1027 C  C   . SER A 1 136 ? -8.053  -2.249  1.256   1.00 21.06 ? 135 SER A C   1 
ATOM   1028 O  O   . SER A 1 136 ? -7.871  -3.295  1.971   1.00 22.52 ? 135 SER A O   1 
ATOM   1029 C  CB  . SER A 1 136 ? -6.518  -0.384  1.896   1.00 29.99 ? 135 SER A CB  1 
ATOM   1030 O  OG  . SER A 1 136 ? -6.492  1.028   2.088   1.00 29.31 ? 135 SER A OG  1 
ATOM   1031 N  N   . THR A 1 137 ? -8.296  -2.277  -0.062  1.00 20.22 ? 136 THR A N   1 
ATOM   1032 C  CA  . THR A 1 137 ? -8.427  -3.484  -0.801  1.00 19.89 ? 136 THR A CA  1 
ATOM   1033 C  C   . THR A 1 137 ? -7.313  -3.623  -1.817  1.00 18.56 ? 136 THR A C   1 
ATOM   1034 O  O   . THR A 1 137 ? -6.874  -2.630  -2.448  1.00 21.10 ? 136 THR A O   1 
ATOM   1035 C  CB  . THR A 1 137 ? -9.783  -3.606  -1.533  1.00 19.44 ? 136 THR A CB  1 
ATOM   1036 O  OG1 . THR A 1 137 ? -10.842 -3.394  -0.584  1.00 21.61 ? 136 THR A OG1 1 
ATOM   1037 C  CG2 . THR A 1 137 ? -9.902  -5.014  -2.155  1.00 19.47 ? 136 THR A CG2 1 
ATOM   1038 N  N   . PHE A 1 138 ? -6.870  -4.859  -1.926  1.00 17.44 ? 137 PHE A N   1 
ATOM   1039 C  CA  . PHE A 1 138 ? -5.743  -5.235  -2.766  1.00 18.82 ? 137 PHE A CA  1 
ATOM   1040 C  C   . PHE A 1 138 ? -6.131  -6.410  -3.654  1.00 20.27 ? 137 PHE A C   1 
ATOM   1041 O  O   . PHE A 1 138 ? -6.956  -7.249  -3.289  1.00 21.68 ? 137 PHE A O   1 
ATOM   1042 C  CB  . PHE A 1 138 ? -4.541  -5.598  -1.907  1.00 18.22 ? 137 PHE A CB  1 
ATOM   1043 C  CG  . PHE A 1 138 ? -4.124  -4.503  -0.949  1.00 20.37 ? 137 PHE A CG  1 
ATOM   1044 C  CD1 . PHE A 1 138 ? -4.797  -4.331  0.251   1.00 23.85 ? 137 PHE A CD1 1 
ATOM   1045 C  CD2 . PHE A 1 138 ? -3.111  -3.637  -1.290  1.00 26.92 ? 137 PHE A CD2 1 
ATOM   1046 C  CE1 . PHE A 1 138 ? -4.448  -3.346  1.117   1.00 28.34 ? 137 PHE A CE1 1 
ATOM   1047 C  CE2 . PHE A 1 138 ? -2.746  -2.648  -0.396  1.00 27.21 ? 137 PHE A CE2 1 
ATOM   1048 C  CZ  . PHE A 1 138 ? -3.462  -2.510  0.788   1.00 24.97 ? 137 PHE A CZ  1 
ATOM   1049 N  N   . VAL A 1 139 ? -5.493  -6.477  -4.827  1.00 19.49 ? 138 VAL A N   1 
ATOM   1050 C  CA  . VAL A 1 139 ? -5.722  -7.570  -5.776  1.00 21.66 ? 138 VAL A CA  1 
ATOM   1051 C  C   . VAL A 1 139 ? -4.379  -8.191  -6.118  1.00 19.16 ? 138 VAL A C   1 
ATOM   1052 O  O   . VAL A 1 139 ? -3.380  -7.483  -6.267  1.00 18.70 ? 138 VAL A O   1 
ATOM   1053 C  CB  . VAL A 1 139 ? -6.493  -7.131  -7.055  1.00 20.13 ? 138 VAL A CB  1 
ATOM   1054 C  CG1 . VAL A 1 139 ? -5.687  -6.155  -7.909  1.00 23.97 ? 138 VAL A CG1 1 
ATOM   1055 C  CG2 . VAL A 1 139 ? -6.939  -8.365  -7.864  1.00 19.88 ? 138 VAL A CG2 1 
ATOM   1056 N  N   . LYS A 1 140 ? -4.386  -9.517  -6.225  1.00 21.78 ? 139 LYS A N   1 
ATOM   1057 C  CA  . LYS A 1 140 ? -3.253  -10.312 -6.659  1.00 21.49 ? 139 LYS A CA  1 
ATOM   1058 C  C   . LYS A 1 140 ? -3.354  -10.533 -8.171  1.00 22.13 ? 139 LYS A C   1 
ATOM   1059 O  O   . LYS A 1 140 ? -4.363  -11.085 -8.671  1.00 20.28 ? 139 LYS A O   1 
ATOM   1060 C  CB  . LYS A 1 140 ? -3.211  -11.649 -5.894  1.00 28.23 ? 139 LYS A CB  1 
ATOM   1061 C  CG  . LYS A 1 140 ? -1.802  -12.154 -5.593  1.00 30.85 ? 139 LYS A CG  1 
ATOM   1062 C  CD  . LYS A 1 140 ? -1.769  -13.482 -4.807  1.00 31.77 ? 139 LYS A CD  1 
ATOM   1063 C  CE  . LYS A 1 140 ? -0.443  -13.625 -4.014  1.00 35.84 ? 139 LYS A CE  1 
ATOM   1064 N  N   . ILE A 1 141 ? -2.283  -10.147 -8.862  1.00 19.57 ? 140 ILE A N   1 
ATOM   1065 C  CA  . ILE A 1 141 ? -2.133  -10.276 -10.307 1.00 18.77 ? 140 ILE A CA  1 
ATOM   1066 C  C   . ILE A 1 141 ? -0.863  -11.042 -10.673 1.00 23.20 ? 140 ILE A C   1 
ATOM   1067 O  O   . ILE A 1 141 ? 0.219   -10.730 -10.184 1.00 21.53 ? 140 ILE A O   1 
ATOM   1068 C  CB  . ILE A 1 141 ? -2.060  -8.915  -10.997 1.00 17.50 ? 140 ILE A CB  1 
ATOM   1069 C  CG1 . ILE A 1 141 ? -3.320  -8.071  -10.717 1.00 15.90 ? 140 ILE A CG1 1 
ATOM   1070 C  CG2 . ILE A 1 141 ? -1.843  -9.123  -12.504 1.00 19.96 ? 140 ILE A CG2 1 
ATOM   1071 C  CD1 . ILE A 1 141 ? -3.105  -6.581  -11.160 1.00 21.69 ? 140 ILE A CD1 1 
ATOM   1072 N  N   . LYS A 1 142 ? -1.000  -12.036 -11.538 1.00 30.66 ? 141 LYS A N   1 
ATOM   1073 C  CA  . LYS A 1 142 ? 0.157   -12.816 -12.024 1.00 36.12 ? 141 LYS A CA  1 
ATOM   1074 C  C   . LYS A 1 142 ? 1.080   -12.001 -12.936 1.00 39.60 ? 141 LYS A C   1 
ATOM   1075 O  O   . LYS A 1 142 ? 0.621   -11.094 -13.648 1.00 37.42 ? 141 LYS A O   1 
ATOM   1076 C  CB  . LYS A 1 142 ? -0.320  -14.059 -12.770 1.00 36.70 ? 141 LYS A CB  1 
ATOM   1077 C  CG  . LYS A 1 142 ? -0.900  -15.108 -11.859 1.00 39.44 ? 141 LYS A CG  1 
ATOM   1078 N  N   . ASN A 1 143 ? 2.382   -12.301 -12.901 1.00 43.59 ? 142 ASN A N   1 
ATOM   1079 C  CA  . ASN A 1 143 ? 3.316   -11.725 -13.874 1.00 47.03 ? 142 ASN A CA  1 
ATOM   1080 C  C   . ASN A 1 143 ? 2.957   -12.295 -15.241 1.00 50.12 ? 142 ASN A C   1 
ATOM   1081 O  O   . ASN A 1 143 ? 2.384   -13.387 -15.323 1.00 50.13 ? 142 ASN A O   1 
ATOM   1082 C  CB  . ASN A 1 143 ? 4.772   -12.036 -13.519 1.00 47.97 ? 142 ASN A CB  1 
ATOM   1083 N  N   . LYS A 1 144 ? 3.240   -11.539 -16.301 1.00 53.72 ? 143 LYS A N   1 
ATOM   1084 C  CA  . LYS A 1 144 ? 3.098   -12.036 -17.682 1.00 55.78 ? 143 LYS A CA  1 
ATOM   1085 C  C   . LYS A 1 144 ? 4.483   -12.481 -18.122 1.00 57.27 ? 143 LYS A C   1 
ATOM   1086 O  O   . LYS A 1 144 ? 4.923   -12.199 -19.233 1.00 57.58 ? 143 LYS A O   1 
ATOM   1087 C  CB  . LYS A 1 144 ? 2.559   -10.946 -18.613 1.00 55.39 ? 143 LYS A CB  1 
ATOM   1088 N  N   . ALA A 1 145 ? 5.145   -13.200 -17.221 1.00 60.09 ? 144 ALA A N   1 
ATOM   1089 C  CA  . ALA A 1 145 ? 6.599   -13.383 -17.242 1.00 61.11 ? 144 ALA A CA  1 
ATOM   1090 C  C   . ALA A 1 145 ? 7.026   -14.755 -16.670 1.00 60.21 ? 144 ALA A C   1 
ATOM   1091 O  O   . ALA A 1 145 ? 8.022   -15.347 -17.094 1.00 61.98 ? 144 ALA A O   1 
ATOM   1092 C  CB  . ALA A 1 145 ? 7.262   -12.236 -16.436 1.00 61.63 ? 144 ALA A CB  1 
ATOM   1093 N  N   . ASN A 1 146 ? 6.239   -15.247 -15.719 1.00 57.14 ? 145 ASN A N   1 
ATOM   1094 C  CA  . ASN A 1 146 ? 6.574   -16.395 -14.899 1.00 53.29 ? 145 ASN A CA  1 
ATOM   1095 C  C   . ASN A 1 146 ? 5.319   -16.576 -14.053 1.00 50.49 ? 145 ASN A C   1 
ATOM   1096 O  O   . ASN A 1 146 ? 4.409   -15.744 -14.131 1.00 49.76 ? 145 ASN A O   1 
ATOM   1097 C  CB  . ASN A 1 146 ? 7.803   -16.112 -14.027 1.00 52.90 ? 145 ASN A CB  1 
ATOM   1098 N  N   . SER A 1 147 ? 5.251   -17.632 -13.255 1.00 47.31 ? 146 SER A N   1 
ATOM   1099 C  CA  . SER A 1 147 ? 4.026   -17.922 -12.509 1.00 45.52 ? 146 SER A CA  1 
ATOM   1100 C  C   . SER A 1 147 ? 3.879   -17.043 -11.243 1.00 43.67 ? 146 SER A C   1 
ATOM   1101 O  O   . SER A 1 147 ? 2.944   -17.220 -10.456 1.00 42.77 ? 146 SER A O   1 
ATOM   1102 C  CB  . SER A 1 147 ? 3.988   -19.397 -12.133 1.00 44.08 ? 146 SER A CB  1 
ATOM   1103 O  OG  . SER A 1 147 ? 2.747   -19.717 -11.524 1.00 53.24 ? 146 SER A OG  1 
ATOM   1104 N  N   . ASP A 1 148 ? 4.829   -16.123 -11.060 1.00 41.54 ? 147 ASP A N   1 
ATOM   1105 C  CA  . ASP A 1 148 ? 4.887   -15.227 -9.908  1.00 39.54 ? 147 ASP A CA  1 
ATOM   1106 C  C   . ASP A 1 148 ? 3.712   -14.255 -9.941  1.00 35.95 ? 147 ASP A C   1 
ATOM   1107 O  O   . ASP A 1 148 ? 3.265   -13.856 -11.013 1.00 35.33 ? 147 ASP A O   1 
ATOM   1108 C  CB  . ASP A 1 148 ? 6.206   -14.451 -9.943  1.00 38.55 ? 147 ASP A CB  1 
ATOM   1109 C  CG  . ASP A 1 148 ? 6.529   -13.901 -11.337 1.00 40.64 ? 147 ASP A CG  1 
ATOM   1110 N  N   . ALA A 1 149 ? 3.205   -13.895 -8.770  1.00 34.00 ? 148 ALA A N   1 
ATOM   1111 C  CA  . ALA A 1 149 ? 2.166   -12.885 -8.665  1.00 30.60 ? 148 ALA A CA  1 
ATOM   1112 C  C   . ALA A 1 149 ? 2.578   -11.803 -7.668  1.00 29.01 ? 148 ALA A C   1 
ATOM   1113 O  O   . ALA A 1 149 ? 3.440   -12.016 -6.805  1.00 27.23 ? 148 ALA A O   1 
ATOM   1114 C  CB  . ALA A 1 149 ? 0.824   -13.525 -8.274  1.00 32.50 ? 148 ALA A CB  1 
ATOM   1115 N  N   . SER A 1 150 ? 1.983   -10.624 -7.814  1.00 26.34 ? 149 SER A N   1 
ATOM   1116 C  CA  . SER A 1 150 ? 2.221   -9.527  -6.888  1.00 25.91 ? 149 SER A CA  1 
ATOM   1117 C  C   . SER A 1 150 ? 0.884   -8.964  -6.458  1.00 23.22 ? 149 SER A C   1 
ATOM   1118 O  O   . SER A 1 150 ? -0.132  -9.094  -7.160  1.00 22.10 ? 149 SER A O   1 
ATOM   1119 C  CB  . SER A 1 150 ? 3.088   -8.434  -7.564  1.00 28.30 ? 149 SER A CB  1 
ATOM   1120 O  OG  . SER A 1 150 ? 4.463   -8.832  -7.524  1.00 30.09 ? 149 SER A OG  1 
ATOM   1121 N  N   . TRP A 1 151 ? 0.887   -8.333  -5.290  1.00 19.00 ? 150 TRP A N   1 
ATOM   1122 C  CA  . TRP A 1 151 ? -0.274  -7.635  -4.788  1.00 20.36 ? 150 TRP A CA  1 
ATOM   1123 C  C   . TRP A 1 151 ? -0.247  -6.201  -5.250  1.00 20.20 ? 150 TRP A C   1 
ATOM   1124 O  O   . TRP A 1 151 ? 0.853   -5.594  -5.342  1.00 20.67 ? 150 TRP A O   1 
ATOM   1125 C  CB  . TRP A 1 151 ? -0.238  -7.620  -3.270  1.00 21.02 ? 150 TRP A CB  1 
ATOM   1126 C  CG  . TRP A 1 151 ? -0.573  -8.900  -2.677  1.00 17.02 ? 150 TRP A CG  1 
ATOM   1127 C  CD1 . TRP A 1 151 ? 0.287   -9.808  -2.163  1.00 18.28 ? 150 TRP A CD1 1 
ATOM   1128 C  CD2 . TRP A 1 151 ? -1.884  -9.460  -2.538  1.00 18.46 ? 150 TRP A CD2 1 
ATOM   1129 N  NE1 . TRP A 1 151 ? -0.394  -10.862 -1.678  1.00 23.31 ? 150 TRP A NE1 1 
ATOM   1130 C  CE2 . TRP A 1 151 ? -1.726  -10.712 -1.949  1.00 18.37 ? 150 TRP A CE2 1 
ATOM   1131 C  CE3 . TRP A 1 151 ? -3.163  -9.043  -2.904  1.00 22.98 ? 150 TRP A CE3 1 
ATOM   1132 C  CZ2 . TRP A 1 151 ? -2.817  -11.533 -1.625  1.00 20.25 ? 150 TRP A CZ2 1 
ATOM   1133 C  CZ3 . TRP A 1 151 ? -4.232  -9.840  -2.592  1.00 20.28 ? 150 TRP A CZ3 1 
ATOM   1134 C  CH2 . TRP A 1 151 ? -4.063  -11.079 -1.980  1.00 20.66 ? 150 TRP A CH2 1 
ATOM   1135 N  N   . TYR A 1 152 ? -1.439  -5.681  -5.555  1.00 20.43 ? 151 TYR A N   1 
ATOM   1136 C  CA  . TYR A 1 152 ? -1.610  -4.302  -5.989  1.00 19.58 ? 151 TYR A CA  1 
ATOM   1137 C  C   . TYR A 1 152 ? -2.744  -3.634  -5.249  1.00 21.45 ? 151 TYR A C   1 
ATOM   1138 O  O   . TYR A 1 152 ? -3.758  -4.274  -4.936  1.00 21.23 ? 151 TYR A O   1 
ATOM   1139 C  CB  . TYR A 1 152 ? -1.882  -4.231  -7.499  1.00 19.65 ? 151 TYR A CB  1 
ATOM   1140 C  CG  . TYR A 1 152 ? -0.733  -4.640  -8.350  1.00 20.50 ? 151 TYR A CG  1 
ATOM   1141 C  CD1 . TYR A 1 152 ? -0.571  -5.954  -8.726  1.00 20.32 ? 151 TYR A CD1 1 
ATOM   1142 C  CD2 . TYR A 1 152 ? 0.193   -3.722  -8.769  1.00 21.49 ? 151 TYR A CD2 1 
ATOM   1143 C  CE1 . TYR A 1 152 ? 0.487   -6.358  -9.476  1.00 21.50 ? 151 TYR A CE1 1 
ATOM   1144 C  CE2 . TYR A 1 152 ? 1.249   -4.113  -9.545  1.00 23.91 ? 151 TYR A CE2 1 
ATOM   1145 C  CZ  . TYR A 1 152 ? 1.387   -5.441  -9.894  1.00 24.38 ? 151 TYR A CZ  1 
ATOM   1146 O  OH  . TYR A 1 152 ? 2.425   -5.849  -10.641 1.00 25.97 ? 151 TYR A OH  1 
ATOM   1147 N  N   . PHE A 1 153 ? -2.562  -2.350  -4.967  1.00 22.61 ? 152 PHE A N   1 
ATOM   1148 C  CA  . PHE A 1 153 ? -3.575  -1.565  -4.264  1.00 20.10 ? 152 PHE A CA  1 
ATOM   1149 C  C   . PHE A 1 153 ? -4.662  -1.119  -5.221  1.00 20.71 ? 152 PHE A C   1 
ATOM   1150 O  O   . PHE A 1 153 ? -4.358  -0.576  -6.291  1.00 19.80 ? 152 PHE A O   1 
ATOM   1151 C  CB  . PHE A 1 153 ? -2.907  -0.341  -3.615  1.00 20.28 ? 152 PHE A CB  1 
ATOM   1152 C  CG  . PHE A 1 153 ? -3.867  0.648   -3.049  1.00 20.28 ? 152 PHE A CG  1 
ATOM   1153 C  CD1 . PHE A 1 153 ? -4.645  0.342   -1.971  1.00 20.37 ? 152 PHE A CD1 1 
ATOM   1154 C  CD2 . PHE A 1 153 ? -3.943  1.922   -3.573  1.00 22.75 ? 152 PHE A CD2 1 
ATOM   1155 C  CE1 . PHE A 1 153 ? -5.489  1.298   -1.411  1.00 20.90 ? 152 PHE A CE1 1 
ATOM   1156 C  CE2 . PHE A 1 153 ? -4.776  2.875   -3.029  1.00 20.27 ? 152 PHE A CE2 1 
ATOM   1157 C  CZ  . PHE A 1 153 ? -5.577  2.562   -1.966  1.00 21.90 ? 152 PHE A CZ  1 
ATOM   1158 N  N   . LEU A 1 154 ? -5.922  -1.334  -4.837  1.00 18.98 ? 153 LEU A N   1 
ATOM   1159 C  CA  . LEU A 1 154 ? -7.099  -0.844  -5.604  1.00 21.08 ? 153 LEU A CA  1 
ATOM   1160 C  C   . LEU A 1 154 ? -7.433  0.558   -5.094  1.00 22.88 ? 153 LEU A C   1 
ATOM   1161 O  O   . LEU A 1 154 ? -7.890  0.723   -3.960  1.00 21.43 ? 153 LEU A O   1 
ATOM   1162 C  CB  . LEU A 1 154 ? -8.304  -1.783  -5.410  1.00 23.63 ? 153 LEU A CB  1 
ATOM   1163 C  CG  . LEU A 1 154 ? -8.239  -3.163  -6.036  1.00 25.85 ? 153 LEU A CG  1 
ATOM   1164 C  CD1 . LEU A 1 154 ? -9.575  -3.880  -5.793  1.00 28.21 ? 153 LEU A CD1 1 
ATOM   1165 C  CD2 . LEU A 1 154 ? -7.885  -3.144  -7.508  1.00 32.84 ? 153 LEU A CD2 1 
ATOM   1166 N  N   . ASP A 1 155 ? -7.130  1.579   -5.893  1.00 24.27 ? 154 ASP A N   1 
ATOM   1167 C  CA  . ASP A 1 155 ? -7.283  2.981   -5.438  1.00 24.31 ? 154 ASP A CA  1 
ATOM   1168 C  C   . ASP A 1 155 ? -8.762  3.358   -5.600  1.00 23.72 ? 154 ASP A C   1 
ATOM   1169 O  O   . ASP A 1 155 ? -9.281  3.346   -6.720  1.00 23.86 ? 154 ASP A O   1 
ATOM   1170 C  CB  . ASP A 1 155 ? -6.364  3.912   -6.214  1.00 24.71 ? 154 ASP A CB  1 
ATOM   1171 C  CG  . ASP A 1 155 ? -6.236  5.275   -5.590  1.00 30.81 ? 154 ASP A CG  1 
ATOM   1172 O  OD1 . ASP A 1 155 ? -7.280  5.873   -5.250  1.00 37.38 ? 154 ASP A OD1 1 
ATOM   1173 O  OD2 . ASP A 1 155 ? -5.092  5.769   -5.435  1.00 36.61 ? 154 ASP A OD2 1 
ATOM   1174 N  N   . PRO A 1 156 ? -9.458  3.635   -4.471  1.00 23.52 ? 155 PRO A N   1 
ATOM   1175 C  CA  . PRO A 1 156 ? -10.881 3.953   -4.577  1.00 27.89 ? 155 PRO A CA  1 
ATOM   1176 C  C   . PRO A 1 156 ? -11.138 5.428   -4.858  1.00 27.68 ? 155 PRO A C   1 
ATOM   1177 O  O   . PRO A 1 156 ? -12.296 5.818   -5.005  1.00 30.57 ? 155 PRO A O   1 
ATOM   1178 C  CB  . PRO A 1 156 ? -11.414 3.593   -3.182  1.00 28.31 ? 155 PRO A CB  1 
ATOM   1179 C  CG  . PRO A 1 156 ? -10.327 3.957   -2.311  1.00 23.32 ? 155 PRO A CG  1 
ATOM   1180 C  CD  . PRO A 1 156 ? -9.020  3.695   -3.064  1.00 26.54 ? 155 PRO A CD  1 
ATOM   1181 N  N   . THR A 1 157 ? -10.087 6.245   -4.940  1.00 26.69 ? 156 THR A N   1 
ATOM   1182 C  CA  . THR A 1 157 ? -10.246 7.687   -5.132  1.00 28.85 ? 156 THR A CA  1 
ATOM   1183 C  C   . THR A 1 157 ? -10.158 8.149   -6.607  1.00 28.41 ? 156 THR A C   1 
ATOM   1184 O  O   . THR A 1 157 ? -10.658 9.215   -6.944  1.00 33.98 ? 156 THR A O   1 
ATOM   1185 C  CB  . THR A 1 157 ? -9.191  8.483   -4.312  1.00 30.05 ? 156 THR A CB  1 
ATOM   1186 O  OG1 . THR A 1 157 ? -7.909  8.313   -4.925  1.00 27.43 ? 156 THR A OG1 1 
ATOM   1187 C  CG2 . THR A 1 157 ? -9.121  8.033   -2.813  1.00 29.67 ? 156 THR A CG2 1 
ATOM   1188 N  N   . VAL A 1 158 ? -9.551  7.371   -7.491  1.00 27.84 ? 157 VAL A N   1 
ATOM   1189 C  CA  . VAL A 1 158 ? -9.399  7.787   -8.897  1.00 28.27 ? 157 VAL A CA  1 
ATOM   1190 C  C   . VAL A 1 158 ? -10.714 7.640   -9.675  1.00 28.73 ? 157 VAL A C   1 
ATOM   1191 O  O   . VAL A 1 158 ? -11.442 6.654   -9.521  1.00 28.06 ? 157 VAL A O   1 
ATOM   1192 C  CB  . VAL A 1 158 ? -8.262  7.006   -9.620  1.00 30.69 ? 157 VAL A CB  1 
ATOM   1193 C  CG1 . VAL A 1 158 ? -6.932  7.320   -8.989  1.00 32.81 ? 157 VAL A CG1 1 
ATOM   1194 C  CG2 . VAL A 1 158 ? -8.505  5.549   -9.570  1.00 28.32 ? 157 VAL A CG2 1 
ATOM   1195 N  N   . SER A 1 159 ? -11.018 8.636   -10.500 1.00 30.71 ? 158 SER A N   1 
ATOM   1196 C  CA  . SER A 1 159 ? -12.258 8.619   -11.299 1.00 30.96 ? 158 SER A CA  1 
ATOM   1197 C  C   . SER A 1 159 ? -12.033 7.784   -12.562 1.00 28.42 ? 158 SER A C   1 
ATOM   1198 O  O   . SER A 1 159 ? -11.081 7.989   -13.306 1.00 28.97 ? 158 SER A O   1 
ATOM   1199 C  CB  . SER A 1 159 ? -12.747 10.045  -11.597 1.00 33.49 ? 158 SER A CB  1 
ATOM   1200 O  OG  . SER A 1 159 ? -12.397 10.503  -12.903 1.00 42.72 ? 158 SER A OG  1 
HETATM 1201 N  N   . MSE A 1 160 ? -12.910 6.816   -12.785 1.00 27.31 ? 159 MSE A N   1 
HETATM 1202 C  CA  . MSE A 1 160 ? -12.784 5.907   -13.930 1.00 25.05 ? 159 MSE A CA  1 
HETATM 1203 C  C   . MSE A 1 160 ? -14.138 5.700   -14.522 1.00 24.39 ? 159 MSE A C   1 
HETATM 1204 O  O   . MSE A 1 160 ? -15.142 5.795   -13.838 1.00 27.10 ? 159 MSE A O   1 
HETATM 1205 C  CB  . MSE A 1 160 ? -12.261 4.554   -13.495 1.00 25.33 ? 159 MSE A CB  1 
HETATM 1206 C  CG  . MSE A 1 160 ? -11.032 4.602   -12.653 1.00 28.74 ? 159 MSE A CG  1 
HETATM 1207 SE SE  . MSE A 1 160 ? -10.501 2.765   -12.251 0.75 27.58 ? 159 MSE A SE  1 
HETATM 1208 C  CE  . MSE A 1 160 ? -9.453  2.404   -13.900 1.00 29.19 ? 159 MSE A CE  1 
ATOM   1209 N  N   . SER A 1 161 ? -14.165 5.410   -15.808 1.00 23.41 ? 160 SER A N   1 
ATOM   1210 C  CA  . SER A 1 161 ? -15.399 5.141   -16.491 1.00 25.12 ? 160 SER A CA  1 
ATOM   1211 C  C   . SER A 1 161 ? -15.233 3.719   -17.028 1.00 25.66 ? 160 SER A C   1 
ATOM   1212 O  O   . SER A 1 161 ? -14.899 3.525   -18.190 1.00 29.92 ? 160 SER A O   1 
ATOM   1213 C  CB  . SER A 1 161 ? -15.627 6.195   -17.587 1.00 24.20 ? 160 SER A CB  1 
ATOM   1214 O  OG  . SER A 1 161 ? -15.984 7.481   -17.035 1.00 24.53 ? 160 SER A OG  1 
ATOM   1215 N  N   . VAL A 1 162 ? -15.499 2.754   -16.145 1.00 22.83 ? 161 VAL A N   1 
ATOM   1216 C  CA  . VAL A 1 162 ? -15.320 1.321   -16.373 1.00 22.75 ? 161 VAL A CA  1 
ATOM   1217 C  C   . VAL A 1 162 ? -16.661 0.706   -16.723 1.00 22.52 ? 161 VAL A C   1 
ATOM   1218 O  O   . VAL A 1 162 ? -17.695 1.088   -16.186 1.00 22.65 ? 161 VAL A O   1 
ATOM   1219 C  CB  . VAL A 1 162 ? -14.786 0.642   -15.060 1.00 24.05 ? 161 VAL A CB  1 
ATOM   1220 C  CG1 . VAL A 1 162 ? -14.480 -0.854  -15.259 1.00 27.41 ? 161 VAL A CG1 1 
ATOM   1221 C  CG2 . VAL A 1 162 ? -13.558 1.344   -14.566 1.00 24.13 ? 161 VAL A CG2 1 
ATOM   1222 N  N   . THR A 1 163 ? -16.648 -0.238  -17.656 1.00 22.77 ? 162 THR A N   1 
ATOM   1223 C  CA  . THR A 1 163 ? -17.848 -0.925  -18.090 1.00 22.63 ? 162 THR A CA  1 
ATOM   1224 C  C   . THR A 1 163 ? -18.085 -2.170  -17.215 1.00 23.53 ? 162 THR A C   1 
ATOM   1225 O  O   . THR A 1 163 ? -17.254 -3.066  -17.177 1.00 21.55 ? 162 THR A O   1 
ATOM   1226 C  CB  . THR A 1 163 ? -17.722 -1.324  -19.558 1.00 24.80 ? 162 THR A CB  1 
ATOM   1227 O  OG1 . THR A 1 163 ? -17.468 -0.160  -20.366 1.00 19.21 ? 162 THR A OG1 1 
ATOM   1228 C  CG2 . THR A 1 163 ? -18.975 -2.026  -19.989 1.00 15.02 ? 162 THR A CG2 1 
ATOM   1229 N  N   . GLN A 1 164 ? -19.212 -2.193  -16.501 1.00 23.29 ? 163 GLN A N   1 
ATOM   1230 C  CA  . GLN A 1 164 ? -19.476 -3.187  -15.449 1.00 23.23 ? 163 GLN A CA  1 
ATOM   1231 C  C   . GLN A 1 164 ? -19.433 -4.676  -15.884 1.00 21.25 ? 163 GLN A C   1 
ATOM   1232 O  O   . GLN A 1 164 ? -18.951 -5.527  -15.122 1.00 24.72 ? 163 GLN A O   1 
ATOM   1233 C  CB  . GLN A 1 164 ? -20.829 -2.894  -14.775 1.00 26.48 ? 163 GLN A CB  1 
ATOM   1234 C  CG  . GLN A 1 164 ? -20.864 -1.602  -13.957 1.00 29.69 ? 163 GLN A CG  1 
ATOM   1235 C  CD  . GLN A 1 164 ? -20.016 -1.666  -12.708 1.00 28.45 ? 163 GLN A CD  1 
ATOM   1236 O  OE1 . GLN A 1 164 ? -20.059 -2.641  -11.959 1.00 35.38 ? 163 GLN A OE1 1 
ATOM   1237 N  NE2 . GLN A 1 164 ? -19.224 -0.630  -12.482 1.00 39.25 ? 163 GLN A NE2 1 
ATOM   1238 N  N   . LYS A 1 165 ? -19.909 -4.979  -17.087 1.00 22.99 ? 164 LYS A N   1 
ATOM   1239 C  CA  . LYS A 1 165 ? -20.046 -6.370  -17.561 1.00 24.28 ? 164 LYS A CA  1 
ATOM   1240 C  C   . LYS A 1 165 ? -18.799 -6.838  -18.311 1.00 23.60 ? 164 LYS A C   1 
ATOM   1241 O  O   . LYS A 1 165 ? -18.661 -8.015  -18.623 1.00 25.36 ? 164 LYS A O   1 
ATOM   1242 C  CB  . LYS A 1 165 ? -21.266 -6.521  -18.478 1.00 25.43 ? 164 LYS A CB  1 
ATOM   1243 C  CG  . LYS A 1 165 ? -22.569 -6.109  -17.806 1.00 29.96 ? 164 LYS A CG  1 
ATOM   1244 C  CD  . LYS A 1 165 ? -23.793 -6.325  -18.720 1.00 29.36 ? 164 LYS A CD  1 
ATOM   1245 C  CE  . LYS A 1 165 ? -25.085 -6.113  -17.944 1.00 37.94 ? 164 LYS A CE  1 
ATOM   1246 N  NZ  . LYS A 1 165 ? -26.227 -5.779  -18.842 1.00 32.05 ? 164 LYS A NZ  1 
ATOM   1247 N  N   . GLN A 1 166 ? -17.916 -5.899  -18.635 1.00 24.45 ? 165 GLN A N   1 
ATOM   1248 C  CA  . GLN A 1 166 ? -16.688 -6.198  -19.381 1.00 22.17 ? 165 GLN A CA  1 
ATOM   1249 C  C   . GLN A 1 166 ? -15.622 -6.722  -18.425 1.00 21.25 ? 165 GLN A C   1 
ATOM   1250 O  O   . GLN A 1 166 ? -15.749 -6.575  -17.230 1.00 21.08 ? 165 GLN A O   1 
ATOM   1251 C  CB  . GLN A 1 166 ? -16.173 -4.931  -20.039 1.00 22.34 ? 165 GLN A CB  1 
ATOM   1252 C  CG  . GLN A 1 166 ? -16.843 -4.614  -21.310 1.00 26.02 ? 165 GLN A CG  1 
ATOM   1253 C  CD  . GLN A 1 166 ? -16.106 -5.254  -22.447 1.00 38.18 ? 165 GLN A CD  1 
ATOM   1254 O  OE1 . GLN A 1 166 ? -16.555 -6.267  -22.983 1.00 42.48 ? 165 GLN A OE1 1 
ATOM   1255 N  NE2 . GLN A 1 166 ? -14.927 -4.713  -22.781 1.00 22.38 ? 165 GLN A NE2 1 
ATOM   1256 N  N   . PRO A 1 167 ? -14.564 -7.343  -18.961 1.00 20.76 ? 166 PRO A N   1 
ATOM   1257 C  CA  . PRO A 1 167 ? -13.533 -7.927  -18.126 1.00 20.65 ? 166 PRO A CA  1 
ATOM   1258 C  C   . PRO A 1 167 ? -12.877 -6.937  -17.152 1.00 20.73 ? 166 PRO A C   1 
ATOM   1259 O  O   . PRO A 1 167 ? -12.655 -5.759  -17.474 1.00 22.70 ? 166 PRO A O   1 
ATOM   1260 C  CB  . PRO A 1 167 ? -12.498 -8.441  -19.151 1.00 18.97 ? 166 PRO A CB  1 
ATOM   1261 C  CG  . PRO A 1 167 ? -13.266 -8.669  -20.369 1.00 20.38 ? 166 PRO A CG  1 
ATOM   1262 C  CD  . PRO A 1 167 ? -14.273 -7.554  -20.383 1.00 22.03 ? 166 PRO A CD  1 
ATOM   1263 N  N   . CYS A 1 168 ? -12.528 -7.448  -15.991 1.00 20.44 ? 167 CYS A N   1 
ATOM   1264 C  CA  . CYS A 1 168 ? -12.045 -6.604  -14.933 1.00 19.81 ? 167 CYS A CA  1 
ATOM   1265 C  C   . CYS A 1 168 ? -10.735 -5.935  -15.341 1.00 20.32 ? 167 CYS A C   1 
ATOM   1266 O  O   . CYS A 1 168 ? -9.910  -6.523  -16.055 1.00 22.62 ? 167 CYS A O   1 
ATOM   1267 C  CB  . CYS A 1 168 ? -11.825 -7.395  -13.648 1.00 23.76 ? 167 CYS A CB  1 
ATOM   1268 S  SG  . CYS A 1 168 ? -11.620 -6.318  -12.278 1.00 23.58 ? 167 CYS A SG  1 
ATOM   1269 N  N   . ILE A 1 169 ? -10.570 -4.699  -14.871 1.00 22.46 ? 168 ILE A N   1 
ATOM   1270 C  CA  . ILE A 1 169 ? -9.374  -3.912  -15.065 1.00 24.41 ? 168 ILE A CA  1 
ATOM   1271 C  C   . ILE A 1 169 ? -8.112  -4.552  -14.482 1.00 22.35 ? 168 ILE A C   1 
ATOM   1272 O  O   . ILE A 1 169 ? -7.032  -4.159  -14.874 1.00 22.06 ? 168 ILE A O   1 
ATOM   1273 C  CB  . ILE A 1 169 ? -9.522  -2.467  -14.520 1.00 28.66 ? 168 ILE A CB  1 
ATOM   1274 C  CG1 . ILE A 1 169 ? -9.893  -2.444  -13.017 1.00 28.65 ? 168 ILE A CG1 1 
ATOM   1275 C  CG2 . ILE A 1 169 ? -10.568 -1.745  -15.353 1.00 32.11 ? 168 ILE A CG2 1 
ATOM   1276 C  CD1 . ILE A 1 169 ? -9.973  -1.025  -12.385 1.00 27.77 ? 168 ILE A CD1 1 
ATOM   1277 N  N   . CYS A 1 170 ? -8.256  -5.505  -13.568 1.00 22.63 ? 169 CYS A N   1 
ATOM   1278 C  CA  . CYS A 1 170 ? -7.083  -6.241  -13.040 1.00 24.27 ? 169 CYS A CA  1 
ATOM   1279 C  C   . CYS A 1 170 ? -6.570  -7.302  -13.971 1.00 23.17 ? 169 CYS A C   1 
ATOM   1280 O  O   . CYS A 1 170 ? -5.469  -7.812  -13.778 1.00 19.73 ? 169 CYS A O   1 
ATOM   1281 C  CB  . CYS A 1 170 ? -7.371  -6.893  -11.691 1.00 21.39 ? 169 CYS A CB  1 
ATOM   1282 S  SG  . CYS A 1 170 ? -8.353  -8.347  -11.733 1.00 22.26 ? 169 CYS A SG  1 
ATOM   1283 N  N   . GLY A 1 171 ? -7.372  -7.669  -14.968 1.00 21.81 ? 170 GLY A N   1 
ATOM   1284 C  CA  . GLY A 1 171 ? -6.947  -8.676  -15.955 1.00 21.25 ? 170 GLY A CA  1 
ATOM   1285 C  C   . GLY A 1 171 ? -7.318  -10.112 -15.596 1.00 20.88 ? 170 GLY A C   1 
ATOM   1286 O  O   . GLY A 1 171 ? -6.911  -11.053 -16.270 1.00 22.92 ? 170 GLY A O   1 
ATOM   1287 N  N   . SER A 1 172 ? -8.142  -10.278 -14.572 1.00 22.51 ? 171 SER A N   1 
ATOM   1288 C  CA  . SER A 1 172 ? -8.602  -11.621 -14.146 1.00 22.13 ? 171 SER A CA  1 
ATOM   1289 C  C   . SER A 1 172 ? -9.416  -12.407 -15.161 1.00 20.68 ? 171 SER A C   1 
ATOM   1290 O  O   . SER A 1 172 ? -9.519  -13.648 -15.052 1.00 22.16 ? 171 SER A O   1 
ATOM   1291 C  CB  . SER A 1 172 ? -9.481  -11.492 -12.887 1.00 20.75 ? 171 SER A CB  1 
ATOM   1292 O  OG  . SER A 1 172 ? -10.717 -10.843 -13.177 1.00 20.70 ? 171 SER A OG  1 
ATOM   1293 N  N   . GLY A 1 173 ? -10.069 -11.692 -16.081 1.00 22.30 ? 172 GLY A N   1 
ATOM   1294 C  CA  . GLY A 1 173 ? -11.062 -12.286 -17.000 1.00 20.46 ? 172 GLY A CA  1 
ATOM   1295 C  C   . GLY A 1 173 ? -12.487 -12.323 -16.451 1.00 20.51 ? 172 GLY A C   1 
ATOM   1296 O  O   . GLY A 1 173 ? -13.419 -12.552 -17.199 1.00 21.26 ? 172 GLY A O   1 
ATOM   1297 N  N   . GLU A 1 174 ? -12.664 -12.043 -15.156 1.00 19.18 ? 173 GLU A N   1 
ATOM   1298 C  CA  . GLU A 1 174 ? -13.972 -12.021 -14.516 1.00 23.52 ? 173 GLU A CA  1 
ATOM   1299 C  C   . GLU A 1 174 ? -14.583 -10.681 -14.858 1.00 24.18 ? 173 GLU A C   1 
ATOM   1300 O  O   . GLU A 1 174 ? -13.857 -9.731  -15.141 1.00 20.04 ? 173 GLU A O   1 
ATOM   1301 C  CB  . GLU A 1 174 ? -13.859 -12.184 -13.001 1.00 23.32 ? 173 GLU A CB  1 
ATOM   1302 C  CG  . GLU A 1 174 ? -13.059 -13.404 -12.533 1.00 31.07 ? 173 GLU A CG  1 
ATOM   1303 C  CD  . GLU A 1 174 ? -13.834 -14.694 -12.694 1.00 32.75 ? 173 GLU A CD  1 
ATOM   1304 O  OE1 . GLU A 1 174 ? -13.824 -15.290 -13.789 1.00 30.97 ? 173 GLU A OE1 1 
ATOM   1305 O  OE2 . GLU A 1 174 ? -14.478 -15.103 -11.704 1.00 39.45 ? 173 GLU A OE2 1 
ATOM   1306 N  N   . LYS A 1 175 ? -15.911 -10.600 -14.854 1.00 21.67 ? 174 LYS A N   1 
ATOM   1307 C  CA  . LYS A 1 175 ? -16.572 -9.319  -15.060 1.00 21.32 ? 174 LYS A CA  1 
ATOM   1308 C  C   . LYS A 1 175 ? -16.138 -8.352  -13.964 1.00 21.15 ? 174 LYS A C   1 
ATOM   1309 O  O   . LYS A 1 175 ? -16.088 -8.729  -12.797 1.00 21.64 ? 174 LYS A O   1 
ATOM   1310 C  CB  . LYS A 1 175 ? -18.093 -9.487  -15.000 1.00 24.83 ? 174 LYS A CB  1 
ATOM   1311 C  CG  . LYS A 1 175 ? -18.676 -10.437 -16.033 1.00 26.57 ? 174 LYS A CG  1 
ATOM   1312 C  CD  . LYS A 1 175 ? -20.144 -10.763 -15.677 1.00 25.75 ? 174 LYS A CD  1 
ATOM   1313 C  CE  . LYS A 1 175 ? -20.739 -11.872 -16.526 1.00 32.45 ? 174 LYS A CE  1 
ATOM   1314 N  NZ  . LYS A 1 175 ? -22.175 -12.122 -16.183 1.00 32.42 ? 174 LYS A NZ  1 
ATOM   1315 N  N   . PHE A 1 176 ? -15.895 -7.097  -14.316 1.00 21.48 ? 175 PHE A N   1 
ATOM   1316 C  CA  . PHE A 1 176 ? -15.563 -6.074  -13.329 1.00 22.36 ? 175 PHE A CA  1 
ATOM   1317 C  C   . PHE A 1 176 ? -16.492 -6.148  -12.091 1.00 22.37 ? 175 PHE A C   1 
ATOM   1318 O  O   . PHE A 1 176 ? -16.033 -6.159  -10.959 1.00 23.87 ? 175 PHE A O   1 
ATOM   1319 C  CB  . PHE A 1 176 ? -15.608 -4.680  -14.001 1.00 21.29 ? 175 PHE A CB  1 
ATOM   1320 C  CG  . PHE A 1 176 ? -15.273 -3.541  -13.082 1.00 25.52 ? 175 PHE A CG  1 
ATOM   1321 C  CD1 . PHE A 1 176 ? -13.969 -3.400  -12.577 1.00 24.59 ? 175 PHE A CD1 1 
ATOM   1322 C  CD2 . PHE A 1 176 ? -16.248 -2.601  -12.723 1.00 24.69 ? 175 PHE A CD2 1 
ATOM   1323 C  CE1 . PHE A 1 176 ? -13.662 -2.345  -11.716 1.00 24.87 ? 175 PHE A CE1 1 
ATOM   1324 C  CE2 . PHE A 1 176 ? -15.942 -1.549  -11.861 1.00 25.86 ? 175 PHE A CE2 1 
ATOM   1325 C  CZ  . PHE A 1 176 ? -14.654 -1.407  -11.381 1.00 24.17 ? 175 PHE A CZ  1 
ATOM   1326 N  N   . LYS A 1 177 ? -17.799 -6.209  -12.333 1.00 26.02 ? 176 LYS A N   1 
ATOM   1327 C  CA  . LYS A 1 177 ? -18.796 -6.268  -11.277 1.00 24.74 ? 176 LYS A CA  1 
ATOM   1328 C  C   . LYS A 1 177 ? -18.731 -7.521  -10.365 1.00 24.71 ? 176 LYS A C   1 
ATOM   1329 O  O   . LYS A 1 177 ? -19.262 -7.507  -9.245  1.00 24.84 ? 176 LYS A O   1 
ATOM   1330 C  CB  . LYS A 1 177 ? -20.202 -6.103  -11.893 1.00 24.62 ? 176 LYS A CB  1 
ATOM   1331 C  CG  . LYS A 1 177 ? -20.658 -7.244  -12.740 1.00 25.46 ? 176 LYS A CG  1 
ATOM   1332 C  CD  . LYS A 1 177 ? -22.030 -6.972  -13.375 1.00 31.18 ? 176 LYS A CD  1 
ATOM   1333 C  CE  . LYS A 1 177 ? -23.168 -7.018  -12.350 1.00 37.21 ? 176 LYS A CE  1 
ATOM   1334 N  NZ  . LYS A 1 177 ? -24.488 -6.688  -13.001 1.00 41.88 ? 176 LYS A NZ  1 
ATOM   1335 N  N   . ARG A 1 178 ? -18.061 -8.580  -10.819 1.00 22.76 ? 177 ARG A N   1 
ATOM   1336 C  CA  . ARG A 1 178 ? -17.871 -9.826  -10.037 1.00 22.38 ? 177 ARG A CA  1 
ATOM   1337 C  C   . ARG A 1 178 ? -16.411 -9.955  -9.591  1.00 24.18 ? 177 ARG A C   1 
ATOM   1338 O  O   . ARG A 1 178 ? -15.930 -11.067 -9.229  1.00 24.85 ? 177 ARG A O   1 
ATOM   1339 C  CB  . ARG A 1 178 ? -18.270 -11.054 -10.860 1.00 23.17 ? 177 ARG A CB  1 
ATOM   1340 C  CG  . ARG A 1 178 ? -19.775 -11.293 -10.947 1.00 26.70 ? 177 ARG A CG  1 
ATOM   1341 C  CD  . ARG A 1 178 ? -20.377 -11.954 -9.677  1.00 30.77 ? 177 ARG A CD  1 
ATOM   1342 N  NE  . ARG A 1 178 ? -20.004 -13.367 -9.494  1.00 29.71 ? 177 ARG A NE  1 
ATOM   1343 C  CZ  . ARG A 1 178 ? -20.410 -14.126 -8.470  1.00 34.56 ? 177 ARG A CZ  1 
ATOM   1344 N  NH1 . ARG A 1 178 ? -21.209 -13.625 -7.524  1.00 32.10 ? 177 ARG A NH1 1 
ATOM   1345 N  NH2 . ARG A 1 178 ? -20.005 -15.390 -8.365  1.00 27.53 ? 177 ARG A NH2 1 
ATOM   1346 N  N   . CYS A 1 179 ? -15.693 -8.837  -9.654  1.00 22.35 ? 178 CYS A N   1 
ATOM   1347 C  CA  . CYS A 1 179 ? -14.248 -8.836  -9.352  1.00 21.67 ? 178 CYS A CA  1 
ATOM   1348 C  C   . CYS A 1 179 ? -13.868 -7.578  -8.589  1.00 22.42 ? 178 CYS A C   1 
ATOM   1349 O  O   . CYS A 1 179 ? -14.370 -7.391  -7.512  1.00 24.11 ? 178 CYS A O   1 
ATOM   1350 C  CB  . CYS A 1 179 ? -13.378 -9.042  -10.606 1.00 19.71 ? 178 CYS A CB  1 
ATOM   1351 S  SG  . CYS A 1 179 ? -11.660 -9.555  -10.318 1.00 22.53 ? 178 CYS A SG  1 
ATOM   1352 N  N   . CYS A 1 180 ? -13.021 -6.706  -9.138  1.00 23.35 ? 179 CYS A N   1 
ATOM   1353 C  CA  . CYS A 1 180 ? -12.551 -5.538  -8.367  1.00 24.39 ? 179 CYS A CA  1 
ATOM   1354 C  C   . CYS A 1 180 ? -13.667 -4.518  -8.104  1.00 26.14 ? 179 CYS A C   1 
ATOM   1355 O  O   . CYS A 1 180 ? -13.613 -3.769  -7.128  1.00 24.43 ? 179 CYS A O   1 
ATOM   1356 C  CB  . CYS A 1 180 ? -11.335 -4.915  -9.054  1.00 23.25 ? 179 CYS A CB  1 
ATOM   1357 S  SG  . CYS A 1 180 ? -9.864  -6.004  -9.037  1.00 21.86 ? 179 CYS A SG  1 
ATOM   1358 N  N   . GLY A 1 181 ? -14.702 -4.539  -8.952  1.00 25.76 ? 180 GLY A N   1 
ATOM   1359 C  CA  . GLY A 1 181 ? -15.893 -3.701  -8.773  1.00 26.77 ? 180 GLY A CA  1 
ATOM   1360 C  C   . GLY A 1 181 ? -16.748 -4.056  -7.561  1.00 27.35 ? 180 GLY A C   1 
ATOM   1361 O  O   . GLY A 1 181 ? -17.574 -3.236  -7.149  1.00 29.71 ? 180 GLY A O   1 
HETATM 1362 N  N   . MSE A 1 182 ? -16.575 -5.260  -6.998  1.00 25.07 ? 181 MSE A N   1 
HETATM 1363 C  CA  . MSE A 1 182 ? -17.165 -5.618  -5.714  1.00 25.14 ? 181 MSE A CA  1 
HETATM 1364 C  C   . MSE A 1 182 ? -16.634 -4.707  -4.605  1.00 28.72 ? 181 MSE A C   1 
HETATM 1365 O  O   . MSE A 1 182 ? -17.298 -4.489  -3.581  1.00 29.89 ? 181 MSE A O   1 
HETATM 1366 C  CB  . MSE A 1 182 ? -16.837 -7.061  -5.309  1.00 26.78 ? 181 MSE A CB  1 
HETATM 1367 C  CG  . MSE A 1 182 ? -17.432 -8.192  -6.128  1.00 26.84 ? 181 MSE A CG  1 
HETATM 1368 SE SE  . MSE A 1 182 ? -19.365 -8.248  -6.033  0.75 36.86 ? 181 MSE A SE  1 
HETATM 1369 C  CE  . MSE A 1 182 ? -19.579 -7.640  -4.189  1.00 29.88 ? 181 MSE A CE  1 
ATOM   1370 N  N   . TYR A 1 183 ? -15.427 -4.187  -4.791  1.00 30.55 ? 182 TYR A N   1 
ATOM   1371 C  CA  . TYR A 1 183 ? -14.702 -3.547  -3.695  1.00 31.74 ? 182 TYR A CA  1 
ATOM   1372 C  C   . TYR A 1 183 ? -14.343 -2.097  -3.961  1.00 32.18 ? 182 TYR A C   1 
ATOM   1373 O  O   . TYR A 1 183 ? -14.180 -1.351  -2.994  1.00 36.23 ? 182 TYR A O   1 
ATOM   1374 C  CB  . TYR A 1 183 ? -13.468 -4.366  -3.337  1.00 29.16 ? 182 TYR A CB  1 
ATOM   1375 C  CG  . TYR A 1 183 ? -13.760 -5.833  -3.126  1.00 28.64 ? 182 TYR A CG  1 
ATOM   1376 C  CD1 . TYR A 1 183 ? -14.504 -6.254  -2.044  1.00 27.18 ? 182 TYR A CD1 1 
ATOM   1377 C  CD2 . TYR A 1 183 ? -13.307 -6.803  -4.033  1.00 23.93 ? 182 TYR A CD2 1 
ATOM   1378 C  CE1 . TYR A 1 183 ? -14.795 -7.607  -1.835  1.00 28.19 ? 182 TYR A CE1 1 
ATOM   1379 C  CE2 . TYR A 1 183 ? -13.597 -8.166  -3.828  1.00 32.12 ? 182 TYR A CE2 1 
ATOM   1380 C  CZ  . TYR A 1 183 ? -14.323 -8.558  -2.711  1.00 31.20 ? 182 TYR A CZ  1 
ATOM   1381 O  OH  . TYR A 1 183 ? -14.667 -9.901  -2.481  1.00 32.10 ? 182 TYR A OH  1 
ATOM   1382 N  N   . ILE A 1 184 ? -14.204 -1.692  -5.229  1.00 35.70 ? 183 ILE A N   1 
ATOM   1383 C  CA  . ILE A 1 184 ? -14.084 -0.265  -5.607  1.00 36.73 ? 183 ILE A CA  1 
ATOM   1384 C  C   . ILE A 1 184 ? -15.094 0.141   -6.669  1.00 41.87 ? 183 ILE A C   1 
ATOM   1385 O  O   . ILE A 1 184 ? -15.180 1.314   -7.051  1.00 43.47 ? 183 ILE A O   1 
ATOM   1386 C  CB  . ILE A 1 184 ? -12.688 0.123   -6.139  1.00 39.19 ? 183 ILE A CB  1 
ATOM   1387 C  CG1 . ILE A 1 184 ? -12.412 -0.522  -7.503  1.00 36.08 ? 183 ILE A CG1 1 
ATOM   1388 C  CG2 . ILE A 1 184 ? -11.624 -0.214  -5.113  1.00 43.54 ? 183 ILE A CG2 1 
ATOM   1389 C  CD1 . ILE A 1 184 ? -11.084 -0.144  -8.091  1.00 37.14 ? 183 ILE A CD1 1 
ATOM   1390 O  OXT . ILE A 1 184 ? -15.844 -0.694  -7.177  1.00 43.02 ? 183 ILE A OXT 1 
HETATM 1391 ZN ZN  . ZN  B 2 .   ? 8.633   -1.315  7.519   1.00 17.46 ? 200 ZN  A ZN  1 
HETATM 1392 ZN ZN  . ZN  C 2 .   ? -10.363 -7.552  -10.765 1.00 21.34 ? 201 ZN  A ZN  1 
HETATM 1393 CL CL  . CL  D 3 .   ? -11.195 5.666   -17.264 1.00 49.66 ? 202 CL  A CL  1 
HETATM 1394 O  O   . HOH E 4 .   ? 1.770   6.764   22.353  1.00 17.43 ? 203 HOH A O   1 
HETATM 1395 O  O   . HOH E 4 .   ? -4.321  -3.595  -14.176 1.00 22.38 ? 204 HOH A O   1 
HETATM 1396 O  O   . HOH E 4 .   ? -8.854  0.274   -1.467  1.00 16.67 ? 205 HOH A O   1 
HETATM 1397 O  O   . HOH E 4 .   ? 16.157  -4.032  12.706  1.00 25.80 ? 206 HOH A O   1 
HETATM 1398 O  O   . HOH E 4 .   ? 2.947   -4.164  -6.354  1.00 21.70 ? 207 HOH A O   1 
HETATM 1399 O  O   . HOH E 4 .   ? -2.583  -10.831 1.833   1.00 19.26 ? 208 HOH A O   1 
HETATM 1400 O  O   . HOH E 4 .   ? -8.446  2.372   0.379   1.00 22.62 ? 209 HOH A O   1 
HETATM 1401 O  O   . HOH E 4 .   ? 5.814   6.444   10.981  1.00 17.17 ? 210 HOH A O   1 
HETATM 1402 O  O   . HOH E 4 .   ? 9.219   -4.575  -4.001  1.00 23.22 ? 211 HOH A O   1 
HETATM 1403 O  O   . HOH E 4 .   ? -2.194  4.910   -4.955  1.00 21.71 ? 212 HOH A O   1 
HETATM 1404 O  O   . HOH E 4 .   ? -6.860  -13.908 -1.584  1.00 26.61 ? 213 HOH A O   1 
HETATM 1405 O  O   . HOH E 4 .   ? 14.164  3.459   -2.942  1.00 34.78 ? 214 HOH A O   1 
HETATM 1406 O  O   . HOH E 4 .   ? 6.886   12.719  4.838   1.00 22.99 ? 215 HOH A O   1 
HETATM 1407 O  O   . HOH E 4 .   ? -9.316  -13.771 5.149   1.00 30.47 ? 216 HOH A O   1 
HETATM 1408 O  O   . HOH E 4 .   ? -6.466  -10.736 -10.658 1.00 22.61 ? 217 HOH A O   1 
HETATM 1409 O  O   . HOH E 4 .   ? 3.080   -0.335  13.303  1.00 24.45 ? 218 HOH A O   1 
HETATM 1410 O  O   . HOH E 4 .   ? 6.719   -4.666  -3.117  1.00 19.91 ? 219 HOH A O   1 
HETATM 1411 O  O   . HOH E 4 .   ? 1.458   -10.368 6.618   1.00 37.31 ? 220 HOH A O   1 
HETATM 1412 O  O   . HOH E 4 .   ? 12.865  -6.655  4.982   1.00 29.51 ? 221 HOH A O   1 
HETATM 1413 O  O   . HOH E 4 .   ? -10.529 8.489   9.446   1.00 42.68 ? 222 HOH A O   1 
HETATM 1414 O  O   . HOH E 4 .   ? -11.434 4.161   -8.325  1.00 28.95 ? 223 HOH A O   1 
HETATM 1415 O  O   . HOH E 4 .   ? -21.486 -0.465  -17.337 1.00 32.79 ? 224 HOH A O   1 
HETATM 1416 O  O   . HOH E 4 .   ? 5.385   0.402   19.398  1.00 26.43 ? 225 HOH A O   1 
HETATM 1417 O  O   . HOH E 4 .   ? -9.157  -6.266  7.027   1.00 25.78 ? 226 HOH A O   1 
HETATM 1418 O  O   . HOH E 4 .   ? 0.637   -2.454  13.224  1.00 26.93 ? 227 HOH A O   1 
HETATM 1419 O  O   . HOH E 4 .   ? 13.707  8.465   -2.730  1.00 40.39 ? 228 HOH A O   1 
HETATM 1420 O  O   . HOH E 4 .   ? 13.618  5.032   9.426   1.00 23.49 ? 229 HOH A O   1 
HETATM 1421 O  O   . HOH E 4 .   ? 18.100  -2.726  3.069   1.00 27.88 ? 230 HOH A O   1 
HETATM 1422 O  O   . HOH E 4 .   ? -4.547  -11.400 -17.644 1.00 34.93 ? 231 HOH A O   1 
HETATM 1423 O  O   . HOH E 4 .   ? 12.627  -6.962  17.335  1.00 28.06 ? 232 HOH A O   1 
HETATM 1424 O  O   . HOH E 4 .   ? 4.822   9.125   16.492  1.00 33.60 ? 233 HOH A O   1 
HETATM 1425 O  O   . HOH E 4 .   ? -2.378  2.958   -16.295 1.00 27.90 ? 234 HOH A O   1 
HETATM 1426 O  O   . HOH E 4 .   ? 19.922  7.411   11.676  1.00 34.82 ? 235 HOH A O   1 
HETATM 1427 O  O   . HOH E 4 .   ? 3.539   -7.978  -3.992  1.00 24.77 ? 236 HOH A O   1 
HETATM 1428 O  O   . HOH E 4 .   ? 0.261   0.307   25.182  1.00 42.28 ? 237 HOH A O   1 
HETATM 1429 O  O   . HOH E 4 .   ? 16.042  -5.068  -2.571  1.00 30.66 ? 238 HOH A O   1 
HETATM 1430 O  O   . HOH E 4 .   ? 3.256   -11.903 -3.735  1.00 37.30 ? 239 HOH A O   1 
HETATM 1431 O  O   . HOH E 4 .   ? -19.450 -2.923  -9.422  1.00 41.45 ? 240 HOH A O   1 
HETATM 1432 O  O   . HOH E 4 .   ? -9.920  8.121   6.536   1.00 58.73 ? 241 HOH A O   1 
HETATM 1433 O  O   . HOH E 4 .   ? -20.743 2.301   -18.835 1.00 33.93 ? 242 HOH A O   1 
HETATM 1434 O  O   . HOH E 4 .   ? 14.040  0.294   16.574  1.00 29.83 ? 243 HOH A O   1 
HETATM 1435 O  O   . HOH E 4 .   ? -11.626 -5.023  12.675  1.00 39.20 ? 244 HOH A O   1 
HETATM 1436 O  O   . HOH E 4 .   ? 11.255  3.516   17.752  1.00 34.20 ? 245 HOH A O   1 
HETATM 1437 O  O   . HOH E 4 .   ? 6.427   -7.374  21.191  1.00 39.56 ? 246 HOH A O   1 
HETATM 1438 O  O   . HOH E 4 .   ? 4.813   -5.634  -4.895  1.00 23.07 ? 247 HOH A O   1 
HETATM 1439 O  O   . HOH E 4 .   ? -4.086  -14.595 0.425   1.00 31.53 ? 248 HOH A O   1 
HETATM 1440 O  O   A HOH E 4 .   ? 10.579  2.238   -5.306  0.50 25.20 ? 249 HOH A O   1 
HETATM 1441 O  O   B HOH E 4 .   ? 11.271  3.444   -4.288  0.50 16.79 ? 249 HOH A O   1 
HETATM 1442 O  O   . HOH E 4 .   ? -0.772  17.546  -2.875  1.00 30.89 ? 250 HOH A O   1 
HETATM 1443 O  O   . HOH E 4 .   ? -1.721  -13.406 1.700   1.00 23.52 ? 251 HOH A O   1 
HETATM 1444 O  O   . HOH E 4 .   ? -12.166 -7.462  5.382   1.00 30.51 ? 252 HOH A O   1 
HETATM 1445 O  O   . HOH E 4 .   ? -12.233 -14.178 4.476   1.00 44.96 ? 253 HOH A O   1 
HETATM 1446 O  O   . HOH E 4 .   ? -13.110 -12.107 -19.923 1.00 28.50 ? 254 HOH A O   1 
HETATM 1447 O  O   . HOH E 4 .   ? -15.634 -4.404  1.404   1.00 37.88 ? 255 HOH A O   1 
HETATM 1448 O  O   . HOH E 4 .   ? -7.928  -16.586 6.309   1.00 54.94 ? 256 HOH A O   1 
HETATM 1449 O  O   . HOH E 4 .   ? 12.471  -4.212  24.916  1.00 28.06 ? 257 HOH A O   1 
HETATM 1450 O  O   . HOH E 4 .   ? 16.669  -3.292  21.711  1.00 38.28 ? 258 HOH A O   1 
HETATM 1451 O  O   . HOH E 4 .   ? -20.491 -4.960  -8.302  1.00 33.61 ? 259 HOH A O   1 
HETATM 1452 O  O   . HOH E 4 .   ? 12.926  -2.141  23.233  1.00 42.92 ? 260 HOH A O   1 
HETATM 1453 O  O   . HOH E 4 .   ? 6.166   -6.035  18.483  1.00 43.82 ? 261 HOH A O   1 
HETATM 1454 O  O   . HOH E 4 .   ? 0.003   -13.860 -0.326  1.00 33.54 ? 262 HOH A O   1 
HETATM 1455 O  O   . HOH E 4 .   ? -12.273 -16.033 -18.064 1.00 30.58 ? 263 HOH A O   1 
HETATM 1456 O  O   . HOH E 4 .   ? -3.263  13.241  5.727   1.00 46.86 ? 264 HOH A O   1 
HETATM 1457 O  O   . HOH E 4 .   ? -1.163  -14.532 4.098   1.00 33.36 ? 265 HOH A O   1 
HETATM 1458 O  O   . HOH E 4 .   ? 6.011   -6.487  -7.319  1.00 30.18 ? 266 HOH A O   1 
HETATM 1459 O  O   . HOH E 4 .   ? 22.288  -1.727  12.325  1.00 41.58 ? 267 HOH A O   1 
HETATM 1460 O  O   . HOH E 4 .   ? -14.489 -1.820  0.950   1.00 49.31 ? 268 HOH A O   1 
HETATM 1461 O  O   . HOH E 4 .   ? 17.729  -2.328  0.404   1.00 49.18 ? 269 HOH A O   1 
HETATM 1462 O  O   . HOH E 4 .   ? -21.985 -2.950  -18.375 1.00 42.62 ? 270 HOH A O   1 
HETATM 1463 O  O   . HOH E 4 .   ? -11.520 -0.371  -1.426  1.00 35.44 ? 271 HOH A O   1 
HETATM 1464 O  O   . HOH E 4 .   ? 11.432  6.254   11.901  1.00 35.40 ? 272 HOH A O   1 
HETATM 1465 O  O   . HOH E 4 .   ? 15.376  7.328   2.307   1.00 43.73 ? 273 HOH A O   1 
HETATM 1466 O  O   . HOH E 4 .   ? 8.176   -4.585  5.254   1.00 34.31 ? 274 HOH A O   1 
HETATM 1467 O  O   . HOH E 4 .   ? -11.423 -7.853  10.266  1.00 30.21 ? 275 HOH A O   1 
HETATM 1468 O  O   . HOH E 4 .   ? 14.341  6.771   -4.391  1.00 45.12 ? 276 HOH A O   1 
HETATM 1469 O  O   . HOH E 4 .   ? -19.428 1.678   -21.002 1.00 33.00 ? 277 HOH A O   1 
HETATM 1470 O  O   . HOH E 4 .   ? 8.513   -7.137  -7.944  1.00 34.55 ? 278 HOH A O   1 
HETATM 1471 O  O   . HOH E 4 .   ? -14.653 6.258   -10.419 1.00 51.26 ? 279 HOH A O   1 
HETATM 1472 O  O   . HOH E 4 .   ? -8.378  -15.240 -13.284 1.00 37.47 ? 280 HOH A O   1 
HETATM 1473 O  O   . HOH E 4 .   ? 13.927  9.334   0.971   1.00 46.83 ? 281 HOH A O   1 
HETATM 1474 O  O   . HOH E 4 .   ? -11.047 2.943   1.224   1.00 31.39 ? 282 HOH A O   1 
HETATM 1475 O  O   . HOH E 4 .   ? -4.848  -12.401 9.286   1.00 32.36 ? 283 HOH A O   1 
HETATM 1476 O  O   . HOH E 4 .   ? -15.205 -6.211  3.750   1.00 36.42 ? 284 HOH A O   1 
HETATM 1477 O  O   . HOH E 4 .   ? -11.657 -15.571 -15.471 1.00 28.56 ? 285 HOH A O   1 
HETATM 1478 O  O   . HOH E 4 .   ? -10.544 -9.898  8.984   1.00 40.13 ? 286 HOH A O   1 
HETATM 1479 O  O   . HOH E 4 .   ? -0.290  16.640  9.331   1.00 36.05 ? 287 HOH A O   1 
HETATM 1480 O  O   . HOH E 4 .   ? -8.603  -5.513  -18.413 1.00 34.93 ? 288 HOH A O   1 
HETATM 1481 O  O   . HOH E 4 .   ? -12.663 -12.175 -8.598  1.00 44.09 ? 289 HOH A O   1 
HETATM 1482 O  O   . HOH E 4 .   ? -11.078 -5.519  8.714   1.00 30.01 ? 290 HOH A O   1 
HETATM 1483 O  O   . HOH E 4 .   ? -4.812  -13.938 -8.192  1.00 41.89 ? 291 HOH A O   1 
HETATM 1484 O  O   . HOH E 4 .   ? 11.524  12.414  -2.237  1.00 49.13 ? 292 HOH A O   1 
HETATM 1485 O  O   . HOH E 4 .   ? -17.528 -4.575  -0.681  1.00 45.44 ? 293 HOH A O   1 
HETATM 1486 O  O   . HOH E 4 .   ? 0.756   19.340  8.876   1.00 49.92 ? 294 HOH A O   1 
HETATM 1487 O  O   . HOH E 4 .   ? 15.779  -3.729  15.542  1.00 45.10 ? 295 HOH A O   1 
HETATM 1488 O  O   . HOH E 4 .   ? -5.458  0.104   20.047  1.00 40.82 ? 296 HOH A O   1 
HETATM 1489 O  O   . HOH E 4 .   ? -21.844 -8.720  -8.929  1.00 45.90 ? 297 HOH A O   1 
HETATM 1490 O  O   . HOH E 4 .   ? 6.634   1.697   17.796  1.00 26.25 ? 298 HOH A O   1 
HETATM 1491 O  O   . HOH E 4 .   ? -12.867 -1.676  13.351  1.00 48.60 ? 299 HOH A O   1 
HETATM 1492 O  O   . HOH E 4 .   ? 7.929   -4.045  18.111  1.00 53.43 ? 300 HOH A O   1 
HETATM 1493 O  O   . HOH E 4 .   ? 3.436   -1.713  -11.793 1.00 33.42 ? 301 HOH A O   1 
HETATM 1494 O  O   . HOH E 4 .   ? 4.576   0.643   -13.321 1.00 46.15 ? 302 HOH A O   1 
HETATM 1495 O  O   . HOH E 4 .   ? -6.028  -5.187  16.015  1.00 52.88 ? 303 HOH A O   1 
HETATM 1496 O  O   . HOH E 4 .   ? -14.768 -13.522 -9.281  1.00 35.99 ? 304 HOH A O   1 
HETATM 1497 O  O   . HOH E 4 .   ? -12.337 6.679   8.215   1.00 44.32 ? 305 HOH A O   1 
HETATM 1498 O  O   . HOH E 4 .   ? -9.103  -13.127 7.877   1.00 42.44 ? 306 HOH A O   1 
HETATM 1499 O  O   . HOH E 4 .   ? 11.802  14.506  -0.236  1.00 50.32 ? 307 HOH A O   1 
HETATM 1500 O  O   . HOH E 4 .   ? -11.830 -13.371 7.344   1.00 37.61 ? 308 HOH A O   1 
HETATM 1501 O  O   . HOH E 4 .   ? 7.309   -8.890  6.524   1.00 50.05 ? 309 HOH A O   1 
HETATM 1502 O  O   . HOH E 4 .   ? 9.745   -2.311  -10.842 1.00 49.96 ? 310 HOH A O   1 
HETATM 1503 O  O   . HOH E 4 .   ? 8.524   3.155   18.472  1.00 31.67 ? 311 HOH A O   1 
HETATM 1504 O  O   . HOH E 4 .   ? 12.119  2.211   20.327  1.00 42.12 ? 312 HOH A O   1 
HETATM 1505 O  O   . HOH E 4 .   ? -3.795  9.004   -5.732  1.00 37.69 ? 313 HOH A O   1 
HETATM 1506 O  O   . HOH E 4 .   ? -10.580 3.580   3.729   1.00 33.27 ? 314 HOH A O   1 
HETATM 1507 O  O   . HOH E 4 .   ? 11.576  -5.793  -7.279  1.00 50.47 ? 315 HOH A O   1 
HETATM 1508 O  O   . HOH E 4 .   ? -10.942 -4.713  15.258  1.00 61.60 ? 316 HOH A O   1 
HETATM 1509 O  O   . HOH E 4 .   ? 4.431   -6.797  23.123  1.00 44.68 ? 317 HOH A O   1 
HETATM 1510 O  O   . HOH E 4 .   ? -21.379 -4.845  -5.241  1.00 45.04 ? 318 HOH A O   1 
HETATM 1511 O  O   . HOH E 4 .   ? -14.192 -9.830  5.918   1.00 39.18 ? 319 HOH A O   1 
HETATM 1512 O  O   . HOH E 4 .   ? 17.607  -8.117  7.821   1.00 50.60 ? 320 HOH A O   1 
HETATM 1513 O  O   . HOH E 4 .   ? -7.234  5.777   -0.237  1.00 47.93 ? 321 HOH A O   1 
HETATM 1514 O  O   . HOH E 4 .   ? 13.334  3.147   -11.189 1.00 44.86 ? 322 HOH A O   1 
HETATM 1515 O  O   . HOH E 4 .   ? -5.754  6.120   -2.311  1.00 45.96 ? 323 HOH A O   1 
HETATM 1516 O  O   . HOH E 4 .   ? 9.852   -1.908  21.951  1.00 31.21 ? 324 HOH A O   1 
HETATM 1517 O  O   . HOH E 4 .   ? 5.179   -2.211  18.178  1.00 43.15 ? 325 HOH A O   1 
HETATM 1518 O  O   . HOH E 4 .   ? 9.893   2.235   -7.654  1.00 53.27 ? 326 HOH A O   1 
HETATM 1519 O  O   . HOH E 4 .   ? -3.191  -5.887  -14.695 1.00 40.00 ? 327 HOH A O   1 
HETATM 1520 O  O   . HOH E 4 .   ? -11.293 1.746   15.809  1.00 50.71 ? 328 HOH A O   1 
HETATM 1521 O  O   . HOH E 4 .   ? -7.913  -0.271  17.028  1.00 42.73 ? 329 HOH A O   1 
# 
